data_4HSO
#
_entry.id   4HSO
#
_cell.length_a   73.523
_cell.length_b   136.995
_cell.length_c   76.212
_cell.angle_alpha   90.000
_cell.angle_beta   96.630
_cell.angle_gamma   90.000
#
_symmetry.space_group_name_H-M   'P 1 21 1'
#
loop_
_entity.id
_entity.type
_entity.pdbx_description
1 polymer '3-deoxy-D-arabino-heptulosonate 7-phosphate synthase'
2 non-polymer TYROSINE
3 non-polymer PHOSPHOENOLPYRUVATE
4 non-polymer 'MANGANESE (II) ION'
5 water water
#
_entity_poly.entity_id   1
_entity_poly.type   'polypeptide(L)'
_entity_poly.pdbx_seq_one_letter_code
;MTHHYPTDDIKIKEVKELLPPIAHLYELPISKEASGLVHRTRQEISDLVHGRDKRLLVIIGPCSIHDPKAALEYAERLLK
LRKQYENELLIVMRVYFEKPRTTVGWKGLINDPHLDGTFDINFGLRQARSLLLSLNNMGMPASTEFLDMITPQYYADLIS
WGAIGARTTESQVHRELASGLSCPVGFKNGTDGNLKIAIDAIGAASHSHHFLGVTKAGHSAIVHTGGNPDCHVILRGGKE
PNYDAEHVSEAAEQLRAAGVTDKLMIDCSHANSRKDYTRQMEVAQDIAAQLEQDGGNIMGVMVESHLVEGRQDKPEVYGK
SITDACIGWGATEELLALLAGANKKRMARAS
;
_entity_poly.pdbx_strand_id   A,B,C,D
#
# COMPACT_ATOMS: atom_id res chain seq x y z
N PRO A 6 -8.75 -25.43 -5.59
CA PRO A 6 -9.15 -24.07 -6.00
C PRO A 6 -10.31 -23.55 -5.09
N THR A 7 -10.00 -22.59 -4.21
CA THR A 7 -10.92 -22.18 -3.12
C THR A 7 -10.93 -20.67 -2.77
N ASP A 8 -10.24 -19.89 -3.56
CA ASP A 8 -10.02 -18.48 -3.26
C ASP A 8 -10.62 -17.49 -4.26
N ASP A 9 -11.33 -16.52 -3.72
CA ASP A 9 -11.82 -15.35 -4.43
C ASP A 9 -12.74 -15.68 -5.58
N ILE A 10 -13.46 -16.80 -5.49
CA ILE A 10 -14.20 -17.26 -6.64
C ILE A 10 -15.62 -16.78 -6.83
N LYS A 11 -16.14 -16.00 -5.89
CA LYS A 11 -17.39 -15.29 -6.07
C LYS A 11 -17.13 -13.80 -6.30
N ILE A 12 -15.90 -13.48 -6.66
CA ILE A 12 -15.43 -12.09 -6.92
C ILE A 12 -15.22 -11.91 -8.43
N LYS A 13 -16.00 -11.02 -9.05
CA LYS A 13 -15.92 -10.74 -10.50
C LYS A 13 -14.73 -9.88 -10.88
N GLU A 14 -14.39 -8.91 -10.05
CA GLU A 14 -13.22 -8.04 -10.27
C GLU A 14 -12.83 -7.26 -9.00
N VAL A 15 -11.55 -6.89 -8.89
CA VAL A 15 -11.08 -5.93 -7.89
C VAL A 15 -10.55 -4.72 -8.68
N LYS A 16 -11.09 -3.53 -8.37
CA LYS A 16 -10.79 -2.32 -9.14
C LYS A 16 -10.06 -1.24 -8.33
N GLU A 17 -9.45 -0.32 -9.06
CA GLU A 17 -8.57 0.68 -8.44
C GLU A 17 -9.39 1.62 -7.56
N LEU A 18 -8.86 1.99 -6.40
CA LEU A 18 -9.50 2.93 -5.51
C LEU A 18 -8.46 3.93 -5.09
N LEU A 19 -8.71 5.19 -5.35
CA LEU A 19 -7.82 6.24 -4.92
C LEU A 19 -7.88 6.27 -3.39
N PRO A 20 -6.73 6.45 -2.73
CA PRO A 20 -6.77 6.56 -1.27
C PRO A 20 -7.27 7.92 -0.80
N PRO A 21 -7.69 8.04 0.48
CA PRO A 21 -8.12 9.30 1.06
C PRO A 21 -7.18 10.44 0.84
N ILE A 22 -5.91 10.21 1.02
CA ILE A 22 -4.94 11.31 0.76
C ILE A 22 -5.05 11.96 -0.61
N ALA A 23 -5.51 11.25 -1.64
CA ALA A 23 -5.59 11.88 -2.99
C ALA A 23 -6.70 12.92 -2.94
N HIS A 24 -7.80 12.56 -2.29
CA HIS A 24 -8.92 13.50 -2.17
C HIS A 24 -8.59 14.60 -1.21
N LEU A 25 -7.93 14.29 -0.09
CA LEU A 25 -7.53 15.36 0.85
C LEU A 25 -6.56 16.37 0.26
N TYR A 26 -5.68 15.92 -0.64
CA TYR A 26 -4.79 16.84 -1.35
C TYR A 26 -5.52 17.83 -2.29
N GLU A 27 -6.50 17.36 -3.04
CA GLU A 27 -7.31 18.22 -3.90
C GLU A 27 -8.24 19.11 -3.09
N LEU A 28 -8.75 18.59 -1.99
CA LEU A 28 -9.81 19.30 -1.30
C LEU A 28 -9.46 19.39 0.16
N PRO A 29 -8.40 20.15 0.47
CA PRO A 29 -7.98 20.19 1.87
C PRO A 29 -9.01 20.90 2.69
N ILE A 30 -9.11 20.54 3.98
CA ILE A 30 -10.09 21.23 4.84
C ILE A 30 -9.60 22.63 5.04
N SER A 31 -10.49 23.61 4.90
CA SER A 31 -10.10 25.00 5.10
C SER A 31 -10.11 25.34 6.61
N LYS A 32 -9.48 26.46 6.96
CA LYS A 32 -9.46 26.93 8.34
C LYS A 32 -10.87 27.23 8.84
N GLU A 33 -11.74 27.77 7.99
CA GLU A 33 -13.11 28.05 8.42
C GLU A 33 -13.94 26.75 8.59
N ALA A 34 -13.81 25.81 7.67
CA ALA A 34 -14.47 24.50 7.82
C ALA A 34 -13.96 23.78 9.09
N SER A 35 -12.65 23.83 9.29
CA SER A 35 -12.07 23.24 10.52
C SER A 35 -12.74 23.79 11.77
N GLY A 36 -12.79 25.13 11.82
CA GLY A 36 -13.35 25.81 12.97
C GLY A 36 -14.80 25.47 13.21
N LEU A 37 -15.59 25.47 12.14
CA LEU A 37 -17.00 25.13 12.25
C LEU A 37 -17.23 23.67 12.74
N VAL A 38 -16.52 22.72 12.14
CA VAL A 38 -16.66 21.36 12.54
C VAL A 38 -16.30 21.21 14.05
N HIS A 39 -15.16 21.76 14.43
CA HIS A 39 -14.65 21.62 15.81
C HIS A 39 -15.66 22.20 16.81
N ARG A 40 -16.15 23.38 16.50
CA ARG A 40 -17.07 24.06 17.38
C ARG A 40 -18.41 23.32 17.48
N THR A 41 -18.94 22.89 16.35
CA THR A 41 -20.26 22.24 16.30
C THR A 41 -20.23 20.89 17.03
N ARG A 42 -19.15 20.16 16.85
CA ARG A 42 -18.96 18.93 17.60
C ARG A 42 -19.03 19.23 19.12
N GLN A 43 -18.35 20.31 19.53
CA GLN A 43 -18.40 20.73 20.94
C GLN A 43 -19.81 21.08 21.42
N GLU A 44 -20.51 21.87 20.61
CA GLU A 44 -21.85 22.34 20.96
C GLU A 44 -22.79 21.16 21.06
N ILE A 45 -22.61 20.14 20.20
CA ILE A 45 -23.44 18.95 20.26
C ILE A 45 -23.14 18.16 21.54
N SER A 46 -21.88 18.06 21.85
CA SER A 46 -21.46 17.39 23.04
C SER A 46 -22.18 17.98 24.20
N ASP A 47 -22.21 19.30 24.24
CA ASP A 47 -22.89 19.97 25.31
C ASP A 47 -24.38 19.59 25.40
N LEU A 48 -25.00 19.33 24.27
CA LEU A 48 -26.42 18.98 24.30
C LEU A 48 -26.58 17.57 24.77
N VAL A 49 -25.68 16.71 24.34
CA VAL A 49 -25.71 15.31 24.76
C VAL A 49 -25.57 15.12 26.27
N HIS A 50 -24.80 15.98 26.93
CA HIS A 50 -24.56 15.81 28.37
C HIS A 50 -25.36 16.80 29.23
N GLY A 51 -26.34 17.47 28.62
CA GLY A 51 -27.29 18.32 29.38
C GLY A 51 -26.70 19.65 29.87
N ARG A 52 -25.63 20.10 29.24
CA ARG A 52 -25.05 21.36 29.61
C ARG A 52 -25.72 22.52 28.93
N ASP A 53 -26.41 22.25 27.84
CA ASP A 53 -27.07 23.30 27.06
C ASP A 53 -28.40 22.73 26.65
N LYS A 54 -29.41 23.59 26.55
CA LYS A 54 -30.77 23.11 26.34
C LYS A 54 -31.33 23.50 24.97
N ARG A 55 -30.47 23.96 24.07
CA ARG A 55 -30.88 24.13 22.70
C ARG A 55 -31.22 22.76 22.15
N LEU A 56 -31.99 22.71 21.10
CA LEU A 56 -32.40 21.45 20.50
C LEU A 56 -31.56 21.20 19.24
N LEU A 57 -30.80 20.10 19.20
CA LEU A 57 -30.09 19.71 17.97
C LEU A 57 -31.13 19.32 16.91
N VAL A 58 -31.05 19.89 15.70
CA VAL A 58 -32.01 19.51 14.66
C VAL A 58 -31.29 19.03 13.42
N ILE A 59 -31.42 17.73 13.18
CA ILE A 59 -30.74 17.08 12.07
C ILE A 59 -31.79 17.03 10.99
N ILE A 60 -31.63 17.89 9.99
CA ILE A 60 -32.66 18.06 9.02
C ILE A 60 -32.14 18.16 7.60
N GLY A 61 -32.86 17.55 6.69
CA GLY A 61 -32.49 17.59 5.28
C GLY A 61 -32.96 16.35 4.53
N PRO A 62 -32.47 16.15 3.31
CA PRO A 62 -32.92 15.05 2.47
C PRO A 62 -32.67 13.67 3.05
N CYS A 63 -33.52 12.73 2.70
CA CYS A 63 -33.30 11.37 3.03
C CYS A 63 -31.88 11.03 2.48
N SER A 64 -31.68 11.32 1.21
CA SER A 64 -30.41 11.05 0.54
C SER A 64 -30.03 12.18 -0.34
N ILE A 65 -28.73 12.35 -0.51
CA ILE A 65 -28.23 13.33 -1.51
C ILE A 65 -28.05 12.62 -2.82
N HIS A 66 -28.75 13.05 -3.86
CA HIS A 66 -28.50 12.59 -5.20
C HIS A 66 -28.10 13.69 -6.23
N ASP A 67 -28.10 14.94 -5.81
CA ASP A 67 -27.80 16.07 -6.61
C ASP A 67 -27.16 17.15 -5.77
N PRO A 68 -25.86 17.29 -5.92
CA PRO A 68 -25.17 18.31 -5.13
C PRO A 68 -25.64 19.74 -5.32
N LYS A 69 -26.19 20.07 -6.48
CA LYS A 69 -26.61 21.46 -6.77
C LYS A 69 -27.83 21.83 -5.95
N ALA A 70 -28.83 20.99 -5.98
CA ALA A 70 -30.01 21.15 -5.14
C ALA A 70 -29.63 21.13 -3.67
N ALA A 71 -28.68 20.28 -3.29
CA ALA A 71 -28.26 20.23 -1.92
C ALA A 71 -27.71 21.57 -1.49
N LEU A 72 -26.94 22.23 -2.38
CA LEU A 72 -26.36 23.51 -2.00
C LEU A 72 -27.43 24.62 -1.92
N GLU A 73 -28.39 24.57 -2.82
CA GLU A 73 -29.55 25.51 -2.75
C GLU A 73 -30.34 25.33 -1.46
N TYR A 74 -30.64 24.08 -1.13
CA TYR A 74 -31.33 23.74 0.13
C TYR A 74 -30.52 24.27 1.33
N ALA A 75 -29.23 24.03 1.29
CA ALA A 75 -28.36 24.49 2.35
C ALA A 75 -28.40 26.03 2.52
N GLU A 76 -28.44 26.77 1.39
CA GLU A 76 -28.47 28.25 1.47
C GLU A 76 -29.76 28.70 2.20
N ARG A 77 -30.89 28.12 1.84
CA ARG A 77 -32.14 28.47 2.59
C ARG A 77 -32.04 28.07 4.09
N LEU A 78 -31.48 26.90 4.37
CA LEU A 78 -31.47 26.37 5.72
C LEU A 78 -30.57 27.23 6.56
N LEU A 79 -29.49 27.71 5.97
CA LEU A 79 -28.53 28.54 6.69
C LEU A 79 -29.19 29.81 7.28
N LYS A 80 -30.16 30.37 6.59
CA LYS A 80 -30.87 31.55 7.12
C LYS A 80 -31.64 31.22 8.39
N LEU A 81 -32.26 30.04 8.42
CA LEU A 81 -33.01 29.60 9.58
C LEU A 81 -32.09 29.14 10.70
N ARG A 82 -30.99 28.45 10.39
CA ARG A 82 -29.93 28.11 11.38
C ARG A 82 -29.48 29.35 12.14
N LYS A 83 -29.24 30.46 11.42
CA LYS A 83 -28.86 31.73 12.01
C LYS A 83 -30.04 32.32 12.80
N GLN A 84 -31.20 32.44 12.18
CA GLN A 84 -32.35 33.00 12.88
C GLN A 84 -32.60 32.29 14.22
N TYR A 85 -32.55 30.96 14.27
CA TYR A 85 -32.99 30.23 15.45
C TYR A 85 -31.86 29.82 16.38
N GLU A 86 -30.69 30.41 16.17
CA GLU A 86 -29.46 29.90 16.82
C GLU A 86 -29.48 29.91 18.36
N ASN A 87 -30.39 30.67 18.97
CA ASN A 87 -30.46 30.66 20.42
C ASN A 87 -31.33 29.52 20.91
N GLU A 88 -32.17 28.97 20.04
CA GLU A 88 -33.13 27.90 20.41
C GLU A 88 -32.82 26.54 19.80
N LEU A 89 -32.23 26.56 18.60
CA LEU A 89 -31.97 25.36 17.81
C LEU A 89 -30.53 25.37 17.33
N LEU A 90 -29.93 24.18 17.29
CA LEU A 90 -28.68 24.01 16.62
C LEU A 90 -28.99 23.21 15.37
N ILE A 91 -29.02 23.87 14.22
CA ILE A 91 -29.42 23.23 12.99
C ILE A 91 -28.21 22.69 12.21
N VAL A 92 -28.31 21.46 11.80
CA VAL A 92 -27.24 20.81 11.06
C VAL A 92 -27.92 20.08 9.95
N MET A 93 -27.37 20.14 8.73
CA MET A 93 -28.02 19.54 7.59
C MET A 93 -27.76 18.04 7.49
N ARG A 94 -28.78 17.29 7.08
CA ARG A 94 -28.63 15.88 6.74
C ARG A 94 -27.94 15.82 5.36
N VAL A 95 -26.76 15.22 5.32
CA VAL A 95 -25.98 15.00 4.09
C VAL A 95 -25.60 13.52 4.05
N TYR A 96 -26.59 12.69 3.75
CA TYR A 96 -26.50 11.25 3.72
C TYR A 96 -26.15 10.75 2.31
N PHE A 97 -24.95 10.17 2.23
CA PHE A 97 -24.40 9.66 1.01
C PHE A 97 -24.45 8.15 0.96
N GLU A 98 -24.69 7.48 2.09
CA GLU A 98 -24.81 6.01 2.16
C GLU A 98 -26.18 5.55 2.71
N LYS A 99 -26.91 4.77 1.92
CA LYS A 99 -28.27 4.37 2.20
C LYS A 99 -28.45 2.83 2.30
N PRO A 100 -29.02 2.36 3.42
CA PRO A 100 -29.16 0.92 3.59
C PRO A 100 -30.50 0.46 3.04
N ARG A 101 -30.49 -0.47 2.09
CA ARG A 101 -31.72 -0.99 1.53
C ARG A 101 -32.15 -2.23 2.26
N THR A 102 -33.45 -2.49 2.12
CA THR A 102 -34.11 -3.61 2.74
C THR A 102 -33.62 -4.92 2.14
N THR A 103 -33.48 -4.94 0.81
CA THR A 103 -32.83 -6.03 0.13
C THR A 103 -31.73 -5.36 -0.73
N VAL A 104 -32.09 -4.90 -1.93
CA VAL A 104 -31.17 -4.21 -2.84
C VAL A 104 -31.80 -2.93 -3.38
N GLY A 105 -30.93 -2.09 -3.94
CA GLY A 105 -31.31 -0.78 -4.49
C GLY A 105 -30.11 0.13 -4.51
N TRP A 106 -30.32 1.32 -5.08
CA TRP A 106 -29.32 2.39 -5.12
C TRP A 106 -28.82 2.61 -3.71
N LYS A 107 -27.50 2.52 -3.51
CA LYS A 107 -26.94 2.67 -2.13
C LYS A 107 -26.50 4.11 -1.83
N GLY A 108 -26.63 4.99 -2.83
CA GLY A 108 -26.31 6.38 -2.62
C GLY A 108 -25.30 6.94 -3.58
N LEU A 109 -24.95 8.18 -3.31
CA LEU A 109 -24.16 8.96 -4.27
C LEU A 109 -22.72 8.41 -4.32
N ILE A 110 -22.22 7.92 -3.20
CA ILE A 110 -20.88 7.49 -3.17
C ILE A 110 -20.82 6.25 -4.05
N ASN A 111 -21.64 5.28 -3.69
CA ASN A 111 -21.63 4.01 -4.35
C ASN A 111 -21.94 4.09 -5.82
N ASP A 112 -22.75 5.06 -6.26
CA ASP A 112 -23.18 5.13 -7.69
C ASP A 112 -23.58 6.52 -8.10
N PRO A 113 -22.61 7.45 -8.09
CA PRO A 113 -22.95 8.87 -8.32
C PRO A 113 -23.68 9.21 -9.63
N HIS A 114 -23.49 8.43 -10.71
CA HIS A 114 -24.20 8.69 -11.95
C HIS A 114 -25.65 8.09 -12.00
N LEU A 115 -26.11 7.48 -10.92
CA LEU A 115 -27.50 6.96 -10.80
C LEU A 115 -27.95 5.89 -11.84
N ASP A 116 -26.97 5.24 -12.46
CA ASP A 116 -27.16 4.43 -13.65
C ASP A 116 -26.44 3.10 -13.54
N GLY A 117 -26.05 2.68 -12.33
CA GLY A 117 -25.40 1.37 -12.17
C GLY A 117 -23.98 1.27 -12.67
N THR A 118 -23.20 2.34 -12.56
CA THR A 118 -21.83 2.32 -13.03
C THR A 118 -20.84 2.31 -11.85
N PHE A 119 -21.37 2.51 -10.67
CA PHE A 119 -20.55 2.31 -9.50
C PHE A 119 -19.23 3.03 -9.59
N ASP A 120 -19.27 4.28 -10.01
CA ASP A 120 -18.06 5.12 -10.10
C ASP A 120 -17.66 5.68 -8.74
N ILE A 121 -17.13 4.82 -7.86
CA ILE A 121 -16.90 5.19 -6.45
C ILE A 121 -15.82 6.27 -6.26
N ASN A 122 -14.77 6.25 -7.10
CA ASN A 122 -13.81 7.32 -7.05
C ASN A 122 -14.46 8.70 -7.25
N PHE A 123 -15.28 8.83 -8.29
CA PHE A 123 -15.97 10.05 -8.58
C PHE A 123 -16.94 10.38 -7.42
N GLY A 124 -17.61 9.35 -6.90
CA GLY A 124 -18.59 9.57 -5.80
C GLY A 124 -17.99 10.07 -4.53
N LEU A 125 -16.82 9.51 -4.16
CA LEU A 125 -16.14 10.03 -3.01
C LEU A 125 -15.68 11.45 -3.20
N ARG A 126 -15.16 11.74 -4.41
CA ARG A 126 -14.73 13.08 -4.73
C ARG A 126 -15.87 14.07 -4.61
N GLN A 127 -16.99 13.72 -5.23
CA GLN A 127 -18.18 14.55 -5.20
C GLN A 127 -18.70 14.77 -3.77
N ALA A 128 -18.75 13.70 -3.02
CA ALA A 128 -19.16 13.81 -1.62
C ALA A 128 -18.31 14.78 -0.85
N ARG A 129 -16.97 14.65 -0.97
CA ARG A 129 -16.08 15.48 -0.22
C ARG A 129 -16.24 16.94 -0.65
N SER A 130 -16.39 17.17 -1.94
CA SER A 130 -16.52 18.53 -2.46
C SER A 130 -17.82 19.23 -1.94
N LEU A 131 -18.92 18.48 -1.95
CA LEU A 131 -20.16 19.01 -1.38
C LEU A 131 -20.01 19.30 0.13
N LEU A 132 -19.42 18.38 0.87
CA LEU A 132 -19.21 18.62 2.32
C LEU A 132 -18.36 19.89 2.60
N LEU A 133 -17.27 20.03 1.86
CA LEU A 133 -16.40 21.15 2.04
C LEU A 133 -17.10 22.45 1.68
N SER A 134 -17.85 22.50 0.59
CA SER A 134 -18.61 23.73 0.29
C SER A 134 -19.64 24.05 1.40
N LEU A 135 -20.35 23.02 1.83
CA LEU A 135 -21.36 23.20 2.86
C LEU A 135 -20.73 23.85 4.09
N ASN A 136 -19.65 23.27 4.59
CA ASN A 136 -19.01 23.81 5.76
C ASN A 136 -18.43 25.21 5.46
N ASN A 137 -17.94 25.45 4.25
CA ASN A 137 -17.39 26.77 3.95
C ASN A 137 -18.43 27.89 3.98
N MET A 138 -19.67 27.59 3.61
CA MET A 138 -20.75 28.56 3.63
C MET A 138 -21.37 28.69 5.04
N GLY A 139 -20.95 27.88 6.00
CA GLY A 139 -21.46 27.99 7.38
C GLY A 139 -22.45 26.91 7.78
N MET A 140 -22.76 25.97 6.88
CA MET A 140 -23.69 24.89 7.22
C MET A 140 -22.94 23.63 7.64
N PRO A 141 -23.05 23.26 8.92
CA PRO A 141 -22.45 21.96 9.30
C PRO A 141 -23.24 20.80 8.75
N ALA A 142 -22.58 19.64 8.72
CA ALA A 142 -23.13 18.46 8.07
C ALA A 142 -23.11 17.21 8.93
N SER A 143 -24.11 16.36 8.68
CA SER A 143 -24.27 15.11 9.36
C SER A 143 -24.42 14.03 8.29
N THR A 144 -24.10 12.79 8.62
CA THR A 144 -24.29 11.70 7.68
C THR A 144 -24.37 10.39 8.40
N GLU A 145 -24.86 9.36 7.73
CA GLU A 145 -24.84 8.03 8.29
C GLU A 145 -23.60 7.35 7.87
N PHE A 146 -22.86 6.84 8.84
CA PHE A 146 -21.68 6.04 8.52
C PHE A 146 -22.07 4.58 8.43
N LEU A 147 -22.08 4.09 7.21
CA LEU A 147 -22.53 2.77 6.91
C LEU A 147 -21.36 1.81 6.65
N ASP A 148 -20.39 2.31 5.90
CA ASP A 148 -19.23 1.56 5.51
C ASP A 148 -18.06 1.80 6.49
N MET A 149 -17.14 0.86 6.62
CA MET A 149 -15.95 1.06 7.47
C MET A 149 -14.84 1.93 6.83
N ILE A 150 -14.79 2.02 5.51
CA ILE A 150 -13.62 2.58 4.77
C ILE A 150 -13.90 4.01 4.32
N THR A 151 -15.14 4.26 3.86
CA THR A 151 -15.51 5.60 3.41
C THR A 151 -15.29 6.74 4.37
N PRO A 152 -15.52 6.56 5.67
CA PRO A 152 -15.25 7.69 6.58
C PRO A 152 -13.86 8.34 6.47
N GLN A 153 -12.83 7.60 6.12
CA GLN A 153 -11.51 8.20 6.06
C GLN A 153 -11.46 9.32 4.98
N TYR A 154 -12.41 9.27 4.04
CA TYR A 154 -12.42 10.24 2.93
C TYR A 154 -13.10 11.57 3.28
N TYR A 155 -13.93 11.60 4.32
CA TYR A 155 -14.61 12.87 4.67
C TYR A 155 -15.12 13.03 6.10
N ALA A 156 -14.79 12.12 7.03
CA ALA A 156 -15.27 12.29 8.44
C ALA A 156 -14.80 13.62 9.02
N ASP A 157 -13.65 14.10 8.54
CA ASP A 157 -13.13 15.42 9.03
C ASP A 157 -14.09 16.58 8.77
N LEU A 158 -15.06 16.37 7.90
CA LEU A 158 -16.03 17.40 7.57
C LEU A 158 -17.44 17.21 8.23
N ILE A 159 -17.57 16.23 9.11
CA ILE A 159 -18.84 15.82 9.63
C ILE A 159 -18.91 16.22 11.11
N SER A 160 -20.00 16.87 11.48
CA SER A 160 -20.22 17.37 12.84
C SER A 160 -21.04 16.41 13.70
N TRP A 161 -21.80 15.51 13.06
CA TRP A 161 -22.57 14.54 13.73
C TRP A 161 -22.81 13.34 12.85
N GLY A 162 -22.71 12.15 13.42
CA GLY A 162 -22.91 10.92 12.68
C GLY A 162 -24.00 10.04 13.26
N ALA A 163 -24.67 9.29 12.39
CA ALA A 163 -25.69 8.39 12.79
C ALA A 163 -25.24 7.01 12.42
N ILE A 164 -25.58 6.08 13.29
CA ILE A 164 -25.41 4.61 12.94
C ILE A 164 -26.83 4.12 12.82
N GLY A 165 -27.19 3.62 11.67
CA GLY A 165 -28.53 3.27 11.36
C GLY A 165 -29.11 2.14 12.20
N ALA A 166 -30.42 2.03 12.18
CA ALA A 166 -31.17 1.01 12.88
C ALA A 166 -30.71 -0.38 12.53
N ARG A 167 -30.29 -0.56 11.30
CA ARG A 167 -29.90 -1.82 10.79
C ARG A 167 -28.51 -2.26 11.21
N THR A 168 -27.76 -1.40 11.86
CA THR A 168 -26.35 -1.60 12.17
C THR A 168 -25.97 -1.19 13.59
N THR A 169 -26.92 -0.70 14.37
CA THR A 169 -26.65 -0.33 15.76
C THR A 169 -26.14 -1.54 16.55
N GLU A 170 -26.64 -2.72 16.21
CA GLU A 170 -26.31 -3.96 16.93
C GLU A 170 -25.01 -4.56 16.49
N SER A 171 -24.46 -4.08 15.37
CA SER A 171 -23.19 -4.61 14.80
C SER A 171 -21.94 -4.14 15.53
N GLN A 172 -21.13 -5.09 15.99
CA GLN A 172 -19.91 -4.78 16.69
C GLN A 172 -18.96 -3.88 15.92
N VAL A 173 -18.82 -4.05 14.60
CA VAL A 173 -17.84 -3.28 13.86
C VAL A 173 -18.33 -1.87 13.67
N HIS A 174 -19.63 -1.64 13.72
CA HIS A 174 -20.13 -0.32 13.65
C HIS A 174 -19.96 0.36 14.99
N ARG A 175 -20.09 -0.39 16.05
CA ARG A 175 -19.82 0.18 17.38
C ARG A 175 -18.35 0.51 17.53
N GLU A 176 -17.49 -0.32 16.96
CA GLU A 176 -16.05 -0.04 16.97
C GLU A 176 -15.71 1.20 16.20
N LEU A 177 -16.30 1.34 15.01
CA LEU A 177 -16.09 2.52 14.18
C LEU A 177 -16.48 3.77 14.96
N ALA A 178 -17.67 3.72 15.58
CA ALA A 178 -18.17 4.87 16.35
C ALA A 178 -17.21 5.22 17.46
N SER A 179 -16.62 4.21 18.09
CA SER A 179 -15.69 4.45 19.23
C SER A 179 -14.49 5.26 18.79
N GLY A 180 -14.28 5.40 17.48
CA GLY A 180 -13.14 6.11 16.96
C GLY A 180 -13.49 7.31 16.10
N LEU A 181 -14.76 7.69 16.05
CA LEU A 181 -15.14 8.83 15.23
C LEU A 181 -14.95 10.09 16.03
N SER A 182 -14.51 11.12 15.36
CA SER A 182 -14.21 12.36 16.06
C SER A 182 -15.48 13.13 16.35
N CYS A 183 -16.59 12.75 15.75
CA CYS A 183 -17.83 13.44 16.01
C CYS A 183 -18.70 12.69 17.05
N PRO A 184 -19.61 13.37 17.74
CA PRO A 184 -20.75 12.71 18.38
C PRO A 184 -21.50 11.78 17.45
N VAL A 185 -22.04 10.71 17.99
CA VAL A 185 -22.76 9.70 17.23
C VAL A 185 -24.08 9.36 17.90
N GLY A 186 -25.14 9.37 17.12
CA GLY A 186 -26.41 8.83 17.57
C GLY A 186 -26.64 7.40 17.05
N PHE A 187 -27.18 6.56 17.90
CA PHE A 187 -27.51 5.18 17.59
C PHE A 187 -28.99 4.97 17.60
N LYS A 188 -29.52 4.49 16.49
CA LYS A 188 -30.98 4.33 16.35
C LYS A 188 -31.39 3.06 16.99
N ASN A 189 -32.62 3.04 17.53
CA ASN A 189 -33.23 1.84 17.96
C ASN A 189 -33.53 0.89 16.76
N GLY A 190 -33.66 -0.41 17.04
CA GLY A 190 -33.76 -1.42 16.00
C GLY A 190 -35.04 -1.21 15.16
N THR A 191 -35.05 -1.82 13.98
CA THR A 191 -36.16 -1.65 13.07
C THR A 191 -37.49 -2.16 13.63
N ASP A 192 -37.47 -3.08 14.60
CA ASP A 192 -38.74 -3.50 15.25
C ASP A 192 -38.99 -2.89 16.64
N GLY A 193 -38.14 -1.97 17.08
CA GLY A 193 -38.41 -1.09 18.21
C GLY A 193 -37.46 -1.33 19.35
N ASN A 194 -36.51 -2.24 19.17
CA ASN A 194 -35.62 -2.60 20.28
C ASN A 194 -34.71 -1.44 20.62
N LEU A 195 -34.80 -1.01 21.88
CA LEU A 195 -34.04 0.13 22.38
C LEU A 195 -32.74 -0.28 23.06
N LYS A 196 -32.69 -1.50 23.60
CA LYS A 196 -31.59 -1.98 24.39
C LYS A 196 -30.30 -2.06 23.55
N ILE A 197 -30.46 -2.39 22.26
CA ILE A 197 -29.30 -2.40 21.36
C ILE A 197 -28.64 -1.05 21.21
N ALA A 198 -29.42 0.02 21.30
CA ALA A 198 -28.86 1.35 21.14
C ALA A 198 -28.17 1.82 22.45
N ILE A 199 -28.71 1.39 23.57
CA ILE A 199 -28.13 1.66 24.87
C ILE A 199 -26.84 0.88 25.06
N ASP A 200 -26.86 -0.42 24.75
CA ASP A 200 -25.63 -1.20 24.66
C ASP A 200 -24.55 -0.55 23.74
N ALA A 201 -24.97 -0.13 22.55
CA ALA A 201 -24.04 0.53 21.59
C ALA A 201 -23.34 1.74 22.18
N ILE A 202 -24.07 2.60 22.86
CA ILE A 202 -23.43 3.72 23.52
C ILE A 202 -22.37 3.22 24.51
N GLY A 203 -22.74 2.21 25.30
CA GLY A 203 -21.78 1.53 26.21
C GLY A 203 -20.54 1.09 25.46
N ALA A 204 -20.72 0.30 24.40
CA ALA A 204 -19.57 -0.23 23.60
C ALA A 204 -18.72 0.87 23.00
N ALA A 205 -19.38 1.87 22.42
CA ALA A 205 -18.69 2.90 21.68
C ALA A 205 -17.94 3.87 22.56
N SER A 206 -18.30 3.95 23.84
CA SER A 206 -17.58 4.83 24.75
C SER A 206 -16.20 4.25 25.15
N HIS A 207 -15.99 2.95 24.91
CA HIS A 207 -14.73 2.31 25.31
C HIS A 207 -13.78 2.27 24.15
N SER A 208 -12.52 2.20 24.49
CA SER A 208 -11.46 1.92 23.55
C SER A 208 -11.62 0.55 22.86
N HIS A 209 -11.30 0.50 21.56
CA HIS A 209 -11.26 -0.74 20.79
C HIS A 209 -10.01 -0.88 19.91
N HIS A 210 -9.75 -2.12 19.52
CA HIS A 210 -8.73 -2.45 18.51
C HIS A 210 -9.49 -3.16 17.44
N PHE A 211 -9.35 -2.68 16.21
CA PHE A 211 -9.92 -3.36 15.07
C PHE A 211 -9.11 -3.05 13.81
N LEU A 212 -9.45 -3.72 12.74
CA LEU A 212 -8.74 -3.57 11.48
C LEU A 212 -9.39 -2.47 10.68
N GLY A 213 -8.61 -1.49 10.26
CA GLY A 213 -9.14 -0.35 9.51
C GLY A 213 -8.24 -0.06 8.33
N VAL A 214 -8.40 1.10 7.74
CA VAL A 214 -7.60 1.48 6.58
C VAL A 214 -7.08 2.86 6.84
N THR A 215 -5.78 3.03 6.57
CA THR A 215 -5.16 4.34 6.74
C THR A 215 -5.51 5.31 5.62
N LYS A 216 -5.16 6.57 5.82
CA LYS A 216 -5.40 7.60 4.82
C LYS A 216 -4.67 7.33 3.55
N ALA A 217 -3.67 6.49 3.61
CA ALA A 217 -2.90 6.19 2.44
C ALA A 217 -3.50 5.00 1.72
N GLY A 218 -4.58 4.45 2.25
CA GLY A 218 -5.22 3.32 1.62
C GLY A 218 -4.67 1.95 1.95
N HIS A 219 -4.05 1.79 3.14
CA HIS A 219 -3.49 0.52 3.54
C HIS A 219 -4.17 -0.01 4.83
N SER A 220 -4.39 -1.32 4.93
CA SER A 220 -5.06 -1.87 6.13
C SER A 220 -4.12 -1.76 7.27
N ALA A 221 -4.66 -1.56 8.45
CA ALA A 221 -3.85 -1.39 9.63
C ALA A 221 -4.67 -1.69 10.85
N ILE A 222 -4.01 -1.76 11.99
CA ILE A 222 -4.70 -1.96 13.25
C ILE A 222 -4.98 -0.59 13.82
N VAL A 223 -6.24 -0.27 14.07
CA VAL A 223 -6.54 1.00 14.63
C VAL A 223 -6.97 0.86 16.09
N HIS A 224 -6.36 1.65 16.93
CA HIS A 224 -6.61 1.64 18.37
C HIS A 224 -7.34 2.93 18.75
N THR A 225 -8.61 2.80 19.10
CA THR A 225 -9.46 3.96 19.40
C THR A 225 -9.44 4.28 20.89
N GLY A 226 -9.81 5.52 21.20
CA GLY A 226 -9.89 6.01 22.57
C GLY A 226 -11.27 6.06 23.14
N GLY A 227 -12.28 5.69 22.37
CA GLY A 227 -13.66 5.69 22.85
C GLY A 227 -14.33 7.02 22.53
N ASN A 228 -15.64 6.99 22.37
CA ASN A 228 -16.40 8.21 22.00
C ASN A 228 -17.36 8.57 23.14
N PRO A 229 -17.09 9.67 23.90
CA PRO A 229 -17.91 9.95 25.06
C PRO A 229 -19.24 10.60 24.74
N ASP A 230 -19.50 10.87 23.45
CA ASP A 230 -20.62 11.69 23.05
C ASP A 230 -21.61 10.97 22.18
N CYS A 231 -21.97 9.76 22.59
CA CYS A 231 -22.98 9.00 21.92
C CYS A 231 -24.30 9.11 22.64
N HIS A 232 -25.37 8.91 21.90
CA HIS A 232 -26.72 8.96 22.45
C HIS A 232 -27.57 8.08 21.59
N VAL A 233 -28.79 7.92 22.06
CA VAL A 233 -29.77 7.13 21.42
C VAL A 233 -30.63 8.02 20.47
N ILE A 234 -31.25 7.41 19.47
CA ILE A 234 -32.28 8.06 18.62
C ILE A 234 -33.48 7.15 18.53
N LEU A 235 -34.63 7.69 18.90
CA LEU A 235 -35.91 6.97 18.88
C LEU A 235 -36.52 7.21 17.52
N ARG A 236 -36.68 6.15 16.74
CA ARG A 236 -37.14 6.22 15.38
C ARG A 236 -38.28 5.30 15.04
N GLY A 237 -39.00 4.82 16.06
CA GLY A 237 -40.17 4.01 15.85
C GLY A 237 -39.77 2.52 15.76
N GLY A 238 -40.76 1.64 15.88
CA GLY A 238 -40.58 0.22 15.65
C GLY A 238 -41.81 -0.30 14.96
N LYS A 239 -42.37 -1.39 15.50
CA LYS A 239 -43.71 -1.85 15.12
C LYS A 239 -44.68 -0.71 15.42
N GLU A 240 -44.42 0.03 16.49
CA GLU A 240 -45.25 1.21 16.77
C GLU A 240 -44.34 2.41 16.94
N PRO A 241 -44.86 3.62 16.72
CA PRO A 241 -44.11 4.81 17.03
C PRO A 241 -43.66 4.88 18.48
N ASN A 242 -42.56 5.58 18.72
CA ASN A 242 -42.01 5.66 20.10
C ASN A 242 -41.52 7.02 20.43
N TYR A 243 -42.21 8.05 19.93
CA TYR A 243 -41.82 9.43 20.09
C TYR A 243 -42.45 10.09 21.32
N ASP A 244 -43.53 9.52 21.86
CA ASP A 244 -44.36 10.25 22.84
C ASP A 244 -43.68 10.32 24.21
N ALA A 245 -44.30 11.07 25.14
CA ALA A 245 -43.69 11.32 26.47
C ALA A 245 -43.43 10.06 27.28
N GLU A 246 -44.32 9.09 27.17
CA GLU A 246 -44.25 7.86 27.93
C GLU A 246 -43.05 7.00 27.44
N HIS A 247 -42.89 6.88 26.12
CA HIS A 247 -41.69 6.23 25.55
C HIS A 247 -40.40 6.96 25.89
N VAL A 248 -40.43 8.29 25.90
CA VAL A 248 -39.27 9.08 26.23
C VAL A 248 -38.85 8.80 27.66
N SER A 249 -39.83 8.81 28.55
CA SER A 249 -39.62 8.53 29.95
C SER A 249 -39.08 7.12 30.23
N GLU A 250 -39.65 6.12 29.58
CA GLU A 250 -39.16 4.74 29.71
C GLU A 250 -37.69 4.65 29.18
N ALA A 251 -37.43 5.27 28.03
CA ALA A 251 -36.07 5.26 27.47
C ALA A 251 -35.10 5.88 28.44
N ALA A 252 -35.48 7.01 29.05
CA ALA A 252 -34.59 7.76 29.98
C ALA A 252 -34.22 6.97 31.21
N GLU A 253 -35.24 6.31 31.75
CA GLU A 253 -35.03 5.45 32.89
C GLU A 253 -34.06 4.33 32.52
N GLN A 254 -34.28 3.69 31.35
CA GLN A 254 -33.35 2.63 30.91
C GLN A 254 -31.93 3.13 30.71
N LEU A 255 -31.79 4.39 30.30
CA LEU A 255 -30.47 4.96 30.00
C LEU A 255 -29.70 5.17 31.33
N ARG A 256 -30.40 5.78 32.30
CA ARG A 256 -29.87 5.96 33.64
C ARG A 256 -29.49 4.60 34.29
N ALA A 257 -30.30 3.59 34.10
CA ALA A 257 -29.98 2.25 34.64
C ALA A 257 -28.71 1.67 34.04
N ALA A 258 -28.39 2.05 32.80
CA ALA A 258 -27.16 1.60 32.18
C ALA A 258 -26.00 2.53 32.50
N GLY A 259 -26.26 3.65 33.15
CA GLY A 259 -25.18 4.60 33.49
C GLY A 259 -24.70 5.46 32.35
N VAL A 260 -25.57 5.67 31.36
CA VAL A 260 -25.23 6.49 30.22
C VAL A 260 -26.18 7.68 30.14
N THR A 261 -25.85 8.63 29.25
CA THR A 261 -26.58 9.86 29.15
C THR A 261 -28.04 9.57 28.87
N ASP A 262 -28.91 10.25 29.63
CA ASP A 262 -30.36 10.09 29.44
C ASP A 262 -31.00 11.16 28.55
N LYS A 263 -30.17 11.85 27.78
CA LYS A 263 -30.62 12.82 26.79
C LYS A 263 -30.63 12.15 25.43
N LEU A 264 -31.74 12.26 24.74
CA LEU A 264 -31.95 11.51 23.49
C LEU A 264 -32.50 12.35 22.33
N MET A 265 -32.48 11.76 21.13
CA MET A 265 -32.99 12.40 19.93
C MET A 265 -34.19 11.63 19.44
N ILE A 266 -35.13 12.32 18.82
CA ILE A 266 -36.35 11.71 18.32
C ILE A 266 -36.42 12.01 16.84
N ASP A 267 -36.63 10.98 16.05
CA ASP A 267 -36.71 11.07 14.63
C ASP A 267 -38.21 11.26 14.35
N CYS A 268 -38.55 12.27 13.56
CA CYS A 268 -39.94 12.53 13.18
C CYS A 268 -40.38 11.66 12.03
N SER A 269 -39.42 11.04 11.33
CA SER A 269 -39.69 10.36 10.07
C SER A 269 -39.63 8.83 10.23
N HIS A 270 -39.34 8.11 9.14
CA HIS A 270 -39.30 6.66 9.13
C HIS A 270 -40.47 6.01 10.00
N ALA A 271 -40.18 5.11 10.91
CA ALA A 271 -41.29 4.35 11.63
C ALA A 271 -42.08 5.20 12.61
N ASN A 272 -41.55 6.36 12.96
CA ASN A 272 -42.32 7.29 13.73
C ASN A 272 -43.45 7.98 12.96
N SER A 273 -43.33 8.10 11.64
CA SER A 273 -44.38 8.79 10.86
C SER A 273 -45.11 7.74 10.01
N ARG A 274 -44.77 6.46 10.21
CA ARG A 274 -45.26 5.34 9.40
C ARG A 274 -45.07 5.57 7.94
N LYS A 275 -43.93 6.12 7.59
CA LYS A 275 -43.57 6.36 6.19
C LYS A 275 -44.56 7.30 5.52
N ASP A 276 -45.19 8.18 6.31
CA ASP A 276 -46.06 9.20 5.76
C ASP A 276 -45.44 10.55 6.05
N TYR A 277 -44.89 11.19 5.02
CA TYR A 277 -44.10 12.37 5.26
C TYR A 277 -44.95 13.50 5.84
N THR A 278 -46.25 13.51 5.56
CA THR A 278 -47.11 14.54 6.10
C THR A 278 -47.24 14.44 7.64
N ARG A 279 -46.90 13.29 8.23
CA ARG A 279 -47.01 13.10 9.67
C ARG A 279 -45.82 13.60 10.46
N GLN A 280 -44.70 13.88 9.78
CA GLN A 280 -43.57 14.41 10.49
C GLN A 280 -43.95 15.67 11.27
N MET A 281 -44.85 16.49 10.72
CA MET A 281 -45.36 17.69 11.38
C MET A 281 -46.11 17.35 12.67
N GLU A 282 -46.90 16.29 12.62
CA GLU A 282 -47.60 15.78 13.84
C GLU A 282 -46.65 15.35 14.94
N VAL A 283 -45.59 14.62 14.57
CA VAL A 283 -44.61 14.19 15.54
C VAL A 283 -43.95 15.41 16.15
N ALA A 284 -43.57 16.36 15.30
CA ALA A 284 -42.91 17.56 15.77
C ALA A 284 -43.84 18.33 16.69
N GLN A 285 -45.13 18.33 16.36
CA GLN A 285 -46.14 18.96 17.26
C GLN A 285 -46.14 18.28 18.63
N ASP A 286 -46.13 16.95 18.63
CA ASP A 286 -46.09 16.23 19.91
C ASP A 286 -44.80 16.53 20.71
N ILE A 287 -43.67 16.65 20.03
CA ILE A 287 -42.44 17.05 20.68
C ILE A 287 -42.48 18.49 21.19
N ALA A 288 -43.07 19.39 20.42
CA ALA A 288 -43.30 20.76 20.88
C ALA A 288 -44.09 20.80 22.19
N ALA A 289 -45.17 20.04 22.22
CA ALA A 289 -45.97 19.88 23.46
C ALA A 289 -45.14 19.32 24.64
N GLN A 290 -44.28 18.31 24.38
CA GLN A 290 -43.44 17.80 25.47
C GLN A 290 -42.45 18.89 25.91
N LEU A 291 -41.90 19.62 24.97
CA LEU A 291 -40.90 20.65 25.33
C LEU A 291 -41.51 21.76 26.18
N GLU A 292 -42.73 22.15 25.82
CA GLU A 292 -43.52 23.14 26.59
C GLU A 292 -43.85 22.64 28.02
N GLN A 293 -44.29 21.41 28.14
CA GLN A 293 -44.62 20.83 29.44
C GLN A 293 -43.39 20.55 30.30
N ASP A 294 -42.40 19.89 29.73
CA ASP A 294 -41.21 19.48 30.45
C ASP A 294 -40.10 19.09 29.43
N GLY A 295 -40.13 17.85 28.93
CA GLY A 295 -39.24 17.41 27.86
C GLY A 295 -37.77 17.52 28.19
N GLY A 296 -37.44 17.35 29.46
CA GLY A 296 -36.07 17.49 29.94
C GLY A 296 -35.08 16.48 29.34
N ASN A 297 -35.60 15.37 28.84
CA ASN A 297 -34.74 14.33 28.28
C ASN A 297 -34.51 14.43 26.79
N ILE A 298 -35.09 15.44 26.16
CA ILE A 298 -34.91 15.61 24.73
C ILE A 298 -33.73 16.52 24.48
N MET A 299 -32.84 16.09 23.57
CA MET A 299 -31.75 16.95 23.12
C MET A 299 -31.76 17.20 21.62
N GLY A 300 -32.59 16.50 20.87
CA GLY A 300 -32.63 16.73 19.45
C GLY A 300 -33.76 16.05 18.70
N VAL A 301 -33.92 16.48 17.46
CA VAL A 301 -34.86 15.87 16.56
C VAL A 301 -34.26 15.69 15.16
N MET A 302 -34.87 14.78 14.40
CA MET A 302 -34.45 14.49 13.08
C MET A 302 -35.63 14.62 12.15
N VAL A 303 -35.40 15.24 10.98
CA VAL A 303 -36.48 15.53 10.08
C VAL A 303 -36.05 15.33 8.61
N GLU A 304 -36.90 14.70 7.81
CA GLU A 304 -36.60 14.44 6.39
C GLU A 304 -37.33 15.49 5.57
N SER A 305 -36.50 16.39 5.03
CA SER A 305 -36.91 17.59 4.37
C SER A 305 -36.13 17.86 3.11
N HIS A 306 -36.79 18.46 2.12
CA HIS A 306 -36.17 18.86 0.86
C HIS A 306 -36.86 20.07 0.28
N LEU A 307 -36.38 20.49 -0.90
CA LEU A 307 -36.90 21.67 -1.52
C LEU A 307 -38.33 21.43 -1.85
N VAL A 308 -38.62 20.29 -2.45
CA VAL A 308 -39.97 19.95 -2.93
C VAL A 308 -40.38 18.67 -2.19
N GLU A 309 -41.65 18.57 -1.86
CA GLU A 309 -42.16 17.45 -1.04
C GLU A 309 -42.34 16.17 -1.83
N GLY A 310 -42.51 15.07 -1.10
CA GLY A 310 -42.81 13.80 -1.70
C GLY A 310 -41.57 13.05 -2.13
N ARG A 311 -41.77 12.16 -3.10
CA ARG A 311 -40.69 11.35 -3.65
C ARG A 311 -41.03 10.96 -5.06
N GLN A 312 -40.00 10.52 -5.78
CA GLN A 312 -40.15 10.06 -7.17
C GLN A 312 -39.20 8.86 -7.35
N ASP A 313 -39.52 7.97 -8.26
CA ASP A 313 -38.66 6.84 -8.55
C ASP A 313 -37.41 7.27 -9.29
N LYS A 314 -37.55 8.16 -10.25
CA LYS A 314 -36.41 8.61 -11.02
C LYS A 314 -36.17 10.06 -10.77
N PRO A 315 -34.92 10.48 -10.89
CA PRO A 315 -34.58 11.85 -10.55
C PRO A 315 -34.95 12.83 -11.65
N GLU A 316 -36.25 12.92 -11.93
CA GLU A 316 -36.82 13.80 -12.93
C GLU A 316 -37.04 15.23 -12.42
N VAL A 317 -37.65 15.38 -11.26
CA VAL A 317 -37.93 16.69 -10.74
C VAL A 317 -36.76 17.15 -9.87
N TYR A 318 -36.35 18.41 -10.06
CA TYR A 318 -35.31 19.02 -9.24
C TYR A 318 -35.74 19.17 -7.79
N GLY A 319 -34.82 18.95 -6.86
CA GLY A 319 -35.09 19.14 -5.41
C GLY A 319 -36.14 18.22 -4.81
N LYS A 320 -36.35 17.05 -5.40
CA LYS A 320 -37.30 16.09 -4.89
C LYS A 320 -36.64 14.72 -4.67
N SER A 321 -36.91 14.15 -3.52
CA SER A 321 -36.25 12.91 -3.09
C SER A 321 -36.44 11.72 -4.01
N ILE A 322 -35.42 10.88 -4.15
CA ILE A 322 -35.58 9.59 -4.83
C ILE A 322 -35.55 8.44 -3.84
N THR A 323 -35.40 8.75 -2.55
CA THR A 323 -35.52 7.70 -1.51
C THR A 323 -36.81 7.90 -0.70
N ASP A 324 -36.74 8.02 0.62
CA ASP A 324 -37.96 8.28 1.39
C ASP A 324 -38.53 9.64 1.05
N ALA A 325 -39.84 9.79 1.23
CA ALA A 325 -40.55 10.99 0.87
C ALA A 325 -40.26 12.09 1.90
N CYS A 326 -40.06 13.32 1.46
CA CYS A 326 -39.67 14.36 2.39
C CYS A 326 -40.78 15.38 2.43
N ILE A 327 -40.83 16.15 3.52
CA ILE A 327 -41.65 17.38 3.52
C ILE A 327 -40.90 18.40 2.71
N GLY A 328 -41.67 19.35 2.17
CA GLY A 328 -41.16 20.39 1.33
C GLY A 328 -40.69 21.59 2.12
N TRP A 329 -40.15 22.56 1.39
CA TRP A 329 -39.53 23.73 2.05
C TRP A 329 -40.55 24.57 2.91
N GLY A 330 -41.75 24.75 2.40
CA GLY A 330 -42.79 25.43 3.17
C GLY A 330 -43.07 24.77 4.52
N ALA A 331 -43.28 23.44 4.51
CA ALA A 331 -43.53 22.70 5.77
C ALA A 331 -42.31 22.78 6.69
N THR A 332 -41.11 22.88 6.13
CA THR A 332 -39.89 22.91 6.89
C THR A 332 -39.83 24.19 7.70
N GLU A 333 -40.12 25.29 7.04
CA GLU A 333 -40.28 26.58 7.73
C GLU A 333 -41.26 26.50 8.91
N GLU A 334 -42.42 25.97 8.66
CA GLU A 334 -43.42 25.76 9.71
C GLU A 334 -42.89 24.92 10.87
N LEU A 335 -42.38 23.75 10.54
CA LEU A 335 -41.88 22.86 11.52
C LEU A 335 -40.77 23.50 12.32
N LEU A 336 -39.83 24.16 11.67
CA LEU A 336 -38.73 24.75 12.44
C LEU A 336 -39.23 25.92 13.33
N ALA A 337 -40.20 26.70 12.87
CA ALA A 337 -40.75 27.79 13.71
C ALA A 337 -41.37 27.17 14.98
N LEU A 338 -42.10 26.08 14.80
CA LEU A 338 -42.81 25.42 15.87
C LEU A 338 -41.83 24.94 16.92
N LEU A 339 -40.72 24.35 16.48
CA LEU A 339 -39.77 23.78 17.42
C LEU A 339 -39.05 24.89 18.09
N ALA A 340 -38.67 25.94 17.35
CA ALA A 340 -37.96 27.06 17.96
C ALA A 340 -38.82 27.75 19.06
N GLY A 341 -40.10 27.93 18.76
CA GLY A 341 -41.01 28.59 19.74
C GLY A 341 -41.20 27.73 20.96
N ALA A 342 -41.41 26.44 20.77
CA ALA A 342 -41.60 25.57 21.97
C ALA A 342 -40.33 25.48 22.81
N ASN A 343 -39.15 25.36 22.17
CA ASN A 343 -37.91 25.21 22.95
C ASN A 343 -37.51 26.50 23.64
N LYS A 344 -37.89 27.63 23.06
CA LYS A 344 -37.67 28.94 23.74
C LYS A 344 -38.20 28.88 25.15
N LYS A 345 -39.43 28.37 25.31
CA LYS A 345 -40.05 28.29 26.65
C LYS A 345 -39.37 27.29 27.56
N ARG A 346 -38.99 26.11 27.02
CA ARG A 346 -38.27 25.13 27.86
C ARG A 346 -37.04 25.82 28.42
N MET A 347 -36.30 26.53 27.56
CA MET A 347 -35.03 27.15 27.94
C MET A 347 -35.21 28.23 29.02
N ALA A 348 -36.35 28.88 28.99
CA ALA A 348 -36.72 29.92 29.96
C ALA A 348 -36.86 29.41 31.43
N ARG A 349 -37.36 28.19 31.61
CA ARG A 349 -37.47 27.60 32.98
C ARG A 349 -36.22 27.20 33.82
N ALA A 350 -35.10 26.89 33.15
CA ALA A 350 -33.81 26.53 33.85
C ALA A 350 -33.94 26.44 35.39
N ASP B 8 -8.63 15.21 11.60
CA ASP B 8 -8.94 13.77 11.75
C ASP B 8 -8.48 13.20 13.10
N ASP B 9 -8.94 11.96 13.29
CA ASP B 9 -8.40 11.07 14.32
C ASP B 9 -8.44 11.62 15.77
N ILE B 10 -9.45 12.43 16.11
CA ILE B 10 -9.59 13.03 17.46
C ILE B 10 -9.56 11.95 18.55
N LYS B 11 -10.24 10.84 18.30
CA LYS B 11 -10.41 9.76 19.30
C LYS B 11 -9.74 8.44 18.89
N ILE B 12 -8.67 8.56 18.10
CA ILE B 12 -7.82 7.42 17.72
C ILE B 12 -6.48 7.54 18.51
N LYS B 13 -6.21 6.59 19.39
CA LYS B 13 -4.97 6.57 20.19
C LYS B 13 -3.73 6.06 19.43
N GLU B 14 -3.90 5.11 18.51
CA GLU B 14 -2.79 4.59 17.69
C GLU B 14 -3.22 3.86 16.44
N VAL B 15 -2.35 3.86 15.43
CA VAL B 15 -2.49 3.02 14.25
C VAL B 15 -1.21 2.12 14.15
N LYS B 16 -1.40 0.80 14.05
CA LYS B 16 -0.30 -0.20 14.20
C LYS B 16 -0.08 -1.13 13.00
N GLU B 17 1.06 -1.84 13.02
CA GLU B 17 1.72 -2.49 11.87
C GLU B 17 1.20 -3.89 11.40
N LEU B 18 0.04 -3.86 10.76
CA LEU B 18 -0.61 -5.07 10.25
C LEU B 18 0.04 -5.76 9.04
N LEU B 19 0.41 -7.03 9.21
CA LEU B 19 0.88 -7.84 8.11
C LEU B 19 -0.28 -8.09 7.17
N PRO B 20 -0.04 -8.03 5.86
CA PRO B 20 -1.13 -8.37 4.94
C PRO B 20 -1.39 -9.87 4.80
N PRO B 21 -2.57 -10.27 4.31
CA PRO B 21 -2.84 -11.68 4.03
C PRO B 21 -1.70 -12.43 3.32
N ILE B 22 -1.08 -11.84 2.33
CA ILE B 22 -0.05 -12.58 1.61
C ILE B 22 1.09 -13.00 2.48
N ALA B 23 1.39 -12.29 3.56
CA ALA B 23 2.48 -12.76 4.43
C ALA B 23 2.10 -14.10 5.08
N HIS B 24 0.85 -14.17 5.59
CA HIS B 24 0.35 -15.40 6.16
C HIS B 24 0.18 -16.50 5.12
N LEU B 25 -0.32 -16.16 3.94
CA LEU B 25 -0.44 -17.18 2.88
C LEU B 25 0.92 -17.80 2.44
N TYR B 26 1.97 -17.01 2.47
CA TYR B 26 3.32 -17.50 2.14
C TYR B 26 3.87 -18.48 3.18
N GLU B 27 3.66 -18.22 4.45
CA GLU B 27 4.06 -19.11 5.52
C GLU B 27 3.20 -20.34 5.57
N LEU B 28 1.91 -20.20 5.25
CA LEU B 28 0.98 -21.27 5.47
C LEU B 28 0.12 -21.42 4.22
N PRO B 29 0.72 -21.84 3.09
CA PRO B 29 -0.08 -22.03 1.91
C PRO B 29 -1.05 -23.13 2.07
N ILE B 30 -2.17 -23.05 1.37
CA ILE B 30 -3.14 -24.10 1.47
C ILE B 30 -2.57 -25.34 0.80
N SER B 31 -2.67 -26.50 1.44
CA SER B 31 -2.21 -27.75 0.86
C SER B 31 -3.21 -28.29 -0.18
N LYS B 32 -2.75 -29.18 -1.03
CA LYS B 32 -3.62 -29.81 -2.03
C LYS B 32 -4.77 -30.56 -1.34
N GLU B 33 -4.50 -31.20 -0.20
CA GLU B 33 -5.52 -31.99 0.50
C GLU B 33 -6.56 -31.05 1.17
N ALA B 34 -6.09 -29.97 1.78
CA ALA B 34 -7.01 -28.98 2.38
C ALA B 34 -7.85 -28.32 1.26
N SER B 35 -7.21 -28.02 0.12
CA SER B 35 -7.92 -27.50 -1.04
C SER B 35 -9.05 -28.41 -1.44
N GLY B 36 -8.73 -29.69 -1.60
CA GLY B 36 -9.69 -30.68 -2.03
C GLY B 36 -10.85 -30.83 -1.04
N LEU B 37 -10.57 -30.89 0.26
CA LEU B 37 -11.59 -30.98 1.30
C LEU B 37 -12.51 -29.78 1.32
N VAL B 38 -11.94 -28.57 1.29
CA VAL B 38 -12.74 -27.36 1.28
C VAL B 38 -13.66 -27.37 0.05
N HIS B 39 -13.07 -27.59 -1.14
CA HIS B 39 -13.83 -27.51 -2.39
C HIS B 39 -15.01 -28.49 -2.36
N ARG B 40 -14.71 -29.71 -1.92
CA ARG B 40 -15.69 -30.78 -1.89
C ARG B 40 -16.81 -30.53 -0.86
N THR B 41 -16.42 -30.10 0.33
CA THR B 41 -17.38 -29.86 1.38
C THR B 41 -18.30 -28.67 1.00
N ARG B 42 -17.74 -27.63 0.40
CA ARG B 42 -18.61 -26.53 -0.10
C ARG B 42 -19.65 -27.03 -1.08
N GLN B 43 -19.24 -27.88 -2.03
CA GLN B 43 -20.16 -28.54 -2.93
C GLN B 43 -21.21 -29.34 -2.22
N GLU B 44 -20.79 -30.20 -1.29
CA GLU B 44 -21.70 -31.08 -0.57
C GLU B 44 -22.70 -30.26 0.23
N ILE B 45 -22.28 -29.11 0.78
CA ILE B 45 -23.20 -28.24 1.51
C ILE B 45 -24.18 -27.55 0.56
N SER B 46 -23.67 -27.11 -0.58
CA SER B 46 -24.53 -26.55 -1.64
C SER B 46 -25.65 -27.54 -1.94
N ASP B 47 -25.27 -28.80 -2.07
CA ASP B 47 -26.23 -29.84 -2.35
C ASP B 47 -27.30 -29.94 -1.29
N LEU B 48 -26.95 -29.71 -0.04
CA LEU B 48 -27.95 -29.80 1.02
C LEU B 48 -28.84 -28.57 0.96
N VAL B 49 -28.25 -27.41 0.66
CA VAL B 49 -29.01 -26.15 0.57
C VAL B 49 -30.10 -26.17 -0.49
N HIS B 50 -29.82 -26.82 -1.63
CA HIS B 50 -30.70 -26.79 -2.77
C HIS B 50 -31.46 -28.11 -2.91
N GLY B 51 -31.44 -28.94 -1.87
CA GLY B 51 -32.29 -30.17 -1.83
C GLY B 51 -31.95 -31.32 -2.80
N ARG B 52 -30.68 -31.46 -3.18
CA ARG B 52 -30.23 -32.62 -3.95
C ARG B 52 -29.68 -33.76 -3.09
N ASP B 53 -29.42 -33.50 -1.79
CA ASP B 53 -28.96 -34.52 -0.87
C ASP B 53 -29.69 -34.32 0.45
N LYS B 54 -29.97 -35.40 1.17
CA LYS B 54 -30.81 -35.33 2.37
C LYS B 54 -30.02 -35.61 3.66
N ARG B 55 -28.71 -35.66 3.57
CA ARG B 55 -27.88 -35.70 4.77
C ARG B 55 -28.11 -34.43 5.57
N LEU B 56 -27.79 -34.45 6.84
CA LEU B 56 -28.01 -33.32 7.69
C LEU B 56 -26.68 -32.61 7.95
N LEU B 57 -26.55 -31.34 7.57
CA LEU B 57 -25.36 -30.59 7.90
C LEU B 57 -25.34 -30.40 9.40
N VAL B 58 -24.21 -30.71 10.06
CA VAL B 58 -24.11 -30.44 11.48
C VAL B 58 -22.91 -29.55 11.77
N ILE B 59 -23.20 -28.33 12.19
CA ILE B 59 -22.20 -27.40 12.54
C ILE B 59 -22.06 -27.53 14.07
N ILE B 60 -20.94 -28.07 14.54
CA ILE B 60 -20.81 -28.40 15.96
C ILE B 60 -19.42 -28.13 16.52
N GLY B 61 -19.38 -27.50 17.68
CA GLY B 61 -18.12 -27.25 18.35
C GLY B 61 -18.26 -26.10 19.31
N PRO B 62 -17.13 -25.62 19.79
CA PRO B 62 -17.13 -24.59 20.78
C PRO B 62 -17.83 -23.31 20.41
N CYS B 63 -18.37 -22.61 21.42
CA CYS B 63 -18.90 -21.24 21.18
C CYS B 63 -17.78 -20.44 20.55
N SER B 64 -16.63 -20.45 21.21
CA SER B 64 -15.46 -19.78 20.76
C SER B 64 -14.20 -20.60 20.95
N ILE B 65 -13.23 -20.36 20.09
CA ILE B 65 -11.90 -21.01 20.17
C ILE B 65 -10.98 -20.08 20.98
N HIS B 66 -10.56 -20.52 22.17
CA HIS B 66 -9.59 -19.78 23.00
C HIS B 66 -8.29 -20.52 23.29
N ASP B 67 -8.18 -21.79 22.82
CA ASP B 67 -7.03 -22.60 23.04
C ASP B 67 -6.92 -23.63 21.88
N PRO B 68 -5.95 -23.44 20.98
CA PRO B 68 -5.81 -24.33 19.77
C PRO B 68 -5.57 -25.77 20.11
N LYS B 69 -5.00 -26.01 21.29
CA LYS B 69 -4.67 -27.36 21.75
C LYS B 69 -5.91 -28.18 22.07
N ALA B 70 -6.75 -27.63 22.93
CA ALA B 70 -8.06 -28.20 23.15
C ALA B 70 -8.87 -28.29 21.84
N ALA B 71 -8.76 -27.31 20.96
CA ALA B 71 -9.51 -27.35 19.68
C ALA B 71 -9.07 -28.52 18.83
N LEU B 72 -7.80 -28.80 18.79
CA LEU B 72 -7.32 -29.94 17.98
C LEU B 72 -7.69 -31.27 18.65
N GLU B 73 -7.67 -31.31 19.99
CA GLU B 73 -8.14 -32.48 20.73
C GLU B 73 -9.57 -32.77 20.45
N TYR B 74 -10.40 -31.73 20.57
CA TYR B 74 -11.82 -31.82 20.24
C TYR B 74 -11.99 -32.31 18.81
N ALA B 75 -11.25 -31.69 17.88
CA ALA B 75 -11.34 -32.06 16.46
C ALA B 75 -11.04 -33.53 16.22
N GLU B 76 -10.04 -34.04 16.92
CA GLU B 76 -9.64 -35.44 16.73
C GLU B 76 -10.79 -36.43 17.17
N ARG B 77 -11.43 -36.14 18.31
CA ARG B 77 -12.63 -36.94 18.76
C ARG B 77 -13.82 -36.79 17.75
N LEU B 78 -14.05 -35.55 17.28
CA LEU B 78 -15.15 -35.29 16.35
C LEU B 78 -14.97 -35.99 15.02
N LEU B 79 -13.72 -36.07 14.58
CA LEU B 79 -13.42 -36.68 13.29
C LEU B 79 -13.84 -38.18 13.22
N LYS B 80 -13.74 -38.89 14.35
CA LYS B 80 -14.21 -40.26 14.37
C LYS B 80 -15.72 -40.33 14.13
N LEU B 81 -16.46 -39.41 14.72
CA LEU B 81 -17.93 -39.38 14.56
C LEU B 81 -18.36 -38.84 13.19
N ARG B 82 -17.64 -37.84 12.66
CA ARG B 82 -17.81 -37.42 11.27
C ARG B 82 -17.78 -38.59 10.29
N LYS B 83 -16.77 -39.42 10.44
CA LYS B 83 -16.60 -40.57 9.57
C LYS B 83 -17.69 -41.59 9.87
N GLN B 84 -17.88 -41.93 11.14
CA GLN B 84 -18.89 -42.94 11.48
C GLN B 84 -20.24 -42.61 10.88
N TYR B 85 -20.66 -41.34 10.95
CA TYR B 85 -22.01 -40.97 10.56
C TYR B 85 -22.11 -40.40 9.14
N GLU B 86 -21.08 -40.62 8.32
CA GLU B 86 -20.95 -39.86 7.05
C GLU B 86 -22.06 -40.10 6.04
N ASN B 87 -22.85 -41.13 6.23
CA ASN B 87 -23.97 -41.38 5.30
C ASN B 87 -25.20 -40.66 5.73
N GLU B 88 -25.21 -40.22 7.00
CA GLU B 88 -26.39 -39.54 7.57
C GLU B 88 -26.16 -38.08 7.84
N LEU B 89 -24.94 -37.75 8.22
CA LEU B 89 -24.59 -36.44 8.70
C LEU B 89 -23.33 -35.96 8.03
N LEU B 90 -23.29 -34.66 7.74
CA LEU B 90 -22.08 -34.01 7.23
C LEU B 90 -21.65 -33.14 8.37
N ILE B 91 -20.66 -33.59 9.10
CA ILE B 91 -20.20 -32.90 10.29
C ILE B 91 -19.07 -31.93 9.94
N VAL B 92 -19.18 -30.69 10.45
CA VAL B 92 -18.20 -29.67 10.19
C VAL B 92 -18.00 -29.00 11.52
N MET B 93 -16.78 -28.76 11.93
CA MET B 93 -16.53 -28.19 13.24
C MET B 93 -16.79 -26.69 13.27
N ARG B 94 -17.36 -26.19 14.38
CA ARG B 94 -17.38 -24.78 14.68
C ARG B 94 -15.99 -24.33 15.08
N VAL B 95 -15.45 -23.38 14.34
CA VAL B 95 -14.15 -22.77 14.63
C VAL B 95 -14.32 -21.27 14.61
N TYR B 96 -14.98 -20.74 15.63
CA TYR B 96 -15.33 -19.33 15.75
C TYR B 96 -14.24 -18.60 16.51
N PHE B 97 -13.59 -17.67 15.83
CA PHE B 97 -12.56 -16.82 16.41
C PHE B 97 -13.32 -15.60 16.99
N GLU B 98 -13.99 -14.91 16.07
CA GLU B 98 -14.57 -13.56 16.32
C GLU B 98 -15.92 -13.63 17.02
N LYS B 99 -15.99 -12.99 18.19
CA LYS B 99 -17.21 -13.05 19.05
C LYS B 99 -17.84 -11.68 19.39
N PRO B 100 -19.14 -11.54 19.08
CA PRO B 100 -19.74 -10.26 19.38
C PRO B 100 -20.18 -10.21 20.84
N ARG B 101 -19.90 -9.12 21.54
CA ARG B 101 -20.38 -8.91 22.89
C ARG B 101 -21.60 -8.03 22.92
N THR B 102 -22.31 -8.10 24.03
CA THR B 102 -23.53 -7.33 24.26
C THR B 102 -23.17 -5.87 24.36
N THR B 103 -22.13 -5.59 25.15
CA THR B 103 -21.50 -4.29 25.24
C THR B 103 -20.03 -4.54 24.96
N VAL B 104 -19.26 -4.90 25.99
CA VAL B 104 -17.82 -5.17 25.85
C VAL B 104 -17.42 -6.50 26.48
N GLY B 105 -16.23 -6.96 26.08
CA GLY B 105 -15.62 -8.22 26.51
C GLY B 105 -14.53 -8.68 25.55
N TRP B 106 -13.86 -9.79 25.92
CA TRP B 106 -12.91 -10.47 25.04
C TRP B 106 -13.58 -10.76 23.68
N LYS B 107 -12.98 -10.26 22.57
CA LYS B 107 -13.64 -10.40 21.25
C LYS B 107 -13.19 -11.64 20.49
N GLY B 108 -12.26 -12.40 21.11
CA GLY B 108 -11.85 -13.67 20.53
C GLY B 108 -10.35 -13.84 20.34
N LEU B 109 -9.99 -14.98 19.76
CA LEU B 109 -8.59 -15.32 19.65
C LEU B 109 -7.84 -14.41 18.66
N ILE B 110 -8.49 -13.98 17.60
CA ILE B 110 -7.83 -13.14 16.62
C ILE B 110 -7.51 -11.82 17.34
N ASN B 111 -8.54 -11.19 17.87
CA ASN B 111 -8.45 -9.85 18.45
C ASN B 111 -7.49 -9.78 19.62
N ASP B 112 -7.34 -10.88 20.36
CA ASP B 112 -6.52 -10.87 21.60
C ASP B 112 -6.09 -12.28 22.02
N PRO B 113 -5.17 -12.89 21.27
CA PRO B 113 -4.87 -14.31 21.46
C PRO B 113 -4.25 -14.66 22.80
N HIS B 114 -3.65 -13.71 23.49
CA HIS B 114 -3.05 -13.93 24.80
C HIS B 114 -4.05 -13.75 25.95
N LEU B 115 -5.25 -13.28 25.62
CA LEU B 115 -6.32 -13.27 26.56
C LEU B 115 -6.05 -12.32 27.72
N ASP B 116 -5.22 -11.33 27.53
CA ASP B 116 -4.82 -10.43 28.58
C ASP B 116 -4.88 -8.98 28.17
N GLY B 117 -5.68 -8.65 27.17
CA GLY B 117 -5.69 -7.32 26.59
C GLY B 117 -4.43 -6.77 25.94
N THR B 118 -3.71 -7.58 25.21
CA THR B 118 -2.53 -7.12 24.46
C THR B 118 -2.84 -6.95 22.95
N PHE B 119 -3.99 -7.43 22.54
CA PHE B 119 -4.43 -7.17 21.18
C PHE B 119 -3.36 -7.46 20.13
N ASP B 120 -2.74 -8.61 20.26
CA ASP B 120 -1.71 -9.06 19.29
C ASP B 120 -2.33 -9.68 17.99
N ILE B 121 -2.91 -8.83 17.13
CA ILE B 121 -3.74 -9.30 16.01
C ILE B 121 -2.90 -10.03 14.96
N ASN B 122 -1.65 -9.61 14.75
CA ASN B 122 -0.78 -10.34 13.83
C ASN B 122 -0.59 -11.81 14.26
N PHE B 123 -0.30 -12.05 15.55
CA PHE B 123 -0.17 -13.40 16.12
C PHE B 123 -1.49 -14.16 16.04
N GLY B 124 -2.58 -13.51 16.44
CA GLY B 124 -3.89 -14.13 16.36
C GLY B 124 -4.27 -14.62 14.98
N LEU B 125 -4.05 -13.77 13.94
CA LEU B 125 -4.40 -14.16 12.57
C LEU B 125 -3.53 -15.34 12.14
N ARG B 126 -2.25 -15.32 12.53
CA ARG B 126 -1.35 -16.42 12.22
C ARG B 126 -1.84 -17.70 12.87
N GLN B 127 -2.11 -17.61 14.16
CA GLN B 127 -2.63 -18.74 14.93
C GLN B 127 -3.97 -19.26 14.37
N ALA B 128 -4.85 -18.37 13.98
CA ALA B 128 -6.11 -18.79 13.35
C ALA B 128 -5.92 -19.54 12.08
N ARG B 129 -5.11 -19.01 11.18
CA ARG B 129 -4.82 -19.69 9.93
C ARG B 129 -4.14 -21.05 10.14
N SER B 130 -3.22 -21.12 11.11
CA SER B 130 -2.48 -22.37 11.37
C SER B 130 -3.43 -23.45 11.87
N LEU B 131 -4.31 -23.08 12.82
CA LEU B 131 -5.31 -24.03 13.32
C LEU B 131 -6.21 -24.48 12.21
N LEU B 132 -6.68 -23.57 11.36
CA LEU B 132 -7.58 -23.96 10.25
C LEU B 132 -6.92 -24.88 9.26
N LEU B 133 -5.68 -24.57 8.91
CA LEU B 133 -4.90 -25.45 8.03
C LEU B 133 -4.68 -26.85 8.65
N SER B 134 -4.25 -26.91 9.90
CA SER B 134 -4.08 -28.26 10.61
C SER B 134 -5.42 -29.01 10.64
N LEU B 135 -6.51 -28.32 11.01
CA LEU B 135 -7.81 -28.97 11.04
C LEU B 135 -8.14 -29.59 9.68
N ASN B 136 -8.09 -28.80 8.61
CA ASN B 136 -8.41 -29.33 7.30
C ASN B 136 -7.44 -30.44 6.93
N ASN B 137 -6.17 -30.34 7.34
CA ASN B 137 -5.19 -31.39 6.90
C ASN B 137 -5.44 -32.77 7.51
N MET B 138 -6.01 -32.80 8.70
CA MET B 138 -6.35 -34.04 9.38
C MET B 138 -7.72 -34.54 8.95
N GLY B 139 -8.47 -33.79 8.14
CA GLY B 139 -9.77 -34.25 7.59
C GLY B 139 -11.00 -33.54 8.14
N MET B 140 -10.84 -32.60 9.05
CA MET B 140 -11.99 -31.91 9.67
C MET B 140 -12.22 -30.57 8.97
N PRO B 141 -13.33 -30.45 8.19
CA PRO B 141 -13.66 -29.16 7.66
C PRO B 141 -14.13 -28.18 8.75
N ALA B 142 -14.01 -26.89 8.44
CA ALA B 142 -14.21 -25.84 9.40
C ALA B 142 -15.24 -24.84 8.96
N SER B 143 -15.91 -24.25 9.97
CA SER B 143 -16.90 -23.23 9.79
C SER B 143 -16.58 -22.11 10.73
N THR B 144 -17.01 -20.89 10.39
CA THR B 144 -16.76 -19.74 11.28
C THR B 144 -17.72 -18.62 11.04
N GLU B 145 -17.84 -17.70 12.01
CA GLU B 145 -18.64 -16.51 11.80
C GLU B 145 -17.73 -15.46 11.22
N PHE B 146 -18.16 -14.87 10.13
CA PHE B 146 -17.51 -13.71 9.59
C PHE B 146 -18.11 -12.43 10.15
N LEU B 147 -17.34 -11.79 11.00
CA LEU B 147 -17.84 -10.59 11.68
C LEU B 147 -17.28 -9.31 11.03
N ASP B 148 -16.06 -9.40 10.56
CA ASP B 148 -15.27 -8.23 10.19
C ASP B 148 -15.16 -8.26 8.66
N MET B 149 -14.89 -7.14 8.02
CA MET B 149 -14.75 -7.11 6.56
C MET B 149 -13.36 -7.50 6.02
N ILE B 150 -12.33 -7.38 6.86
CA ILE B 150 -10.89 -7.54 6.46
C ILE B 150 -10.31 -8.92 6.86
N THR B 151 -10.66 -9.44 8.04
CA THR B 151 -10.14 -10.75 8.44
C THR B 151 -10.36 -11.89 7.46
N PRO B 152 -11.48 -11.95 6.71
CA PRO B 152 -11.72 -13.09 5.81
C PRO B 152 -10.63 -13.29 4.75
N GLN B 153 -9.94 -12.24 4.34
CA GLN B 153 -8.87 -12.39 3.38
C GLN B 153 -7.74 -13.30 3.92
N TYR B 154 -7.63 -13.42 5.26
CA TYR B 154 -6.56 -14.20 5.88
C TYR B 154 -6.80 -15.66 5.93
N TYR B 155 -8.04 -16.09 5.89
CA TYR B 155 -8.32 -17.54 5.99
C TYR B 155 -9.59 -18.07 5.38
N ALA B 156 -10.34 -17.28 4.62
CA ALA B 156 -11.60 -17.77 4.01
C ALA B 156 -11.38 -18.95 3.09
N ASP B 157 -10.18 -19.03 2.51
CA ASP B 157 -9.86 -20.16 1.65
C ASP B 157 -9.95 -21.51 2.43
N LEU B 158 -9.90 -21.45 3.76
CA LEU B 158 -9.91 -22.64 4.59
C LEU B 158 -11.28 -22.94 5.24
N ILE B 159 -12.31 -22.23 4.81
CA ILE B 159 -13.61 -22.32 5.46
C ILE B 159 -14.58 -22.95 4.52
N SER B 160 -15.32 -23.94 5.00
CA SER B 160 -16.29 -24.64 4.19
C SER B 160 -17.73 -24.10 4.36
N TRP B 161 -18.00 -23.41 5.46
CA TRP B 161 -19.28 -22.84 5.71
C TRP B 161 -19.15 -21.65 6.59
N GLY B 162 -19.91 -20.59 6.29
CA GLY B 162 -19.84 -19.34 7.07
C GLY B 162 -21.17 -18.85 7.59
N ALA B 163 -21.13 -18.20 8.74
CA ALA B 163 -22.34 -17.70 9.37
C ALA B 163 -22.19 -16.22 9.40
N ILE B 164 -23.30 -15.56 9.19
CA ILE B 164 -23.41 -14.15 9.56
C ILE B 164 -24.29 -14.11 10.81
N GLY B 165 -23.80 -13.49 11.86
CA GLY B 165 -24.50 -13.50 13.18
C GLY B 165 -25.82 -12.75 13.22
N ALA B 166 -26.61 -13.05 14.24
CA ALA B 166 -27.90 -12.44 14.44
C ALA B 166 -27.81 -10.92 14.48
N ARG B 167 -26.70 -10.43 15.03
N ARG B 167 -26.70 -10.43 15.03
CA ARG B 167 -26.52 -9.02 15.26
CA ARG B 167 -26.51 -9.02 15.25
C ARG B 167 -26.12 -8.26 13.98
C ARG B 167 -26.11 -8.24 13.98
N THR B 168 -25.84 -8.97 12.90
CA THR B 168 -25.31 -8.39 11.65
C THR B 168 -26.06 -8.88 10.41
N THR B 169 -27.07 -9.74 10.57
CA THR B 169 -27.86 -10.22 9.44
C THR B 169 -28.56 -9.07 8.67
N GLU B 170 -28.92 -8.02 9.41
CA GLU B 170 -29.61 -6.88 8.83
C GLU B 170 -28.67 -5.87 8.15
N SER B 171 -27.37 -5.99 8.42
CA SER B 171 -26.35 -5.04 8.03
C SER B 171 -25.99 -5.19 6.53
N GLN B 172 -26.05 -4.08 5.82
CA GLN B 172 -25.81 -4.09 4.38
C GLN B 172 -24.37 -4.50 4.08
N VAL B 173 -23.40 -4.11 4.90
CA VAL B 173 -22.03 -4.47 4.58
C VAL B 173 -21.78 -5.93 4.83
N HIS B 174 -22.54 -6.56 5.74
CA HIS B 174 -22.35 -7.98 5.96
C HIS B 174 -23.03 -8.79 4.86
N ARG B 175 -24.15 -8.28 4.37
CA ARG B 175 -24.78 -8.89 3.23
C ARG B 175 -23.87 -8.75 2.02
N GLU B 176 -23.20 -7.62 1.88
CA GLU B 176 -22.24 -7.47 0.73
C GLU B 176 -21.10 -8.48 0.84
N LEU B 177 -20.53 -8.59 2.04
CA LEU B 177 -19.46 -9.52 2.27
C LEU B 177 -19.89 -10.95 1.87
N ALA B 178 -21.06 -11.35 2.34
CA ALA B 178 -21.54 -12.67 2.02
C ALA B 178 -21.65 -12.89 0.51
N SER B 179 -22.14 -11.86 -0.20
CA SER B 179 -22.33 -11.95 -1.64
C SER B 179 -21.01 -12.29 -2.39
N GLY B 180 -19.87 -12.14 -1.71
CA GLY B 180 -18.57 -12.45 -2.30
C GLY B 180 -17.80 -13.58 -1.63
N LEU B 181 -18.40 -14.30 -0.67
CA LEU B 181 -17.69 -15.42 -0.01
C LEU B 181 -17.77 -16.66 -0.84
N SER B 182 -16.67 -17.39 -0.90
CA SER B 182 -16.62 -18.58 -1.76
C SER B 182 -17.38 -19.73 -1.12
N CYS B 183 -17.74 -19.63 0.16
CA CYS B 183 -18.45 -20.71 0.82
C CYS B 183 -19.95 -20.45 0.90
N PRO B 184 -20.75 -21.51 1.11
CA PRO B 184 -22.15 -21.32 1.52
C PRO B 184 -22.23 -20.52 2.82
N VAL B 185 -23.31 -19.77 2.99
CA VAL B 185 -23.48 -18.86 4.13
C VAL B 185 -24.87 -19.02 4.72
N GLY B 186 -24.93 -19.19 6.04
CA GLY B 186 -26.17 -19.12 6.76
C GLY B 186 -26.36 -17.79 7.48
N PHE B 187 -27.60 -17.27 7.41
CA PHE B 187 -27.97 -16.03 8.05
C PHE B 187 -28.96 -16.29 9.19
N LYS B 188 -28.62 -15.84 10.37
CA LYS B 188 -29.44 -16.09 11.55
C LYS B 188 -30.55 -15.08 11.60
N ASN B 189 -31.69 -15.50 12.12
CA ASN B 189 -32.75 -14.55 12.44
C ASN B 189 -32.27 -13.57 13.57
N GLY B 190 -32.96 -12.45 13.70
CA GLY B 190 -32.57 -11.38 14.61
C GLY B 190 -32.68 -11.79 16.07
N THR B 191 -31.99 -11.06 16.94
CA THR B 191 -31.92 -11.42 18.35
C THR B 191 -33.30 -11.47 19.00
N ASP B 192 -34.30 -10.77 18.46
CA ASP B 192 -35.67 -10.85 19.01
C ASP B 192 -36.65 -11.76 18.24
N GLY B 193 -36.15 -12.45 17.22
CA GLY B 193 -36.95 -13.46 16.51
C GLY B 193 -37.32 -13.08 15.09
N ASN B 194 -36.92 -11.91 14.63
CA ASN B 194 -37.30 -11.45 13.30
C ASN B 194 -36.67 -12.34 12.24
N LEU B 195 -37.50 -13.05 11.47
CA LEU B 195 -37.03 -13.98 10.43
C LEU B 195 -36.89 -13.29 9.06
N LYS B 196 -37.66 -12.24 8.86
CA LYS B 196 -37.71 -11.56 7.57
C LYS B 196 -36.35 -10.97 7.21
N ILE B 197 -35.59 -10.52 8.21
CA ILE B 197 -34.27 -9.96 7.96
C ILE B 197 -33.33 -10.96 7.38
N ALA B 198 -33.48 -12.22 7.71
CA ALA B 198 -32.57 -13.23 7.20
C ALA B 198 -32.97 -13.59 5.79
N ILE B 199 -34.26 -13.52 5.52
CA ILE B 199 -34.80 -13.84 4.22
C ILE B 199 -34.41 -12.75 3.22
N ASP B 200 -34.55 -11.50 3.61
CA ASP B 200 -33.98 -10.38 2.89
C ASP B 200 -32.48 -10.54 2.64
N ALA B 201 -31.73 -10.93 3.67
CA ALA B 201 -30.31 -11.11 3.56
C ALA B 201 -29.95 -12.09 2.47
N ILE B 202 -30.64 -13.22 2.43
CA ILE B 202 -30.39 -14.23 1.38
C ILE B 202 -30.61 -13.56 0.03
N GLY B 203 -31.73 -12.85 -0.11
CA GLY B 203 -32.05 -12.07 -1.33
C GLY B 203 -30.93 -11.11 -1.77
N ALA B 204 -30.49 -10.24 -0.85
CA ALA B 204 -29.37 -9.34 -1.06
C ALA B 204 -28.05 -10.04 -1.40
N ALA B 205 -27.70 -11.08 -0.67
CA ALA B 205 -26.39 -11.71 -0.83
C ALA B 205 -26.29 -12.51 -2.15
N SER B 206 -27.43 -12.88 -2.70
CA SER B 206 -27.45 -13.65 -3.94
C SER B 206 -27.16 -12.75 -5.14
N HIS B 207 -27.15 -11.43 -4.96
CA HIS B 207 -26.89 -10.52 -6.08
C HIS B 207 -25.48 -10.04 -6.02
N SER B 208 -25.00 -9.60 -7.17
CA SER B 208 -23.78 -8.87 -7.28
C SER B 208 -23.79 -7.52 -6.50
N HIS B 209 -22.66 -7.19 -5.88
CA HIS B 209 -22.43 -5.89 -5.24
C HIS B 209 -21.10 -5.24 -5.56
N HIS B 210 -21.04 -3.93 -5.33
CA HIS B 210 -19.81 -3.13 -5.41
C HIS B 210 -19.57 -2.47 -4.13
N PHE B 211 -18.44 -2.75 -3.51
CA PHE B 211 -18.13 -2.13 -2.22
C PHE B 211 -16.64 -2.00 -2.01
N LEU B 212 -16.27 -1.33 -0.92
CA LEU B 212 -14.89 -1.15 -0.61
C LEU B 212 -14.37 -2.30 0.24
N GLY B 213 -13.27 -2.94 -0.19
CA GLY B 213 -12.65 -4.03 0.57
C GLY B 213 -11.15 -3.85 0.65
N VAL B 214 -10.45 -4.91 1.02
CA VAL B 214 -8.99 -4.89 1.08
C VAL B 214 -8.47 -6.06 0.29
N THR B 215 -7.42 -5.83 -0.49
CA THR B 215 -6.80 -6.92 -1.30
C THR B 215 -5.93 -7.83 -0.43
N LYS B 216 -5.47 -8.93 -1.01
CA LYS B 216 -4.57 -9.88 -0.34
C LYS B 216 -3.28 -9.24 0.03
N ALA B 217 -2.95 -8.14 -0.61
CA ALA B 217 -1.71 -7.46 -0.35
C ALA B 217 -1.88 -6.39 0.72
N GLY B 218 -3.09 -6.23 1.22
CA GLY B 218 -3.35 -5.23 2.29
C GLY B 218 -3.68 -3.81 1.86
N HIS B 219 -4.18 -3.64 0.63
CA HIS B 219 -4.48 -2.32 0.09
C HIS B 219 -5.97 -2.20 -0.15
N SER B 220 -6.57 -1.05 0.15
CA SER B 220 -8.02 -0.89 -0.07
C SER B 220 -8.29 -0.88 -1.55
N ALA B 221 -9.44 -1.40 -1.93
CA ALA B 221 -9.82 -1.45 -3.34
C ALA B 221 -11.32 -1.58 -3.47
N ILE B 222 -11.82 -1.49 -4.70
CA ILE B 222 -13.24 -1.67 -4.99
C ILE B 222 -13.46 -3.12 -5.36
N VAL B 223 -14.33 -3.80 -4.63
CA VAL B 223 -14.56 -5.19 -4.92
C VAL B 223 -15.94 -5.35 -5.55
N HIS B 224 -15.97 -6.10 -6.61
CA HIS B 224 -17.17 -6.39 -7.32
C HIS B 224 -17.45 -7.88 -7.20
N THR B 225 -18.53 -8.22 -6.53
CA THR B 225 -18.87 -9.63 -6.26
C THR B 225 -19.88 -10.15 -7.26
N GLY B 226 -19.93 -11.48 -7.37
CA GLY B 226 -20.84 -12.15 -8.31
C GLY B 226 -22.09 -12.69 -7.70
N GLY B 227 -22.24 -12.56 -6.38
CA GLY B 227 -23.46 -13.00 -5.72
C GLY B 227 -23.22 -14.42 -5.19
N ASN B 228 -23.88 -14.77 -4.09
CA ASN B 228 -23.67 -16.08 -3.43
C ASN B 228 -24.92 -16.89 -3.49
N PRO B 229 -24.93 -17.94 -4.32
CA PRO B 229 -26.21 -18.63 -4.51
C PRO B 229 -26.56 -19.65 -3.41
N ASP B 230 -25.68 -19.84 -2.42
CA ASP B 230 -25.80 -20.95 -1.47
C ASP B 230 -26.04 -20.43 -0.10
N CYS B 231 -26.90 -19.44 0.02
CA CYS B 231 -27.26 -18.90 1.35
C CYS B 231 -28.54 -19.54 1.87
N HIS B 232 -28.67 -19.59 3.20
CA HIS B 232 -29.88 -20.09 3.80
C HIS B 232 -30.05 -19.41 5.13
N VAL B 233 -31.19 -19.66 5.74
CA VAL B 233 -31.57 -19.13 7.00
C VAL B 233 -31.20 -20.09 8.15
N ILE B 234 -31.00 -19.54 9.35
CA ILE B 234 -30.82 -20.31 10.55
C ILE B 234 -31.80 -19.81 11.60
N LEU B 235 -32.59 -20.74 12.15
CA LEU B 235 -33.56 -20.44 13.20
C LEU B 235 -32.86 -20.62 14.53
N ARG B 236 -32.68 -19.53 15.26
CA ARG B 236 -31.90 -19.51 16.46
C ARG B 236 -32.63 -18.90 17.64
N GLY B 237 -33.95 -18.78 17.55
CA GLY B 237 -34.77 -18.34 18.68
C GLY B 237 -34.88 -16.84 18.66
N GLY B 238 -35.80 -16.32 19.43
CA GLY B 238 -35.97 -14.91 19.64
C GLY B 238 -36.37 -14.65 21.07
N LYS B 239 -37.45 -13.89 21.25
CA LYS B 239 -38.12 -13.75 22.55
C LYS B 239 -38.54 -15.16 23.07
N GLU B 240 -39.08 -15.96 22.16
CA GLU B 240 -39.46 -17.35 22.43
C GLU B 240 -38.63 -18.21 21.45
N PRO B 241 -38.54 -19.52 21.66
CA PRO B 241 -37.82 -20.41 20.74
C PRO B 241 -38.57 -20.61 19.45
N ASN B 242 -37.86 -20.93 18.39
CA ASN B 242 -38.43 -21.14 17.08
C ASN B 242 -38.03 -22.40 16.34
N TYR B 243 -37.72 -23.47 17.06
CA TYR B 243 -37.25 -24.69 16.44
C TYR B 243 -38.29 -25.69 16.08
N ASP B 244 -39.47 -25.58 16.64
CA ASP B 244 -40.47 -26.65 16.48
C ASP B 244 -41.05 -26.74 15.05
N ALA B 245 -41.82 -27.79 14.79
CA ALA B 245 -42.37 -28.08 13.45
C ALA B 245 -43.25 -26.98 12.85
N GLU B 246 -44.00 -26.30 13.70
CA GLU B 246 -44.89 -25.27 13.25
C GLU B 246 -44.06 -24.07 12.79
N HIS B 247 -43.01 -23.70 13.55
CA HIS B 247 -42.13 -22.59 13.18
C HIS B 247 -41.36 -22.93 11.94
N VAL B 248 -40.98 -24.20 11.79
CA VAL B 248 -40.28 -24.64 10.58
C VAL B 248 -41.20 -24.51 9.37
N SER B 249 -42.43 -24.95 9.53
CA SER B 249 -43.43 -24.85 8.47
C SER B 249 -43.76 -23.42 8.08
N GLU B 250 -43.92 -22.56 9.07
CA GLU B 250 -44.18 -21.15 8.82
C GLU B 250 -42.97 -20.52 8.07
N ALA B 251 -41.74 -20.82 8.54
CA ALA B 251 -40.54 -20.29 7.94
C ALA B 251 -40.41 -20.72 6.47
N ALA B 252 -40.68 -21.98 6.20
CA ALA B 252 -40.56 -22.56 4.86
C ALA B 252 -41.52 -21.85 3.90
N GLU B 253 -42.74 -21.62 4.37
CA GLU B 253 -43.74 -20.93 3.58
C GLU B 253 -43.24 -19.50 3.25
N GLN B 254 -42.76 -18.77 4.27
CA GLN B 254 -42.18 -17.43 4.04
C GLN B 254 -41.00 -17.48 3.05
N LEU B 255 -40.23 -18.57 3.07
CA LEU B 255 -39.02 -18.67 2.21
C LEU B 255 -39.42 -18.86 0.74
N ARG B 256 -40.38 -19.77 0.52
CA ARG B 256 -40.97 -19.96 -0.81
C ARG B 256 -41.65 -18.70 -1.35
N ALA B 257 -42.35 -17.97 -0.50
CA ALA B 257 -43.01 -16.73 -0.97
C ALA B 257 -41.98 -15.70 -1.43
N ALA B 258 -40.77 -15.74 -0.87
CA ALA B 258 -39.67 -14.85 -1.27
C ALA B 258 -38.88 -15.39 -2.44
N GLY B 259 -39.15 -16.62 -2.84
CA GLY B 259 -38.46 -17.19 -3.98
C GLY B 259 -37.06 -17.70 -3.68
N VAL B 260 -36.79 -18.03 -2.42
CA VAL B 260 -35.48 -18.52 -2.01
C VAL B 260 -35.62 -19.93 -1.42
N THR B 261 -34.49 -20.59 -1.22
CA THR B 261 -34.50 -21.97 -0.78
C THR B 261 -35.26 -22.08 0.53
N ASP B 262 -36.18 -23.03 0.58
CA ASP B 262 -36.95 -23.34 1.74
C ASP B 262 -36.34 -24.44 2.64
N LYS B 263 -35.06 -24.72 2.44
CA LYS B 263 -34.27 -25.59 3.31
C LYS B 263 -33.51 -24.74 4.31
N LEU B 264 -33.62 -25.08 5.57
CA LEU B 264 -33.09 -24.25 6.61
C LEU B 264 -32.30 -25.05 7.69
N MET B 265 -31.59 -24.31 8.53
CA MET B 265 -30.82 -24.86 9.61
C MET B 265 -31.46 -24.42 10.92
N ILE B 266 -31.34 -25.28 11.93
CA ILE B 266 -31.87 -24.95 13.27
C ILE B 266 -30.75 -24.99 14.27
N ASP B 267 -30.62 -23.94 15.09
CA ASP B 267 -29.57 -23.81 16.08
C ASP B 267 -30.17 -24.38 17.34
N CYS B 268 -29.52 -25.38 17.94
CA CYS B 268 -29.98 -25.96 19.20
C CYS B 268 -29.62 -25.10 20.41
N SER B 269 -28.71 -24.14 20.23
CA SER B 269 -28.21 -23.34 21.34
C SER B 269 -28.80 -21.93 21.35
N HIS B 270 -28.07 -21.01 21.99
CA HIS B 270 -28.47 -19.63 22.13
C HIS B 270 -29.96 -19.45 22.53
N ALA B 271 -30.77 -18.66 21.81
CA ALA B 271 -32.15 -18.38 22.28
C ALA B 271 -33.10 -19.57 22.17
N ASN B 272 -32.71 -20.58 21.36
CA ASN B 272 -33.53 -21.77 21.28
C ASN B 272 -33.45 -22.68 22.53
N SER B 273 -32.38 -22.54 23.30
CA SER B 273 -32.21 -23.26 24.52
C SER B 273 -32.39 -22.33 25.72
N ARG B 274 -32.92 -21.13 25.48
CA ARG B 274 -33.20 -20.11 26.53
C ARG B 274 -31.88 -19.74 27.26
N LYS B 275 -30.77 -19.82 26.53
CA LYS B 275 -29.40 -19.61 27.03
C LYS B 275 -28.95 -20.71 28.01
N ASP B 276 -29.59 -21.86 27.98
CA ASP B 276 -29.26 -22.95 28.92
C ASP B 276 -28.70 -24.18 28.21
N TYR B 277 -27.44 -24.50 28.44
CA TYR B 277 -26.79 -25.53 27.58
C TYR B 277 -27.42 -26.91 27.76
N THR B 278 -28.02 -27.13 28.92
CA THR B 278 -28.72 -28.40 29.20
C THR B 278 -29.95 -28.60 28.30
N ARG B 279 -30.44 -27.54 27.67
CA ARG B 279 -31.65 -27.63 26.85
C ARG B 279 -31.32 -27.94 25.39
N GLN B 280 -30.05 -27.86 25.00
CA GLN B 280 -29.69 -28.24 23.60
C GLN B 280 -30.16 -29.65 23.21
N MET B 281 -30.13 -30.57 24.14
CA MET B 281 -30.53 -31.94 23.85
C MET B 281 -32.03 -32.07 23.58
N GLU B 282 -32.84 -31.32 24.33
CA GLU B 282 -34.28 -31.28 24.09
C GLU B 282 -34.59 -30.79 22.67
N VAL B 283 -33.92 -29.70 22.24
CA VAL B 283 -34.10 -29.15 20.92
C VAL B 283 -33.74 -30.18 19.85
N ALA B 284 -32.58 -30.82 20.03
CA ALA B 284 -32.16 -31.86 19.10
C ALA B 284 -33.19 -33.00 19.09
N GLN B 285 -33.76 -33.32 20.26
CA GLN B 285 -34.84 -34.36 20.31
C GLN B 285 -36.02 -33.99 19.48
N ASP B 286 -36.44 -32.75 19.64
CA ASP B 286 -37.56 -32.25 18.84
C ASP B 286 -37.23 -32.28 17.32
N ILE B 287 -36.00 -31.94 16.94
CA ILE B 287 -35.56 -32.03 15.52
C ILE B 287 -35.54 -33.49 15.05
N ALA B 288 -35.06 -34.39 15.89
CA ALA B 288 -35.10 -35.85 15.58
C ALA B 288 -36.54 -36.31 15.29
N ALA B 289 -37.46 -35.95 16.19
CA ALA B 289 -38.88 -36.27 16.01
C ALA B 289 -39.38 -35.70 14.67
N GLN B 290 -39.03 -34.45 14.32
CA GLN B 290 -39.48 -33.90 13.03
C GLN B 290 -38.87 -34.70 11.89
N LEU B 291 -37.61 -35.06 12.02
CA LEU B 291 -36.95 -35.82 10.94
C LEU B 291 -37.61 -37.19 10.69
N GLU B 292 -37.99 -37.87 11.78
CA GLU B 292 -38.74 -39.14 11.71
C GLU B 292 -40.14 -38.98 11.08
N GLN B 293 -40.91 -37.98 11.53
CA GLN B 293 -42.26 -37.68 11.01
C GLN B 293 -42.22 -37.19 9.53
N ASP B 294 -41.37 -36.22 9.25
CA ASP B 294 -41.24 -35.64 7.92
C ASP B 294 -39.95 -34.80 7.81
N GLY B 295 -40.01 -33.56 8.32
CA GLY B 295 -38.81 -32.70 8.42
C GLY B 295 -38.11 -32.41 7.10
N GLY B 296 -38.91 -32.34 6.03
CA GLY B 296 -38.40 -32.11 4.66
C GLY B 296 -37.70 -30.78 4.45
N ASN B 297 -38.01 -29.79 5.29
CA ASN B 297 -37.39 -28.49 5.17
C ASN B 297 -36.09 -28.28 5.97
N ILE B 298 -35.66 -29.29 6.71
CA ILE B 298 -34.47 -29.18 7.51
C ILE B 298 -33.27 -29.70 6.70
N MET B 299 -32.22 -28.91 6.70
CA MET B 299 -30.98 -29.33 6.04
C MET B 299 -29.80 -29.29 6.97
N GLY B 300 -29.97 -28.73 8.17
CA GLY B 300 -28.88 -28.71 9.10
C GLY B 300 -29.22 -28.24 10.48
N VAL B 301 -28.25 -28.41 11.36
CA VAL B 301 -28.37 -28.01 12.76
C VAL B 301 -27.06 -27.51 13.28
N MET B 302 -27.17 -26.74 14.34
CA MET B 302 -26.01 -26.14 14.93
C MET B 302 -26.00 -26.50 16.43
N VAL B 303 -24.82 -26.77 16.96
CA VAL B 303 -24.69 -27.18 18.35
C VAL B 303 -23.46 -26.59 18.98
N GLU B 304 -23.59 -26.07 20.20
CA GLU B 304 -22.46 -25.53 20.96
C GLU B 304 -21.98 -26.64 21.90
N SER B 305 -20.77 -27.13 21.57
CA SER B 305 -20.23 -28.31 22.16
C SER B 305 -18.73 -28.18 22.39
N HIS B 306 -18.26 -28.75 23.50
CA HIS B 306 -16.84 -28.72 23.87
C HIS B 306 -16.46 -29.95 24.67
N LEU B 307 -15.19 -30.06 25.02
CA LEU B 307 -14.70 -31.27 25.73
C LEU B 307 -15.40 -31.42 27.04
N VAL B 308 -15.64 -30.31 27.75
CA VAL B 308 -16.29 -30.29 29.07
C VAL B 308 -17.38 -29.21 29.10
N GLU B 309 -18.43 -29.47 29.87
CA GLU B 309 -19.65 -28.68 29.78
C GLU B 309 -19.56 -27.33 30.48
N GLY B 310 -20.56 -26.50 30.27
CA GLY B 310 -20.66 -25.25 30.99
C GLY B 310 -19.76 -24.13 30.44
N ARG B 311 -19.44 -23.18 31.32
CA ARG B 311 -18.66 -21.99 30.97
C ARG B 311 -17.93 -21.47 32.21
N GLN B 312 -16.91 -20.63 32.00
CA GLN B 312 -16.11 -20.07 33.10
C GLN B 312 -15.69 -18.68 32.64
N ASP B 313 -15.44 -17.81 33.60
CA ASP B 313 -15.10 -16.43 33.35
C ASP B 313 -13.64 -16.32 32.84
N LYS B 314 -12.73 -17.06 33.48
CA LYS B 314 -11.31 -17.13 33.09
C LYS B 314 -11.01 -18.54 32.56
N PRO B 315 -10.01 -18.68 31.69
CA PRO B 315 -9.67 -20.00 31.14
C PRO B 315 -8.93 -20.91 32.09
N GLU B 316 -9.60 -21.27 33.16
CA GLU B 316 -9.06 -22.10 34.22
C GLU B 316 -9.03 -23.59 33.82
N VAL B 317 -10.16 -24.13 33.38
CA VAL B 317 -10.25 -25.53 33.01
C VAL B 317 -10.05 -25.69 31.53
N TYR B 318 -9.23 -26.65 31.12
CA TYR B 318 -9.03 -27.01 29.73
C TYR B 318 -10.30 -27.55 29.21
N GLY B 319 -10.54 -27.29 27.93
CA GLY B 319 -11.70 -27.77 27.20
C GLY B 319 -13.05 -27.32 27.71
N LYS B 320 -13.12 -26.15 28.34
CA LYS B 320 -14.33 -25.56 28.87
C LYS B 320 -14.49 -24.10 28.35
N SER B 321 -15.65 -23.79 27.82
CA SER B 321 -15.88 -22.52 27.16
C SER B 321 -15.70 -21.30 28.09
N ILE B 322 -15.20 -20.20 27.52
CA ILE B 322 -15.17 -18.94 28.24
C ILE B 322 -16.21 -17.96 27.71
N THR B 323 -16.99 -18.41 26.74
CA THR B 323 -18.10 -17.57 26.20
C THR B 323 -19.47 -18.22 26.53
N ASP B 324 -20.35 -18.50 25.55
CA ASP B 324 -21.61 -19.23 25.85
C ASP B 324 -21.30 -20.66 26.36
N ALA B 325 -22.19 -21.18 27.20
CA ALA B 325 -21.97 -22.45 27.86
C ALA B 325 -22.17 -23.59 26.90
N CYS B 326 -21.35 -24.61 26.94
CA CYS B 326 -21.47 -25.67 25.97
C CYS B 326 -21.85 -26.98 26.62
N ILE B 327 -22.44 -27.91 25.87
CA ILE B 327 -22.55 -29.29 26.36
C ILE B 327 -21.15 -29.83 26.34
N GLY B 328 -20.96 -30.90 27.10
CA GLY B 328 -19.70 -31.62 27.19
C GLY B 328 -19.62 -32.75 26.17
N TRP B 329 -18.50 -33.45 26.16
CA TRP B 329 -18.23 -34.49 25.13
C TRP B 329 -19.20 -35.68 25.17
N GLY B 330 -19.51 -36.14 26.39
CA GLY B 330 -20.48 -37.19 26.54
C GLY B 330 -21.78 -36.85 25.88
N ALA B 331 -22.28 -35.66 26.20
CA ALA B 331 -23.57 -35.27 25.63
C ALA B 331 -23.46 -35.12 24.11
N THR B 332 -22.29 -34.75 23.61
CA THR B 332 -22.09 -34.62 22.16
C THR B 332 -22.25 -35.97 21.42
N GLU B 333 -21.66 -37.01 22.02
CA GLU B 333 -21.85 -38.41 21.53
C GLU B 333 -23.34 -38.77 21.47
N GLU B 334 -24.04 -38.54 22.57
CA GLU B 334 -25.48 -38.81 22.65
C GLU B 334 -26.29 -38.01 21.58
N LEU B 335 -26.04 -36.70 21.53
CA LEU B 335 -26.77 -35.86 20.58
C LEU B 335 -26.50 -36.28 19.15
N LEU B 336 -25.26 -36.55 18.81
CA LEU B 336 -24.98 -36.96 17.42
C LEU B 336 -25.57 -38.32 17.04
N ALA B 337 -25.55 -39.28 17.99
CA ALA B 337 -26.19 -40.58 17.73
C ALA B 337 -27.69 -40.41 17.48
N LEU B 338 -28.32 -39.57 18.28
CA LEU B 338 -29.76 -39.27 18.10
C LEU B 338 -30.10 -38.69 16.71
N LEU B 339 -29.31 -37.69 16.28
CA LEU B 339 -29.56 -37.09 14.96
C LEU B 339 -29.28 -38.06 13.84
N ALA B 340 -28.19 -38.83 13.94
CA ALA B 340 -27.86 -39.79 12.87
C ALA B 340 -28.97 -40.83 12.68
N GLY B 341 -29.44 -41.39 13.79
CA GLY B 341 -30.47 -42.41 13.74
C GLY B 341 -31.75 -41.86 13.14
N ALA B 342 -32.13 -40.65 13.56
CA ALA B 342 -33.40 -40.09 13.05
C ALA B 342 -33.28 -39.76 11.56
N ASN B 343 -32.14 -39.20 11.13
CA ASN B 343 -31.99 -38.84 9.72
C ASN B 343 -31.86 -40.06 8.82
N LYS B 344 -31.28 -41.14 9.35
CA LYS B 344 -31.19 -42.38 8.59
C LYS B 344 -32.58 -42.78 8.06
N LYS B 345 -33.58 -42.68 8.92
CA LYS B 345 -34.96 -42.99 8.54
C LYS B 345 -35.52 -42.00 7.51
N ARG B 346 -35.32 -40.69 7.74
CA ARG B 346 -35.80 -39.70 6.78
C ARG B 346 -35.22 -40.05 5.40
N MET B 347 -33.93 -40.35 5.36
CA MET B 347 -33.26 -40.69 4.10
C MET B 347 -33.80 -41.96 3.45
N ALA B 348 -34.20 -42.94 4.26
CA ALA B 348 -34.82 -44.19 3.77
C ALA B 348 -36.18 -44.01 3.06
N ARG B 349 -37.02 -43.12 3.57
CA ARG B 349 -38.28 -42.79 2.95
C ARG B 349 -37.91 -42.00 1.70
N ALA B 350 -38.51 -42.34 0.57
CA ALA B 350 -38.19 -41.66 -0.67
C ALA B 350 -38.94 -40.35 -0.72
N TYR C 5 21.50 -1.93 21.06
CA TYR C 5 20.42 -2.51 20.22
C TYR C 5 19.95 -1.72 18.97
N PRO C 6 19.95 -0.35 18.98
CA PRO C 6 19.33 0.30 17.79
C PRO C 6 20.19 0.14 16.51
N THR C 7 19.59 -0.34 15.41
CA THR C 7 20.36 -0.65 14.17
C THR C 7 19.65 -0.27 12.86
N ASP C 8 18.40 0.16 12.97
CA ASP C 8 17.58 0.44 11.82
C ASP C 8 17.23 1.95 11.74
N ASP C 9 17.29 2.51 10.53
CA ASP C 9 16.95 3.92 10.26
C ASP C 9 17.68 4.95 11.18
N ILE C 10 18.90 4.61 11.56
CA ILE C 10 19.76 5.47 12.41
C ILE C 10 19.96 6.89 11.76
N LYS C 11 20.12 6.95 10.43
CA LYS C 11 20.43 8.19 9.71
C LYS C 11 19.25 8.64 8.79
N ILE C 12 18.03 8.28 9.20
CA ILE C 12 16.79 8.76 8.56
C ILE C 12 16.13 9.81 9.49
N LYS C 13 16.04 11.08 9.04
CA LYS C 13 15.40 12.19 9.79
C LYS C 13 13.86 12.16 9.76
N GLU C 14 13.25 11.72 8.66
CA GLU C 14 11.82 11.37 8.62
C GLU C 14 11.41 10.71 7.30
N VAL C 15 10.24 10.12 7.36
CA VAL C 15 9.60 9.49 6.21
C VAL C 15 8.27 10.25 5.99
N LYS C 16 8.06 10.77 4.78
CA LYS C 16 6.88 11.61 4.48
C LYS C 16 5.94 11.06 3.42
N GLU C 17 4.71 11.58 3.46
CA GLU C 17 3.64 11.09 2.62
C GLU C 17 3.85 11.47 1.14
N LEU C 18 3.57 10.54 0.26
CA LEU C 18 3.79 10.68 -1.13
C LEU C 18 2.54 10.21 -1.76
N LEU C 19 1.93 11.07 -2.56
CA LEU C 19 0.78 10.68 -3.35
C LEU C 19 1.26 9.70 -4.41
N PRO C 20 0.48 8.64 -4.66
CA PRO C 20 0.86 7.71 -5.72
C PRO C 20 0.57 8.23 -7.11
N PRO C 21 1.22 7.67 -8.16
CA PRO C 21 0.94 8.07 -9.54
C PRO C 21 -0.54 8.16 -9.85
N ILE C 22 -1.34 7.20 -9.44
CA ILE C 22 -2.79 7.25 -9.75
C ILE C 22 -3.51 8.50 -9.26
N ALA C 23 -3.04 9.17 -8.23
CA ALA C 23 -3.70 10.43 -7.81
C ALA C 23 -3.47 11.51 -8.89
N HIS C 24 -2.23 11.57 -9.40
CA HIS C 24 -1.90 12.55 -10.45
C HIS C 24 -2.55 12.19 -11.78
N LEU C 25 -2.58 10.91 -12.09
CA LEU C 25 -3.26 10.47 -13.31
C LEU C 25 -4.76 10.74 -13.33
N TYR C 26 -5.42 10.66 -12.17
CA TYR C 26 -6.84 11.00 -12.03
C TYR C 26 -7.15 12.50 -12.27
N GLU C 27 -6.33 13.41 -11.75
CA GLU C 27 -6.47 14.84 -12.01
C GLU C 27 -6.06 15.23 -13.44
N LEU C 28 -5.04 14.55 -13.98
CA LEU C 28 -4.49 14.98 -15.24
C LEU C 28 -4.38 13.75 -16.13
N PRO C 29 -5.51 13.19 -16.50
CA PRO C 29 -5.40 12.07 -17.42
C PRO C 29 -4.81 12.51 -18.76
N ILE C 30 -4.18 11.58 -19.45
CA ILE C 30 -3.65 11.89 -20.76
C ILE C 30 -4.80 12.06 -21.72
N SER C 31 -4.75 13.11 -22.53
CA SER C 31 -5.80 13.35 -23.52
C SER C 31 -5.60 12.45 -24.75
N LYS C 32 -6.63 12.36 -25.59
CA LYS C 32 -6.54 11.60 -26.84
C LYS C 32 -5.41 12.17 -27.72
N GLU C 33 -5.27 13.47 -27.77
CA GLU C 33 -4.33 14.07 -28.67
C GLU C 33 -2.91 13.89 -28.14
N ALA C 34 -2.69 14.07 -26.83
CA ALA C 34 -1.38 13.82 -26.24
C ALA C 34 -1.00 12.37 -26.43
N SER C 35 -1.94 11.51 -26.21
CA SER C 35 -1.72 10.11 -26.44
C SER C 35 -1.28 9.81 -27.89
N GLY C 36 -1.99 10.38 -28.84
CA GLY C 36 -1.65 10.24 -30.29
C GLY C 36 -0.29 10.80 -30.67
N LEU C 37 0.03 11.96 -30.16
CA LEU C 37 1.36 12.51 -30.36
C LEU C 37 2.53 11.69 -29.75
N VAL C 38 2.37 11.25 -28.51
CA VAL C 38 3.40 10.47 -27.86
C VAL C 38 3.60 9.15 -28.65
N HIS C 39 2.51 8.45 -28.93
CA HIS C 39 2.56 7.21 -29.66
C HIS C 39 3.31 7.40 -31.04
N ARG C 40 2.97 8.45 -31.73
CA ARG C 40 3.48 8.70 -33.08
C ARG C 40 4.95 9.10 -33.07
N THR C 41 5.30 9.98 -32.16
CA THR C 41 6.67 10.42 -32.02
C THR C 41 7.60 9.28 -31.58
N ARG C 42 7.13 8.46 -30.65
CA ARG C 42 7.94 7.32 -30.29
C ARG C 42 8.22 6.50 -31.54
N GLN C 43 7.17 6.24 -32.35
CA GLN C 43 7.37 5.44 -33.56
C GLN C 43 8.39 6.10 -34.49
N GLU C 44 8.22 7.40 -34.69
CA GLU C 44 9.04 8.16 -35.61
C GLU C 44 10.48 8.16 -35.16
N ILE C 45 10.71 8.22 -33.86
CA ILE C 45 12.06 8.15 -33.34
C ILE C 45 12.66 6.73 -33.53
N SER C 46 11.87 5.73 -33.26
CA SER C 46 12.33 4.39 -33.47
C SER C 46 12.76 4.19 -34.93
N ASP C 47 11.98 4.77 -35.84
CA ASP C 47 12.37 4.77 -37.25
C ASP C 47 13.76 5.39 -37.50
N LEU C 48 14.12 6.40 -36.74
CA LEU C 48 15.41 7.05 -36.92
C LEU C 48 16.51 6.19 -36.29
N VAL C 49 16.21 5.57 -35.15
CA VAL C 49 17.18 4.74 -34.49
C VAL C 49 17.57 3.53 -35.36
N HIS C 50 16.61 3.02 -36.16
CA HIS C 50 16.85 1.81 -36.93
C HIS C 50 17.08 2.08 -38.43
N GLY C 51 17.29 3.35 -38.79
CA GLY C 51 17.64 3.73 -40.19
C GLY C 51 16.50 3.56 -41.23
N ARG C 52 15.26 3.54 -40.79
CA ARG C 52 14.12 3.61 -41.67
C ARG C 52 13.87 4.98 -42.27
N ASP C 53 14.29 6.00 -41.57
CA ASP C 53 14.00 7.39 -41.93
C ASP C 53 15.27 8.20 -41.63
N LYS C 54 15.54 9.18 -42.47
CA LYS C 54 16.81 9.87 -42.40
C LYS C 54 16.65 11.33 -41.92
N ARG C 55 15.46 11.70 -41.44
CA ARG C 55 15.31 12.95 -40.73
C ARG C 55 16.23 12.96 -39.50
N LEU C 56 16.54 14.13 -38.99
CA LEU C 56 17.42 14.25 -37.85
C LEU C 56 16.60 14.55 -36.56
N LEU C 57 16.69 13.69 -35.56
CA LEU C 57 16.03 13.97 -34.28
C LEU C 57 16.76 15.14 -33.67
N VAL C 58 16.03 16.16 -33.22
CA VAL C 58 16.66 17.25 -32.52
C VAL C 58 16.03 17.44 -31.13
N ILE C 59 16.82 17.13 -30.11
CA ILE C 59 16.37 17.24 -28.72
C ILE C 59 16.88 18.58 -28.25
N ILE C 60 15.98 19.51 -28.09
CA ILE C 60 16.40 20.89 -27.91
C ILE C 60 15.53 21.63 -26.92
N GLY C 61 16.17 22.41 -26.09
CA GLY C 61 15.47 23.22 -25.08
C GLY C 61 16.37 23.52 -23.92
N PRO C 62 15.79 24.02 -22.83
CA PRO C 62 16.53 24.34 -21.63
C PRO C 62 17.34 23.22 -21.00
N CYS C 63 18.45 23.58 -20.36
CA CYS C 63 19.22 22.61 -19.56
C CYS C 63 18.24 22.00 -18.52
N SER C 64 17.57 22.89 -17.81
CA SER C 64 16.60 22.49 -16.83
C SER C 64 15.37 23.38 -16.88
N ILE C 65 14.25 22.80 -16.55
CA ILE C 65 12.99 23.56 -16.45
C ILE C 65 12.86 24.07 -15.02
N HIS C 66 12.86 25.39 -14.85
CA HIS C 66 12.56 25.96 -13.53
C HIS C 66 11.31 26.87 -13.48
N ASP C 67 10.67 27.11 -14.64
CA ASP C 67 9.52 28.00 -14.76
C ASP C 67 8.57 27.55 -15.90
N PRO C 68 7.40 26.96 -15.56
CA PRO C 68 6.56 26.41 -16.60
C PRO C 68 6.03 27.42 -17.57
N LYS C 69 5.88 28.67 -17.14
CA LYS C 69 5.38 29.70 -17.99
C LYS C 69 6.37 29.94 -19.13
N ALA C 70 7.62 30.18 -18.79
CA ALA C 70 8.68 30.33 -19.79
C ALA C 70 8.81 29.09 -20.66
N ALA C 71 8.63 27.94 -20.07
CA ALA C 71 8.69 26.71 -20.82
C ALA C 71 7.59 26.64 -21.87
N LEU C 72 6.38 27.06 -21.53
CA LEU C 72 5.32 27.01 -22.53
C LEU C 72 5.54 28.04 -23.62
N GLU C 73 6.08 29.19 -23.24
CA GLU C 73 6.41 30.19 -24.21
C GLU C 73 7.46 29.71 -25.21
N TYR C 74 8.55 29.12 -24.66
CA TYR C 74 9.62 28.57 -25.46
C TYR C 74 9.03 27.53 -26.40
N ALA C 75 8.17 26.71 -25.84
CA ALA C 75 7.51 25.68 -26.64
C ALA C 75 6.69 26.22 -27.81
N GLU C 76 5.98 27.29 -27.59
CA GLU C 76 5.18 27.92 -28.68
C GLU C 76 6.04 28.39 -29.87
N ARG C 77 7.15 29.05 -29.55
CA ARG C 77 8.12 29.48 -30.63
C ARG C 77 8.76 28.26 -31.34
N LEU C 78 9.11 27.23 -30.54
CA LEU C 78 9.74 26.03 -31.09
C LEU C 78 8.78 25.32 -32.01
N LEU C 79 7.50 25.34 -31.64
CA LEU C 79 6.51 24.62 -32.41
C LEU C 79 6.46 25.12 -33.88
N LYS C 80 6.62 26.41 -34.11
CA LYS C 80 6.61 26.93 -35.48
C LYS C 80 7.73 26.28 -36.28
N LEU C 81 8.88 26.16 -35.67
CA LEU C 81 10.03 25.61 -36.35
C LEU C 81 9.93 24.10 -36.54
N ARG C 82 9.41 23.40 -35.52
CA ARG C 82 9.09 21.99 -35.64
C ARG C 82 8.29 21.73 -36.89
N LYS C 83 7.27 22.58 -37.12
CA LYS C 83 6.42 22.42 -38.27
C LYS C 83 7.21 22.74 -39.51
N GLN C 84 7.82 23.92 -39.50
CA GLN C 84 8.50 24.38 -40.70
C GLN C 84 9.51 23.33 -41.21
N TYR C 85 10.27 22.74 -40.31
CA TYR C 85 11.31 21.83 -40.68
C TYR C 85 10.95 20.35 -40.68
N GLU C 86 9.66 20.05 -40.63
CA GLU C 86 9.22 18.69 -40.36
C GLU C 86 9.64 17.64 -41.40
N ASN C 87 10.11 18.06 -42.56
CA ASN C 87 10.56 17.09 -43.54
C ASN C 87 12.02 16.76 -43.35
N GLU C 88 12.72 17.61 -42.63
CA GLU C 88 14.16 17.44 -42.43
C GLU C 88 14.55 17.09 -40.99
N LEU C 89 13.77 17.61 -40.05
CA LEU C 89 14.06 17.50 -38.64
C LEU C 89 12.85 17.00 -37.90
N LEU C 90 13.09 16.19 -36.86
CA LEU C 90 12.03 15.81 -35.93
C LEU C 90 12.38 16.49 -34.65
N ILE C 91 11.74 17.62 -34.42
CA ILE C 91 12.06 18.45 -33.25
C ILE C 91 11.20 18.01 -32.02
N VAL C 92 11.89 17.77 -30.90
CA VAL C 92 11.26 17.39 -29.63
C VAL C 92 11.87 18.24 -28.57
N MET C 93 11.10 18.74 -27.63
CA MET C 93 11.66 19.68 -26.64
C MET C 93 12.34 18.97 -25.49
N ARG C 94 13.41 19.56 -24.97
CA ARG C 94 14.03 19.15 -23.71
C ARG C 94 13.20 19.68 -22.58
N VAL C 95 12.68 18.75 -21.78
CA VAL C 95 11.87 19.07 -20.57
C VAL C 95 12.44 18.28 -19.45
N TYR C 96 13.57 18.76 -18.97
CA TYR C 96 14.37 18.09 -17.98
C TYR C 96 14.09 18.62 -16.59
N PHE C 97 13.62 17.75 -15.71
CA PHE C 97 13.32 18.15 -14.35
C PHE C 97 14.44 17.73 -13.44
N GLU C 98 14.84 16.48 -13.58
CA GLU C 98 15.80 15.82 -12.71
C GLU C 98 17.25 16.10 -13.15
N LYS C 99 18.01 16.81 -12.30
CA LYS C 99 19.39 17.29 -12.61
C LYS C 99 20.49 16.72 -11.68
N PRO C 100 21.41 15.91 -12.24
CA PRO C 100 22.43 15.29 -11.41
CA PRO C 100 22.43 15.28 -11.41
C PRO C 100 23.55 16.27 -11.11
N ARG C 101 23.88 16.47 -9.84
CA ARG C 101 24.94 17.40 -9.48
C ARG C 101 26.26 16.67 -9.36
N THR C 102 27.34 17.45 -9.49
CA THR C 102 28.71 16.97 -9.35
C THR C 102 28.97 16.56 -7.91
N THR C 103 28.55 17.41 -6.98
CA THR C 103 28.46 17.07 -5.57
C THR C 103 27.07 17.41 -5.12
N VAL C 104 26.93 18.66 -4.65
CA VAL C 104 25.76 19.11 -3.92
C VAL C 104 25.06 20.08 -4.82
N GLY C 105 23.73 20.07 -4.83
CA GLY C 105 23.01 21.01 -5.69
C GLY C 105 21.50 20.90 -5.76
N TRP C 106 20.90 21.91 -6.41
CA TRP C 106 19.48 21.96 -6.78
C TRP C 106 19.18 20.79 -7.74
N LYS C 107 18.32 19.86 -7.30
CA LYS C 107 18.14 18.60 -8.05
C LYS C 107 17.03 18.75 -9.11
N GLY C 108 16.29 19.89 -9.08
CA GLY C 108 15.28 20.20 -10.11
C GLY C 108 13.89 20.67 -9.63
N LEU C 109 12.97 20.81 -10.57
CA LEU C 109 11.63 21.29 -10.27
C LEU C 109 10.79 20.24 -9.51
N ILE C 110 11.03 18.96 -9.77
CA ILE C 110 10.32 17.90 -9.04
C ILE C 110 10.75 17.97 -7.59
N ASN C 111 12.05 17.85 -7.40
CA ASN C 111 12.63 17.73 -6.09
C ASN C 111 12.40 18.97 -5.23
N ASP C 112 12.24 20.15 -5.82
CA ASP C 112 12.10 21.41 -5.07
C ASP C 112 11.46 22.55 -5.87
N PRO C 113 10.17 22.43 -6.18
CA PRO C 113 9.53 23.30 -7.15
C PRO C 113 9.43 24.76 -6.73
N HIS C 114 9.51 25.05 -5.45
CA HIS C 114 9.33 26.39 -5.01
C HIS C 114 10.58 27.20 -5.09
N LEU C 115 11.67 26.53 -5.39
CA LEU C 115 12.92 27.20 -5.49
C LEU C 115 13.36 27.89 -4.18
N ASP C 116 13.16 27.22 -3.06
CA ASP C 116 13.60 27.72 -1.75
C ASP C 116 14.12 26.66 -0.82
N GLY C 117 14.41 25.48 -1.33
CA GLY C 117 14.68 24.31 -0.52
C GLY C 117 13.63 23.73 0.39
N THR C 118 12.39 23.64 -0.07
CA THR C 118 11.32 23.05 0.73
C THR C 118 10.89 21.66 0.29
N PHE C 119 11.55 21.16 -0.71
CA PHE C 119 11.37 19.77 -1.11
C PHE C 119 9.91 19.33 -1.19
N ASP C 120 9.09 20.16 -1.81
CA ASP C 120 7.67 19.84 -1.97
C ASP C 120 7.41 18.88 -3.17
N ILE C 121 7.73 17.59 -2.98
CA ILE C 121 7.77 16.66 -4.09
C ILE C 121 6.37 16.41 -4.67
N ASN C 122 5.35 16.41 -3.80
CA ASN C 122 3.99 16.18 -4.28
C ASN C 122 3.60 17.27 -5.29
N PHE C 123 3.86 18.51 -4.94
CA PHE C 123 3.57 19.67 -5.80
C PHE C 123 4.44 19.58 -7.10
N GLY C 124 5.72 19.26 -6.91
CA GLY C 124 6.63 19.15 -8.06
C GLY C 124 6.26 18.12 -9.07
N LEU C 125 5.84 16.91 -8.59
CA LEU C 125 5.39 15.89 -9.52
C LEU C 125 4.11 16.34 -10.23
N ARG C 126 3.19 16.96 -9.49
CA ARG C 126 1.96 17.50 -10.09
C ARG C 126 2.29 18.55 -11.19
N GLN C 127 3.13 19.51 -10.85
CA GLN C 127 3.57 20.53 -11.80
C GLN C 127 4.25 19.95 -13.01
N ALA C 128 5.11 18.97 -12.78
CA ALA C 128 5.80 18.33 -13.91
C ALA C 128 4.81 17.70 -14.86
N ARG C 129 3.90 16.89 -14.32
CA ARG C 129 2.88 16.24 -15.14
C ARG C 129 2.05 17.26 -15.87
N SER C 130 1.68 18.36 -15.20
CA SER C 130 0.81 19.35 -15.83
C SER C 130 1.47 20.03 -17.03
N LEU C 131 2.73 20.41 -16.86
CA LEU C 131 3.46 20.99 -17.97
C LEU C 131 3.59 19.96 -19.09
N LEU C 132 3.91 18.73 -18.77
CA LEU C 132 4.10 17.76 -19.85
C LEU C 132 2.80 17.59 -20.67
N LEU C 133 1.71 17.51 -19.98
CA LEU C 133 0.41 17.44 -20.59
C LEU C 133 0.07 18.69 -21.44
N SER C 134 0.27 19.90 -20.92
CA SER C 134 0.05 21.09 -21.81
C SER C 134 0.96 21.09 -23.06
N LEU C 135 2.23 20.76 -22.86
CA LEU C 135 3.15 20.75 -23.99
C LEU C 135 2.62 19.80 -25.09
N ASN C 136 2.32 18.57 -24.73
CA ASN C 136 1.83 17.64 -25.71
C ASN C 136 0.49 18.11 -26.28
N ASN C 137 -0.37 18.77 -25.48
CA ASN C 137 -1.67 19.20 -26.02
C ASN C 137 -1.54 20.26 -27.12
N MET C 138 -0.50 21.08 -27.06
CA MET C 138 -0.32 22.11 -28.06
C MET C 138 0.44 21.56 -29.29
N GLY C 139 0.90 20.31 -29.25
CA GLY C 139 1.62 19.72 -30.39
C GLY C 139 3.12 19.57 -30.23
N MET C 140 3.68 19.91 -29.04
CA MET C 140 5.12 19.73 -28.79
C MET C 140 5.39 18.46 -27.96
N PRO C 141 6.05 17.46 -28.56
CA PRO C 141 6.46 16.32 -27.79
C PRO C 141 7.61 16.66 -26.86
N ALA C 142 7.75 15.86 -25.82
CA ALA C 142 8.68 16.11 -24.76
C ALA C 142 9.64 14.97 -24.50
N SER C 143 10.84 15.35 -24.03
CA SER C 143 11.92 14.41 -23.70
C SER C 143 12.43 14.78 -22.33
N THR C 144 13.03 13.83 -21.64
CA THR C 144 13.52 14.12 -20.29
C THR C 144 14.55 13.07 -19.84
N GLU C 145 15.33 13.41 -18.83
CA GLU C 145 16.24 12.47 -18.25
C GLU C 145 15.55 11.73 -17.10
N PHE C 146 15.58 10.41 -17.16
CA PHE C 146 15.12 9.58 -16.04
C PHE C 146 16.26 9.30 -15.12
N LEU C 147 16.22 9.92 -13.96
CA LEU C 147 17.29 9.81 -13.01
C LEU C 147 16.90 8.85 -11.84
N ASP C 148 15.64 8.80 -11.52
CA ASP C 148 15.17 8.11 -10.33
C ASP C 148 14.40 6.86 -10.80
N MET C 149 14.26 5.83 -9.97
CA MET C 149 13.45 4.66 -10.35
C MET C 149 11.92 4.82 -10.25
N ILE C 150 11.47 5.80 -9.46
CA ILE C 150 10.08 5.87 -9.04
C ILE C 150 9.31 6.98 -9.74
N THR C 151 9.94 8.15 -9.92
CA THR C 151 9.32 9.26 -10.63
C THR C 151 8.78 8.96 -12.02
N PRO C 152 9.43 8.09 -12.83
CA PRO C 152 8.82 7.77 -14.14
C PRO C 152 7.34 7.28 -14.16
N GLN C 153 6.88 6.60 -13.11
CA GLN C 153 5.50 6.18 -13.07
C GLN C 153 4.53 7.39 -13.13
N TYR C 154 5.00 8.58 -12.76
CA TYR C 154 4.13 9.78 -12.67
C TYR C 154 3.94 10.49 -13.98
N TYR C 155 4.84 10.29 -14.94
CA TYR C 155 4.70 10.98 -16.21
C TYR C 155 5.41 10.38 -17.46
N ALA C 156 5.94 9.16 -17.39
CA ALA C 156 6.56 8.55 -18.60
C ALA C 156 5.57 8.47 -19.75
N ASP C 157 4.27 8.34 -19.43
CA ASP C 157 3.22 8.27 -20.46
C ASP C 157 3.19 9.55 -21.34
N LEU C 158 3.82 10.63 -20.87
CA LEU C 158 3.89 11.87 -21.63
C LEU C 158 5.26 12.13 -22.34
N ILE C 159 6.16 11.12 -22.32
CA ILE C 159 7.53 11.32 -22.75
C ILE C 159 7.77 10.52 -24.00
N SER C 160 8.25 11.19 -25.02
CA SER C 160 8.50 10.59 -26.31
C SER C 160 9.92 10.10 -26.47
N TRP C 161 10.83 10.61 -25.65
CA TRP C 161 12.22 10.21 -25.72
C TRP C 161 12.84 10.42 -24.36
N GLY C 162 13.60 9.42 -23.88
CA GLY C 162 14.29 9.51 -22.60
C GLY C 162 15.77 9.41 -22.66
N ALA C 163 16.44 10.09 -21.74
CA ALA C 163 17.90 10.01 -21.68
C ALA C 163 18.22 9.34 -20.36
N ILE C 164 19.30 8.53 -20.38
CA ILE C 164 19.97 8.13 -19.14
C ILE C 164 21.29 8.87 -19.11
N GLY C 165 21.52 9.64 -18.02
CA GLY C 165 22.70 10.50 -17.92
C GLY C 165 24.04 9.81 -17.87
N ALA C 166 25.07 10.57 -18.19
CA ALA C 166 26.44 10.08 -18.20
C ALA C 166 26.82 9.42 -16.87
N ARG C 167 26.27 9.94 -15.78
CA ARG C 167 26.59 9.49 -14.45
CA ARG C 167 26.58 9.48 -14.45
C ARG C 167 25.90 8.18 -14.06
N THR C 168 25.00 7.71 -14.90
CA THR C 168 24.15 6.57 -14.61
C THR C 168 24.06 5.56 -15.73
N THR C 169 24.75 5.80 -16.83
CA THR C 169 24.72 4.86 -17.92
C THR C 169 25.30 3.50 -17.52
N GLU C 170 26.26 3.52 -16.62
CA GLU C 170 26.92 2.32 -16.11
C GLU C 170 26.08 1.55 -15.05
N SER C 171 25.07 2.20 -14.49
CA SER C 171 24.29 1.69 -13.37
C SER C 171 23.30 0.63 -13.81
N GLN C 172 23.41 -0.55 -13.20
CA GLN C 172 22.56 -1.65 -13.58
C GLN C 172 21.08 -1.30 -13.39
N VAL C 173 20.73 -0.56 -12.34
CA VAL C 173 19.30 -0.33 -12.09
C VAL C 173 18.74 0.66 -13.06
N HIS C 174 19.60 1.53 -13.61
CA HIS C 174 19.16 2.45 -14.70
C HIS C 174 19.03 1.73 -16.01
N ARG C 175 19.91 0.80 -16.26
CA ARG C 175 19.73 -0.04 -17.43
C ARG C 175 18.44 -0.89 -17.32
N GLU C 176 18.12 -1.38 -16.10
CA GLU C 176 16.89 -2.14 -15.90
C GLU C 176 15.70 -1.29 -16.19
N LEU C 177 15.70 -0.08 -15.63
CA LEU C 177 14.63 0.85 -15.85
C LEU C 177 14.40 1.09 -17.35
N ALA C 178 15.48 1.33 -18.06
CA ALA C 178 15.37 1.62 -19.48
C ALA C 178 14.73 0.45 -20.19
N SER C 179 15.10 -0.77 -19.79
CA SER C 179 14.54 -2.00 -20.43
C SER C 179 13.03 -2.09 -20.33
N GLY C 180 12.42 -1.25 -19.50
CA GLY C 180 10.99 -1.25 -19.28
C GLY C 180 10.29 0.04 -19.66
N LEU C 181 11.02 1.01 -20.23
CA LEU C 181 10.43 2.28 -20.62
C LEU C 181 9.74 2.15 -21.96
N SER C 182 8.61 2.84 -22.10
CA SER C 182 7.85 2.71 -23.30
C SER C 182 8.43 3.56 -24.43
N CYS C 183 9.36 4.45 -24.11
CA CYS C 183 9.95 5.32 -25.14
C CYS C 183 11.34 4.81 -25.57
N PRO C 184 11.83 5.26 -26.73
CA PRO C 184 13.23 5.18 -27.07
C PRO C 184 14.10 5.89 -26.05
N VAL C 185 15.30 5.34 -25.82
CA VAL C 185 16.19 5.83 -24.77
C VAL C 185 17.61 6.01 -25.31
N GLY C 186 18.20 7.16 -25.03
CA GLY C 186 19.60 7.39 -25.38
C GLY C 186 20.49 7.32 -24.15
N PHE C 187 21.61 6.62 -24.30
CA PHE C 187 22.58 6.44 -23.25
C PHE C 187 23.82 7.25 -23.57
N LYS C 188 24.20 8.13 -22.66
CA LYS C 188 25.36 8.98 -22.84
C LYS C 188 26.62 8.22 -22.52
N ASN C 189 27.69 8.54 -23.22
CA ASN C 189 29.01 8.09 -22.83
C ASN C 189 29.41 8.70 -21.46
N GLY C 190 30.38 8.07 -20.81
CA GLY C 190 30.77 8.44 -19.44
C GLY C 190 31.40 9.80 -19.37
N THR C 191 31.42 10.37 -18.16
CA THR C 191 31.87 11.75 -18.00
C THR C 191 33.32 11.95 -18.46
N ASP C 192 34.11 10.88 -18.52
CA ASP C 192 35.49 11.00 -19.05
C ASP C 192 35.69 10.49 -20.47
N GLY C 193 34.61 10.09 -21.12
CA GLY C 193 34.66 9.77 -22.57
C GLY C 193 34.50 8.30 -22.87
N ASN C 194 34.30 7.49 -21.84
CA ASN C 194 34.12 6.08 -22.08
C ASN C 194 32.84 5.81 -22.84
N LEU C 195 33.00 5.19 -24.02
CA LEU C 195 31.87 4.88 -24.90
C LEU C 195 31.32 3.49 -24.66
N LYS C 196 32.19 2.59 -24.19
CA LYS C 196 31.84 1.22 -24.10
C LYS C 196 30.65 1.06 -23.13
N ILE C 197 30.64 1.85 -22.06
CA ILE C 197 29.58 1.72 -21.04
C ILE C 197 28.26 1.99 -21.64
N ALA C 198 28.22 2.84 -22.67
CA ALA C 198 26.94 3.17 -23.30
C ALA C 198 26.50 2.06 -24.25
N ILE C 199 27.48 1.45 -24.88
CA ILE C 199 27.22 0.37 -25.79
C ILE C 199 26.76 -0.86 -25.02
N ASP C 200 27.46 -1.18 -23.93
CA ASP C 200 27.00 -2.20 -22.96
C ASP C 200 25.57 -1.92 -22.50
N ALA C 201 25.31 -0.68 -22.12
CA ALA C 201 23.95 -0.31 -21.63
C ALA C 201 22.88 -0.65 -22.64
N ILE C 202 23.12 -0.36 -23.91
CA ILE C 202 22.12 -0.67 -24.94
C ILE C 202 21.88 -2.15 -24.90
N GLY C 203 22.99 -2.92 -24.89
CA GLY C 203 22.92 -4.37 -24.84
C GLY C 203 22.05 -4.81 -23.70
N ALA C 204 22.38 -4.36 -22.49
CA ALA C 204 21.59 -4.67 -21.29
C ALA C 204 20.12 -4.27 -21.36
N ALA C 205 19.84 -3.06 -21.85
CA ALA C 205 18.47 -2.51 -21.83
C ALA C 205 17.58 -3.19 -22.87
N SER C 206 18.17 -3.83 -23.88
CA SER C 206 17.37 -4.57 -24.90
C SER C 206 16.85 -5.91 -24.42
N HIS C 207 17.35 -6.40 -23.30
CA HIS C 207 16.88 -7.66 -22.76
C HIS C 207 15.86 -7.47 -21.66
N SER C 208 15.07 -8.50 -21.48
CA SER C 208 14.14 -8.59 -20.39
C SER C 208 14.86 -8.59 -19.02
N HIS C 209 14.29 -7.93 -18.01
CA HIS C 209 14.82 -7.93 -16.66
C HIS C 209 13.71 -8.13 -15.61
N HIS C 210 14.14 -8.60 -14.43
CA HIS C 210 13.30 -8.68 -13.24
C HIS C 210 13.96 -7.85 -12.21
N PHE C 211 13.21 -6.89 -11.69
CA PHE C 211 13.71 -6.02 -10.64
C PHE C 211 12.54 -5.49 -9.81
N LEU C 212 12.89 -4.84 -8.72
CA LEU C 212 11.91 -4.35 -7.79
C LEU C 212 11.55 -2.95 -8.20
N GLY C 213 10.25 -2.67 -8.32
CA GLY C 213 9.76 -1.34 -8.67
C GLY C 213 8.51 -0.94 -7.91
N VAL C 214 7.86 0.13 -8.35
CA VAL C 214 6.66 0.63 -7.62
C VAL C 214 5.52 0.71 -8.61
N THR C 215 4.34 0.23 -8.21
CA THR C 215 3.16 0.26 -9.10
C THR C 215 2.57 1.67 -9.17
N LYS C 216 1.60 1.85 -10.05
CA LYS C 216 0.91 3.13 -10.16
C LYS C 216 0.17 3.47 -8.87
N ALA C 217 -0.10 2.47 -8.06
CA ALA C 217 -0.84 2.68 -6.82
C ALA C 217 0.11 2.97 -5.68
N GLY C 218 1.41 3.02 -5.97
CA GLY C 218 2.38 3.37 -4.93
C GLY C 218 2.83 2.20 -4.03
N HIS C 219 2.74 0.96 -4.52
CA HIS C 219 3.16 -0.20 -3.75
C HIS C 219 4.32 -0.93 -4.46
N SER C 220 5.28 -1.44 -3.72
CA SER C 220 6.45 -2.07 -4.34
C SER C 220 6.00 -3.38 -4.92
N ALA C 221 6.68 -3.82 -5.97
CA ALA C 221 6.32 -5.03 -6.65
C ALA C 221 7.54 -5.49 -7.50
N ILE C 222 7.45 -6.70 -8.04
CA ILE C 222 8.46 -7.26 -8.89
C ILE C 222 8.05 -6.93 -10.28
N VAL C 223 8.88 -6.19 -11.01
CA VAL C 223 8.51 -5.87 -12.40
C VAL C 223 9.31 -6.72 -13.33
N HIS C 224 8.61 -7.32 -14.27
CA HIS C 224 9.20 -8.08 -15.32
C HIS C 224 9.06 -7.32 -16.64
N THR C 225 10.16 -6.83 -17.17
CA THR C 225 10.18 -6.05 -18.42
C THR C 225 10.40 -6.91 -19.65
N GLY C 226 10.04 -6.35 -20.79
CA GLY C 226 10.17 -7.01 -22.07
C GLY C 226 11.36 -6.56 -22.90
N GLY C 227 12.15 -5.60 -22.40
CA GLY C 227 13.34 -5.14 -23.11
C GLY C 227 12.99 -3.97 -24.00
N ASN C 228 13.96 -3.08 -24.24
CA ASN C 228 13.72 -1.88 -25.04
C ASN C 228 14.55 -1.95 -26.33
N PRO C 229 13.92 -2.19 -27.48
CA PRO C 229 14.66 -2.35 -28.73
C PRO C 229 15.11 -1.05 -29.36
N ASP C 230 14.77 0.11 -28.76
CA ASP C 230 15.02 1.43 -29.39
C ASP C 230 15.98 2.30 -28.59
N CYS C 231 17.09 1.73 -28.19
CA CYS C 231 18.09 2.47 -27.47
C CYS C 231 19.20 2.86 -28.43
N HIS C 232 19.93 3.90 -28.08
CA HIS C 232 21.09 4.27 -28.89
C HIS C 232 22.00 5.03 -27.99
N VAL C 233 23.18 5.33 -28.52
CA VAL C 233 24.23 6.01 -27.81
C VAL C 233 24.17 7.49 -28.10
N ILE C 234 24.70 8.28 -27.16
CA ILE C 234 24.82 9.72 -27.32
C ILE C 234 26.24 10.09 -27.01
N LEU C 235 26.89 10.79 -27.95
CA LEU C 235 28.24 11.26 -27.81
C LEU C 235 28.19 12.67 -27.23
N ARG C 236 28.73 12.83 -26.03
CA ARG C 236 28.60 14.08 -25.27
C ARG C 236 29.91 14.58 -24.73
N GLY C 237 31.03 14.09 -25.29
CA GLY C 237 32.33 14.57 -24.91
C GLY C 237 32.86 13.83 -23.69
N GLY C 238 34.14 14.01 -23.42
CA GLY C 238 34.83 13.41 -22.30
C GLY C 238 35.97 14.28 -21.85
N LYS C 239 37.15 13.68 -21.74
CA LYS C 239 38.43 14.36 -21.58
C LYS C 239 38.63 15.25 -22.79
N GLU C 240 38.18 14.77 -23.94
CA GLU C 240 38.17 15.60 -25.12
C GLU C 240 36.81 15.50 -25.78
N PRO C 241 36.53 16.35 -26.73
CA PRO C 241 35.26 16.34 -27.44
C PRO C 241 35.17 15.17 -28.34
N ASN C 242 33.98 14.66 -28.60
CA ASN C 242 33.82 13.50 -29.44
C ASN C 242 32.79 13.63 -30.53
N TYR C 243 32.49 14.86 -30.88
CA TYR C 243 31.58 15.14 -31.96
C TYR C 243 32.02 14.87 -33.40
N ASP C 244 33.31 14.90 -33.68
CA ASP C 244 33.79 14.98 -35.09
C ASP C 244 33.62 13.67 -35.84
N ALA C 245 33.91 13.69 -37.12
CA ALA C 245 33.70 12.54 -38.00
C ALA C 245 34.48 11.27 -37.60
N GLU C 246 35.70 11.46 -37.09
CA GLU C 246 36.61 10.34 -36.73
C GLU C 246 36.01 9.64 -35.50
N HIS C 247 35.61 10.41 -34.50
CA HIS C 247 34.93 9.83 -33.33
C HIS C 247 33.60 9.16 -33.70
N VAL C 248 32.88 9.73 -34.65
CA VAL C 248 31.61 9.15 -35.10
C VAL C 248 31.89 7.79 -35.74
N SER C 249 32.92 7.77 -36.59
CA SER C 249 33.30 6.57 -37.28
C SER C 249 33.79 5.46 -36.32
N GLU C 250 34.59 5.83 -35.33
CA GLU C 250 35.08 4.89 -34.31
C GLU C 250 33.87 4.32 -33.56
N ALA C 251 32.97 5.20 -33.14
CA ALA C 251 31.79 4.80 -32.40
C ALA C 251 30.95 3.80 -33.21
N ALA C 252 30.76 4.08 -34.50
CA ALA C 252 29.92 3.25 -35.37
C ALA C 252 30.50 1.84 -35.52
N GLU C 253 31.82 1.78 -35.69
CA GLU C 253 32.54 0.50 -35.77
C GLU C 253 32.28 -0.25 -34.48
N GLN C 254 32.51 0.41 -33.34
CA GLN C 254 32.34 -0.24 -32.03
C GLN C 254 30.89 -0.71 -31.83
N LEU C 255 29.91 0.04 -32.37
CA LEU C 255 28.51 -0.33 -32.23
C LEU C 255 28.17 -1.59 -33.04
N ARG C 256 28.60 -1.60 -34.30
CA ARG C 256 28.43 -2.78 -35.17
C ARG C 256 29.13 -4.01 -34.59
N ALA C 257 30.28 -3.83 -33.98
CA ALA C 257 30.98 -4.97 -33.34
C ALA C 257 30.18 -5.56 -32.17
N ALA C 258 29.43 -4.73 -31.48
CA ALA C 258 28.59 -5.18 -30.38
C ALA C 258 27.23 -5.66 -30.87
N GLY C 259 26.94 -5.50 -32.16
CA GLY C 259 25.70 -6.04 -32.70
C GLY C 259 24.50 -5.15 -32.42
N VAL C 260 24.74 -3.87 -32.17
CA VAL C 260 23.66 -2.94 -31.86
C VAL C 260 23.65 -1.85 -32.90
N THR C 261 22.58 -1.04 -32.89
CA THR C 261 22.39 -0.04 -33.90
C THR C 261 23.57 0.88 -33.94
N ASP C 262 24.03 1.16 -35.15
CA ASP C 262 25.17 2.08 -35.36
C ASP C 262 24.75 3.51 -35.70
N LYS C 263 23.49 3.86 -35.42
CA LYS C 263 22.95 5.22 -35.56
C LYS C 263 22.95 5.88 -34.21
N LEU C 264 23.51 7.08 -34.15
CA LEU C 264 23.78 7.70 -32.87
C LEU C 264 23.44 9.19 -32.84
N MET C 265 23.49 9.76 -31.67
CA MET C 265 23.16 11.14 -31.45
C MET C 265 24.39 11.83 -30.95
N ILE C 266 24.50 13.12 -31.29
CA ILE C 266 25.60 13.95 -30.84
C ILE C 266 25.07 15.11 -30.03
N ASP C 267 25.60 15.32 -28.83
CA ASP C 267 25.19 16.37 -27.96
C ASP C 267 26.10 17.56 -28.31
N CYS C 268 25.51 18.71 -28.67
CA CYS C 268 26.31 19.90 -29.00
C CYS C 268 26.79 20.61 -27.76
N SER C 269 26.24 20.25 -26.59
CA SER C 269 26.53 20.99 -25.38
C SER C 269 27.44 20.22 -24.44
N HIS C 270 27.37 20.51 -23.15
CA HIS C 270 28.18 19.84 -22.12
C HIS C 270 29.67 19.68 -22.51
N ALA C 271 30.24 18.48 -22.43
CA ALA C 271 31.69 18.33 -22.65
C ALA C 271 32.09 18.53 -24.12
N ASN C 272 31.12 18.47 -25.02
CA ASN C 272 31.41 18.72 -26.38
C ASN C 272 31.66 20.19 -26.70
N SER C 273 31.08 21.10 -25.95
CA SER C 273 31.31 22.52 -26.17
C SER C 273 32.06 23.23 -25.02
N ARG C 274 32.48 22.47 -24.05
CA ARG C 274 33.34 22.97 -22.99
C ARG C 274 32.78 24.17 -22.23
N LYS C 275 33.59 25.19 -22.13
CA LYS C 275 33.38 26.30 -21.27
C LYS C 275 32.74 27.41 -22.03
N ASP C 276 32.29 27.16 -23.26
CA ASP C 276 31.55 28.15 -24.03
C ASP C 276 30.28 27.59 -24.70
N TYR C 277 29.10 27.98 -24.23
CA TYR C 277 27.85 27.54 -24.77
C TYR C 277 27.66 27.89 -26.24
N THR C 278 28.23 29.03 -26.68
CA THR C 278 28.09 29.43 -28.06
C THR C 278 28.85 28.46 -28.99
N ARG C 279 29.76 27.66 -28.43
CA ARG C 279 30.49 26.75 -29.26
C ARG C 279 29.51 25.68 -29.73
N GLN C 280 28.31 25.63 -29.12
CA GLN C 280 27.29 24.72 -29.63
C GLN C 280 27.03 24.94 -31.10
N MET C 281 27.07 26.19 -31.54
CA MET C 281 26.94 26.52 -32.96
C MET C 281 28.07 25.91 -33.78
N GLU C 282 29.28 25.98 -33.25
CA GLU C 282 30.45 25.33 -33.90
C GLU C 282 30.27 23.83 -34.06
N VAL C 283 29.80 23.16 -33.00
CA VAL C 283 29.57 21.72 -33.04
C VAL C 283 28.53 21.46 -34.11
N ALA C 284 27.44 22.19 -34.08
CA ALA C 284 26.37 21.98 -35.04
C ALA C 284 26.89 22.22 -36.46
N GLN C 285 27.78 23.20 -36.63
CA GLN C 285 28.39 23.44 -37.95
C GLN C 285 29.20 22.26 -38.42
N ASP C 286 29.96 21.69 -37.51
CA ASP C 286 30.72 20.49 -37.83
C ASP C 286 29.78 19.31 -38.18
N ILE C 287 28.65 19.18 -37.47
CA ILE C 287 27.66 18.14 -37.76
C ILE C 287 27.02 18.40 -39.12
N ALA C 288 26.70 19.66 -39.42
CA ALA C 288 26.18 20.02 -40.77
C ALA C 288 27.14 19.58 -41.86
N ALA C 289 28.43 19.89 -41.68
CA ALA C 289 29.49 19.46 -42.65
C ALA C 289 29.50 17.95 -42.79
N GLN C 290 29.43 17.20 -41.68
CA GLN C 290 29.36 15.74 -41.81
C GLN C 290 28.11 15.32 -42.59
N LEU C 291 26.96 15.94 -42.29
CA LEU C 291 25.72 15.54 -42.96
C LEU C 291 25.78 15.76 -44.48
N GLU C 292 26.37 16.89 -44.88
CA GLU C 292 26.60 17.18 -46.29
C GLU C 292 27.52 16.18 -46.96
N GLN C 293 28.65 15.86 -46.32
CA GLN C 293 29.61 14.93 -46.93
C GLN C 293 29.07 13.49 -46.92
N ASP C 294 28.54 13.05 -45.78
CA ASP C 294 28.05 11.68 -45.62
C ASP C 294 27.16 11.56 -44.36
N GLY C 295 27.78 11.42 -43.18
CA GLY C 295 27.08 11.49 -41.90
C GLY C 295 26.00 10.44 -41.76
N GLY C 296 26.22 9.29 -42.39
CA GLY C 296 25.28 8.20 -42.43
C GLY C 296 24.98 7.61 -41.06
N ASN C 297 25.88 7.81 -40.10
CA ASN C 297 25.65 7.26 -38.78
C ASN C 297 24.93 8.19 -37.78
N ILE C 298 24.58 9.40 -38.23
CA ILE C 298 23.98 10.36 -37.34
C ILE C 298 22.48 10.30 -37.48
N MET C 299 21.80 10.18 -36.34
CA MET C 299 20.34 10.19 -36.35
C MET C 299 19.76 11.31 -35.51
N GLY C 300 20.59 11.99 -34.75
CA GLY C 300 20.12 13.12 -33.98
C GLY C 300 21.15 13.96 -33.30
N VAL C 301 20.70 15.09 -32.75
CA VAL C 301 21.55 15.96 -31.98
C VAL C 301 20.81 16.53 -30.81
N MET C 302 21.58 17.01 -29.87
CA MET C 302 21.02 17.56 -28.65
C MET C 302 21.56 18.94 -28.46
N VAL C 303 20.72 19.88 -28.04
CA VAL C 303 21.10 21.28 -27.99
C VAL C 303 20.49 21.95 -26.78
N GLU C 304 21.28 22.71 -26.06
CA GLU C 304 20.79 23.40 -24.85
C GLU C 304 20.50 24.87 -25.21
N SER C 305 19.22 25.17 -25.20
CA SER C 305 18.66 26.37 -25.78
C SER C 305 17.52 26.89 -24.93
N HIS C 306 17.38 28.22 -24.90
CA HIS C 306 16.35 28.92 -24.13
C HIS C 306 15.97 30.25 -24.77
N LEU C 307 15.02 30.96 -24.15
CA LEU C 307 14.56 32.24 -24.67
C LEU C 307 15.65 33.26 -24.63
N VAL C 308 16.42 33.28 -23.55
CA VAL C 308 17.52 34.23 -23.37
C VAL C 308 18.78 33.44 -23.17
N GLU C 309 19.86 33.91 -23.77
CA GLU C 309 21.14 33.19 -23.73
C GLU C 309 21.81 33.27 -22.37
N GLY C 310 22.75 32.37 -22.12
CA GLY C 310 23.55 32.41 -20.89
C GLY C 310 22.90 31.69 -19.72
N ARG C 311 23.26 32.13 -18.51
CA ARG C 311 22.83 31.53 -17.27
C ARG C 311 22.91 32.55 -16.15
N GLN C 312 22.23 32.27 -15.04
CA GLN C 312 22.22 33.13 -13.85
C GLN C 312 22.11 32.23 -12.62
N ASP C 313 22.53 32.73 -11.47
CA ASP C 313 22.47 31.93 -10.25
C ASP C 313 21.06 31.88 -9.66
N LYS C 314 20.35 33.00 -9.67
CA LYS C 314 18.97 33.09 -9.14
C LYS C 314 18.00 33.43 -10.29
N PRO C 315 16.69 33.05 -10.17
CA PRO C 315 15.85 33.25 -11.36
C PRO C 315 15.40 34.68 -11.46
N GLU C 316 16.35 35.57 -11.73
CA GLU C 316 16.10 36.98 -11.84
C GLU C 316 15.47 37.28 -13.18
N VAL C 317 16.06 36.79 -14.26
CA VAL C 317 15.57 37.14 -15.59
C VAL C 317 14.75 35.99 -16.18
N TYR C 318 13.65 36.37 -16.81
CA TYR C 318 12.71 35.47 -17.43
C TYR C 318 13.33 34.78 -18.64
N GLY C 319 13.09 33.48 -18.75
CA GLY C 319 13.60 32.69 -19.86
C GLY C 319 15.11 32.53 -19.95
N LYS C 320 15.83 32.60 -18.82
CA LYS C 320 17.29 32.40 -18.79
C LYS C 320 17.63 31.31 -17.83
N SER C 321 18.47 30.38 -18.27
CA SER C 321 18.79 29.17 -17.49
C SER C 321 19.37 29.47 -16.10
N ILE C 322 19.06 28.62 -15.13
CA ILE C 322 19.73 28.69 -13.82
C ILE C 322 20.67 27.48 -13.63
N THR C 323 20.76 26.59 -14.64
CA THR C 323 21.75 25.52 -14.62
C THR C 323 22.83 25.78 -15.69
N ASP C 324 23.09 24.86 -16.61
CA ASP C 324 24.08 25.11 -17.67
C ASP C 324 23.61 26.26 -18.57
N ALA C 325 24.57 26.97 -19.15
CA ALA C 325 24.26 28.14 -19.95
C ALA C 325 23.68 27.70 -21.29
N CYS C 326 22.69 28.41 -21.80
CA CYS C 326 22.03 28.00 -23.07
C CYS C 326 22.20 29.10 -24.16
N ILE C 327 22.16 28.69 -25.43
CA ILE C 327 22.13 29.67 -26.53
C ILE C 327 20.73 30.23 -26.51
N GLY C 328 20.58 31.41 -27.07
CA GLY C 328 19.34 32.18 -27.03
C GLY C 328 18.50 31.87 -28.23
N TRP C 329 17.35 32.54 -28.33
CA TRP C 329 16.39 32.23 -29.36
C TRP C 329 16.93 32.47 -30.78
N GLY C 330 17.68 33.56 -30.96
CA GLY C 330 18.22 33.91 -32.26
C GLY C 330 19.22 32.91 -32.78
N ALA C 331 20.14 32.49 -31.94
CA ALA C 331 21.02 31.38 -32.29
C ALA C 331 20.26 30.08 -32.55
N THR C 332 19.11 29.88 -31.89
CA THR C 332 18.35 28.64 -32.05
C THR C 332 17.78 28.56 -33.46
N GLU C 333 17.24 29.68 -33.91
CA GLU C 333 16.80 29.85 -35.30
C GLU C 333 17.91 29.56 -36.30
N GLU C 334 19.04 30.18 -36.07
CA GLU C 334 20.20 29.94 -36.95
C GLU C 334 20.59 28.46 -36.93
N LEU C 335 20.78 27.91 -35.73
CA LEU C 335 21.27 26.53 -35.57
C LEU C 335 20.29 25.56 -36.20
N LEU C 336 19.00 25.78 -36.02
CA LEU C 336 18.04 24.92 -36.66
C LEU C 336 18.02 25.04 -38.18
N ALA C 337 18.15 26.25 -38.72
CA ALA C 337 18.16 26.44 -40.16
C ALA C 337 19.37 25.72 -40.75
N LEU C 338 20.50 25.84 -40.08
CA LEU C 338 21.74 25.19 -40.50
C LEU C 338 21.56 23.67 -40.57
N LEU C 339 20.94 23.08 -39.53
CA LEU C 339 20.80 21.68 -39.51
C LEU C 339 19.83 21.23 -40.55
N ALA C 340 18.73 21.94 -40.70
CA ALA C 340 17.72 21.56 -41.68
C ALA C 340 18.29 21.56 -43.08
N GLY C 341 18.97 22.64 -43.42
CA GLY C 341 19.54 22.80 -44.79
C GLY C 341 20.52 21.67 -45.06
N ALA C 342 21.40 21.38 -44.10
CA ALA C 342 22.38 20.33 -44.33
C ALA C 342 21.68 18.96 -44.47
N ASN C 343 20.69 18.67 -43.61
CA ASN C 343 20.08 17.34 -43.66
C ASN C 343 19.20 17.17 -44.88
N LYS C 344 18.69 18.27 -45.40
CA LYS C 344 17.93 18.22 -46.66
C LYS C 344 18.79 17.57 -47.76
N LYS C 345 20.03 17.96 -47.83
CA LYS C 345 20.98 17.41 -48.82
C LYS C 345 21.27 15.94 -48.55
N ARG C 346 21.57 15.57 -47.29
CA ARG C 346 21.81 14.15 -46.96
C ARG C 346 20.63 13.34 -47.43
N MET C 347 19.40 13.79 -47.10
CA MET C 347 18.16 13.08 -47.45
C MET C 347 17.98 12.97 -48.97
N ALA C 348 18.40 14.00 -49.70
CA ALA C 348 18.29 14.02 -51.18
C ALA C 348 19.10 12.93 -51.87
N ARG C 349 20.09 12.35 -51.20
CA ARG C 349 21.05 11.50 -51.89
C ARG C 349 20.62 10.05 -52.21
N ALA C 350 19.54 9.56 -51.58
CA ALA C 350 19.01 8.18 -51.84
C ALA C 350 19.85 7.07 -51.15
N TYR D 5 -2.27 5.71 -29.49
CA TYR D 5 -3.24 5.55 -28.37
C TYR D 5 -2.64 4.97 -27.07
N PRO D 6 -2.17 3.70 -27.10
CA PRO D 6 -1.50 3.20 -25.90
C PRO D 6 -0.09 3.84 -25.67
N THR D 7 0.19 4.34 -24.45
CA THR D 7 1.52 4.93 -24.11
C THR D 7 2.10 4.45 -22.77
N ASP D 8 1.40 3.53 -22.09
CA ASP D 8 1.76 3.15 -20.74
C ASP D 8 2.12 1.63 -20.62
N ASP D 9 3.19 1.33 -19.87
CA ASP D 9 3.64 -0.05 -19.64
C ASP D 9 3.72 -0.90 -20.95
N ILE D 10 4.06 -0.26 -22.07
CA ILE D 10 4.14 -0.87 -23.41
C ILE D 10 5.16 -2.05 -23.37
N LYS D 11 6.24 -1.90 -22.63
CA LYS D 11 7.32 -2.90 -22.57
C LYS D 11 7.47 -3.56 -21.19
N ILE D 12 6.36 -3.65 -20.47
CA ILE D 12 6.30 -4.39 -19.19
C ILE D 12 5.57 -5.69 -19.47
N LYS D 13 6.24 -6.82 -19.29
CA LYS D 13 5.59 -8.12 -19.46
C LYS D 13 4.54 -8.40 -18.34
N GLU D 14 4.92 -8.19 -17.08
CA GLU D 14 4.01 -8.36 -15.93
C GLU D 14 4.58 -7.72 -14.64
N VAL D 15 3.68 -7.52 -13.69
CA VAL D 15 4.02 -7.03 -12.34
C VAL D 15 3.59 -8.11 -11.33
N LYS D 16 4.51 -8.52 -10.44
CA LYS D 16 4.29 -9.66 -9.51
C LYS D 16 4.33 -9.31 -8.03
N GLU D 17 3.72 -10.19 -7.25
CA GLU D 17 3.53 -10.01 -5.80
C GLU D 17 4.88 -9.95 -5.11
N LEU D 18 5.08 -9.00 -4.22
CA LEU D 18 6.29 -8.85 -3.49
C LEU D 18 5.85 -8.70 -2.04
N LEU D 19 6.34 -9.60 -1.19
CA LEU D 19 6.13 -9.43 0.24
C LEU D 19 6.89 -8.21 0.70
N PRO D 20 6.32 -7.43 1.61
CA PRO D 20 7.02 -6.28 2.10
C PRO D 20 8.04 -6.66 3.17
N PRO D 21 9.03 -5.79 3.45
CA PRO D 21 9.98 -6.07 4.50
C PRO D 21 9.39 -6.57 5.81
N ILE D 22 8.28 -5.97 6.26
CA ILE D 22 7.72 -6.42 7.52
C ILE D 22 7.41 -7.89 7.57
N ALA D 23 7.09 -8.52 6.46
CA ALA D 23 6.80 -9.93 6.52
C ALA D 23 8.07 -10.71 6.87
N HIS D 24 9.19 -10.35 6.25
CA HIS D 24 10.47 -10.94 6.61
C HIS D 24 10.92 -10.59 8.01
N LEU D 25 10.72 -9.34 8.42
CA LEU D 25 11.13 -8.96 9.79
C LEU D 25 10.37 -9.69 10.89
N TYR D 26 9.10 -9.99 10.66
CA TYR D 26 8.28 -10.75 11.54
C TYR D 26 8.77 -12.20 11.70
N GLU D 27 9.14 -12.84 10.60
CA GLU D 27 9.69 -14.22 10.67
C GLU D 27 11.09 -14.28 11.22
N LEU D 28 11.88 -13.25 10.96
CA LEU D 28 13.28 -13.28 11.29
C LEU D 28 13.66 -11.98 11.98
N PRO D 29 13.12 -11.77 13.19
CA PRO D 29 13.43 -10.53 13.86
C PRO D 29 14.89 -10.53 14.21
N ILE D 30 15.47 -9.35 14.33
CA ILE D 30 16.85 -9.29 14.74
C ILE D 30 16.96 -9.69 16.21
N SER D 31 17.90 -10.55 16.56
CA SER D 31 18.14 -10.95 17.96
C SER D 31 18.90 -9.87 18.75
N LYS D 32 18.88 -9.98 20.07
CA LYS D 32 19.66 -9.13 20.96
C LYS D 32 21.13 -9.14 20.57
N GLU D 33 21.65 -10.34 20.33
CA GLU D 33 23.07 -10.48 20.11
C GLU D 33 23.48 -9.95 18.74
N ALA D 34 22.65 -10.19 17.72
CA ALA D 34 22.91 -9.61 16.40
C ALA D 34 22.85 -8.07 16.44
N SER D 35 21.86 -7.54 17.13
CA SER D 35 21.76 -6.09 17.34
C SER D 35 23.02 -5.52 17.94
N GLY D 36 23.49 -6.17 18.99
CA GLY D 36 24.70 -5.74 19.69
C GLY D 36 25.98 -5.79 18.85
N LEU D 37 26.15 -6.87 18.12
CA LEU D 37 27.28 -6.97 17.21
C LEU D 37 27.25 -5.93 16.09
N VAL D 38 26.10 -5.76 15.47
CA VAL D 38 26.00 -4.75 14.40
C VAL D 38 26.33 -3.38 14.96
N HIS D 39 25.68 -3.01 16.07
CA HIS D 39 25.86 -1.69 16.68
C HIS D 39 27.35 -1.43 16.97
N ARG D 40 27.96 -2.41 17.62
CA ARG D 40 29.34 -2.31 18.02
C ARG D 40 30.27 -2.13 16.82
N THR D 41 30.08 -2.99 15.82
CA THR D 41 30.98 -3.02 14.68
C THR D 41 30.88 -1.76 13.90
N ARG D 42 29.66 -1.26 13.75
CA ARG D 42 29.51 0.04 13.10
C ARG D 42 30.31 1.13 13.80
N GLN D 43 30.22 1.18 15.14
CA GLN D 43 31.03 2.11 15.93
C GLN D 43 32.50 1.92 15.71
N GLU D 44 32.96 0.67 15.80
CA GLU D 44 34.38 0.34 15.65
C GLU D 44 34.86 0.80 14.28
N ILE D 45 34.03 0.66 13.25
CA ILE D 45 34.44 1.04 11.88
C ILE D 45 34.49 2.52 11.75
N SER D 46 33.50 3.18 12.34
CA SER D 46 33.51 4.62 12.42
C SER D 46 34.84 5.11 13.04
N ASP D 47 35.23 4.50 14.13
CA ASP D 47 36.50 4.82 14.76
C ASP D 47 37.70 4.66 13.82
N LEU D 48 37.65 3.69 12.90
CA LEU D 48 38.74 3.54 11.94
C LEU D 48 38.68 4.61 10.86
N VAL D 49 37.47 4.92 10.42
CA VAL D 49 37.31 5.92 9.35
C VAL D 49 37.82 7.30 9.78
N HIS D 50 37.69 7.62 11.07
CA HIS D 50 38.05 8.94 11.60
C HIS D 50 39.40 8.96 12.31
N GLY D 51 40.17 7.85 12.21
CA GLY D 51 41.51 7.78 12.78
C GLY D 51 41.61 7.63 14.29
N ARG D 52 40.53 7.26 14.97
CA ARG D 52 40.57 7.13 16.42
C ARG D 52 41.18 5.80 16.82
N ASP D 53 41.21 4.85 15.87
CA ASP D 53 41.80 3.52 16.10
C ASP D 53 42.56 3.11 14.84
N LYS D 54 43.63 2.35 15.01
CA LYS D 54 44.55 2.08 13.92
C LYS D 54 44.53 0.61 13.48
N ARG D 55 43.58 -0.15 13.96
CA ARG D 55 43.38 -1.50 13.45
C ARG D 55 43.01 -1.39 11.98
N LEU D 56 43.16 -2.46 11.25
CA LEU D 56 42.85 -2.46 9.84
C LEU D 56 41.49 -3.16 9.60
N LEU D 57 40.52 -2.45 9.06
CA LEU D 57 39.26 -3.08 8.63
C LEU D 57 39.61 -4.07 7.47
N VAL D 58 39.13 -5.30 7.55
CA VAL D 58 39.32 -6.24 6.46
C VAL D 58 38.02 -6.80 6.02
N ILE D 59 37.60 -6.36 4.83
CA ILE D 59 36.33 -6.81 4.24
C ILE D 59 36.74 -8.01 3.37
N ILE D 60 36.43 -9.21 3.82
CA ILE D 60 36.91 -10.42 3.15
C ILE D 60 35.88 -11.56 3.01
N GLY D 61 35.87 -12.19 1.86
CA GLY D 61 34.98 -13.27 1.61
C GLY D 61 34.68 -13.39 0.13
N PRO D 62 33.67 -14.18 -0.22
CA PRO D 62 33.31 -14.42 -1.57
C PRO D 62 32.94 -13.19 -2.40
N CYS D 63 33.21 -13.27 -3.69
CA CYS D 63 32.75 -12.27 -4.62
C CYS D 63 31.22 -12.18 -4.46
N SER D 64 30.58 -13.32 -4.59
CA SER D 64 29.15 -13.44 -4.42
C SER D 64 28.76 -14.67 -3.62
N ILE D 65 27.63 -14.57 -2.92
CA ILE D 65 27.05 -15.69 -2.18
C ILE D 65 26.05 -16.38 -3.08
N HIS D 66 26.30 -17.63 -3.40
CA HIS D 66 25.34 -18.44 -4.14
C HIS D 66 24.87 -19.71 -3.44
N ASP D 67 25.43 -20.01 -2.25
CA ASP D 67 25.11 -21.16 -1.44
C ASP D 67 25.27 -20.82 0.04
N PRO D 68 24.16 -20.67 0.75
CA PRO D 68 24.26 -20.26 2.16
C PRO D 68 24.99 -21.27 3.05
N LYS D 69 24.97 -22.56 2.69
CA LYS D 69 25.63 -23.58 3.53
C LYS D 69 27.15 -23.42 3.48
N ALA D 70 27.70 -23.26 2.29
CA ALA D 70 29.11 -22.92 2.16
C ALA D 70 29.44 -21.64 2.86
N ALA D 71 28.56 -20.64 2.74
CA ALA D 71 28.82 -19.37 3.35
C ALA D 71 28.95 -19.49 4.88
N LEU D 72 28.14 -20.34 5.50
CA LEU D 72 28.20 -20.48 6.94
C LEU D 72 29.44 -21.21 7.32
N GLU D 73 29.82 -22.18 6.49
CA GLU D 73 31.07 -22.94 6.75
C GLU D 73 32.29 -22.01 6.67
N TYR D 74 32.34 -21.19 5.60
CA TYR D 74 33.39 -20.22 5.42
C TYR D 74 33.44 -19.29 6.62
N ALA D 75 32.26 -18.83 7.02
CA ALA D 75 32.17 -17.91 8.14
C ALA D 75 32.77 -18.50 9.42
N GLU D 76 32.52 -19.79 9.63
CA GLU D 76 32.97 -20.46 10.87
C GLU D 76 34.51 -20.44 10.91
N ARG D 77 35.14 -20.71 9.79
CA ARG D 77 36.62 -20.59 9.72
C ARG D 77 37.14 -19.17 9.92
N LEU D 78 36.47 -18.22 9.28
CA LEU D 78 36.91 -16.86 9.35
C LEU D 78 36.78 -16.33 10.78
N LEU D 79 35.74 -16.76 11.48
CA LEU D 79 35.53 -16.32 12.85
C LEU D 79 36.77 -16.62 13.75
N LYS D 80 37.44 -17.73 13.52
CA LYS D 80 38.62 -18.06 14.33
C LYS D 80 39.72 -17.06 14.10
N LEU D 81 39.85 -16.60 12.86
CA LEU D 81 40.87 -15.61 12.54
C LEU D 81 40.46 -14.22 12.97
N ARG D 82 39.16 -13.90 12.86
CA ARG D 82 38.66 -12.64 13.41
C ARG D 82 39.03 -12.47 14.88
N LYS D 83 38.84 -13.53 15.68
CA LYS D 83 39.15 -13.48 17.13
C LYS D 83 40.64 -13.43 17.31
N GLN D 84 41.35 -14.32 16.63
CA GLN D 84 42.79 -14.35 16.78
C GLN D 84 43.44 -12.98 16.53
N TYR D 85 43.02 -12.27 15.49
CA TYR D 85 43.66 -11.02 15.11
C TYR D 85 42.99 -9.73 15.59
N GLU D 86 42.08 -9.84 16.58
CA GLU D 86 41.19 -8.75 16.95
C GLU D 86 41.92 -7.52 17.51
N ASN D 87 43.20 -7.63 17.87
CA ASN D 87 43.94 -6.45 18.30
C ASN D 87 44.64 -5.74 17.12
N GLU D 88 44.74 -6.43 16.00
CA GLU D 88 45.34 -5.84 14.80
C GLU D 88 44.38 -5.58 13.65
N LEU D 89 43.38 -6.45 13.53
CA LEU D 89 42.46 -6.47 12.39
C LEU D 89 41.04 -6.48 12.89
N LEU D 90 40.16 -5.80 12.15
CA LEU D 90 38.74 -5.93 12.36
C LEU D 90 38.29 -6.62 11.11
N ILE D 91 38.06 -7.91 11.24
CA ILE D 91 37.57 -8.72 10.15
C ILE D 91 36.02 -8.78 10.04
N VAL D 92 35.51 -8.56 8.84
CA VAL D 92 34.08 -8.59 8.54
C VAL D 92 33.92 -9.38 7.25
N MET D 93 32.93 -10.23 7.14
CA MET D 93 32.77 -11.05 5.96
C MET D 93 32.08 -10.32 4.84
N ARG D 94 32.53 -10.55 3.61
CA ARG D 94 31.80 -10.18 2.43
C ARG D 94 30.65 -11.11 2.25
N VAL D 95 29.44 -10.55 2.27
CA VAL D 95 28.18 -11.28 2.05
C VAL D 95 27.37 -10.50 0.97
N TYR D 96 27.80 -10.65 -0.27
CA TYR D 96 27.27 -9.90 -1.42
C TYR D 96 26.24 -10.75 -2.12
N PHE D 97 25.01 -10.20 -2.13
CA PHE D 97 23.83 -10.78 -2.70
C PHE D 97 23.35 -10.09 -3.94
N GLU D 98 23.88 -8.89 -4.23
CA GLU D 98 23.59 -8.14 -5.47
C GLU D 98 24.83 -7.85 -6.29
N LYS D 99 24.86 -8.33 -7.55
CA LYS D 99 26.04 -8.25 -8.43
C LYS D 99 25.78 -7.46 -9.72
N PRO D 100 26.54 -6.40 -9.94
CA PRO D 100 26.35 -5.58 -11.16
C PRO D 100 27.08 -6.21 -12.36
N ARG D 101 26.37 -6.49 -13.44
CA ARG D 101 26.98 -7.11 -14.60
C ARG D 101 27.41 -6.06 -15.59
N THR D 102 28.33 -6.47 -16.46
CA THR D 102 28.87 -5.62 -17.53
C THR D 102 27.82 -5.34 -18.58
N THR D 103 27.14 -6.39 -19.01
CA THR D 103 25.98 -6.27 -19.86
C THR D 103 24.89 -6.98 -19.06
N VAL D 104 24.80 -8.31 -19.22
CA VAL D 104 23.82 -9.15 -18.51
C VAL D 104 24.49 -10.37 -17.87
N GLY D 105 23.76 -11.00 -16.93
CA GLY D 105 24.23 -12.16 -16.22
C GLY D 105 23.42 -12.32 -14.93
N TRP D 106 23.71 -13.40 -14.21
CA TRP D 106 23.11 -13.68 -12.91
C TRP D 106 23.38 -12.46 -12.03
N LYS D 107 22.33 -11.88 -11.46
CA LYS D 107 22.51 -10.65 -10.64
C LYS D 107 22.70 -10.96 -9.17
N GLY D 108 22.61 -12.25 -8.83
CA GLY D 108 22.81 -12.69 -7.46
C GLY D 108 21.73 -13.53 -6.83
N LEU D 109 21.93 -13.80 -5.56
CA LEU D 109 21.05 -14.72 -4.83
C LEU D 109 19.67 -14.10 -4.62
N ILE D 110 19.61 -12.81 -4.38
CA ILE D 110 18.31 -12.17 -4.13
C ILE D 110 17.49 -12.24 -5.42
N ASN D 111 18.06 -11.69 -6.49
CA ASN D 111 17.38 -11.65 -7.79
C ASN D 111 17.01 -13.01 -8.36
N ASP D 112 17.77 -14.06 -8.04
CA ASP D 112 17.52 -15.38 -8.64
C ASP D 112 18.16 -16.48 -7.82
N PRO D 113 17.60 -16.72 -6.61
CA PRO D 113 18.19 -17.69 -5.70
C PRO D 113 18.31 -19.11 -6.16
N HIS D 114 17.51 -19.57 -7.09
CA HIS D 114 17.58 -20.93 -7.55
C HIS D 114 18.57 -21.07 -8.69
N LEU D 115 19.21 -19.98 -9.05
CA LEU D 115 20.29 -19.95 -10.01
C LEU D 115 19.85 -20.51 -11.33
N ASP D 116 18.58 -20.40 -11.64
CA ASP D 116 18.06 -21.02 -12.83
C ASP D 116 17.14 -20.17 -13.69
N GLY D 117 17.20 -18.86 -13.51
CA GLY D 117 16.27 -17.98 -14.16
C GLY D 117 14.80 -18.08 -13.80
N THR D 118 14.53 -18.26 -12.53
CA THR D 118 13.14 -18.22 -12.05
C THR D 118 12.83 -16.93 -11.27
N PHE D 119 13.87 -16.17 -10.96
CA PHE D 119 13.65 -14.88 -10.35
C PHE D 119 12.74 -14.94 -9.14
N ASP D 120 12.97 -15.90 -8.27
CA ASP D 120 12.13 -16.07 -7.04
C ASP D 120 12.58 -15.10 -5.97
N ILE D 121 12.28 -13.80 -6.17
CA ILE D 121 12.82 -12.72 -5.35
C ILE D 121 12.31 -12.89 -3.90
N ASN D 122 11.06 -13.33 -3.72
CA ASN D 122 10.54 -13.45 -2.35
C ASN D 122 11.38 -14.48 -1.53
N PHE D 123 11.65 -15.61 -2.15
CA PHE D 123 12.55 -16.61 -1.60
C PHE D 123 13.96 -16.06 -1.36
N GLY D 124 14.50 -15.36 -2.37
CA GLY D 124 15.83 -14.80 -2.28
C GLY D 124 15.97 -13.84 -1.12
N LEU D 125 15.01 -12.92 -0.96
CA LEU D 125 15.11 -12.01 0.13
C LEU D 125 15.05 -12.74 1.43
N ARG D 126 14.17 -13.74 1.53
CA ARG D 126 14.01 -14.51 2.78
C ARG D 126 15.34 -15.20 3.08
N GLN D 127 15.90 -15.84 2.08
CA GLN D 127 17.18 -16.53 2.24
C GLN D 127 18.32 -15.61 2.63
N ALA D 128 18.38 -14.46 1.98
CA ALA D 128 19.40 -13.49 2.32
C ALA D 128 19.29 -13.08 3.77
N ARG D 129 18.10 -12.70 4.18
CA ARG D 129 17.94 -12.24 5.55
C ARG D 129 18.30 -13.36 6.55
N SER D 130 17.90 -14.59 6.24
CA SER D 130 18.17 -15.73 7.13
C SER D 130 19.68 -15.96 7.27
N LEU D 131 20.40 -15.92 6.17
CA LEU D 131 21.86 -16.09 6.22
C LEU D 131 22.51 -14.98 7.01
N LEU D 132 22.13 -13.75 6.77
CA LEU D 132 22.67 -12.65 7.55
C LEU D 132 22.41 -12.79 9.04
N LEU D 133 21.20 -13.12 9.39
CA LEU D 133 20.88 -13.30 10.79
C LEU D 133 21.76 -14.45 11.41
N SER D 134 21.84 -15.61 10.76
CA SER D 134 22.67 -16.70 11.29
C SER D 134 24.14 -16.26 11.45
N LEU D 135 24.64 -15.54 10.46
CA LEU D 135 26.02 -15.00 10.53
C LEU D 135 26.24 -14.12 11.73
N ASN D 136 25.39 -13.14 11.90
CA ASN D 136 25.55 -12.28 13.05
C ASN D 136 25.34 -13.03 14.37
N ASN D 137 24.44 -14.01 14.40
CA ASN D 137 24.23 -14.77 15.65
C ASN D 137 25.43 -15.61 16.11
N MET D 138 26.25 -16.06 15.16
CA MET D 138 27.46 -16.79 15.48
C MET D 138 28.65 -15.87 15.74
N GLY D 139 28.48 -14.57 15.57
CA GLY D 139 29.55 -13.61 15.93
C GLY D 139 30.24 -12.99 14.72
N MET D 140 29.82 -13.33 13.51
CA MET D 140 30.49 -12.77 12.27
C MET D 140 29.67 -11.62 11.71
N PRO D 141 30.22 -10.40 11.78
CA PRO D 141 29.54 -9.29 11.14
C PRO D 141 29.64 -9.39 9.62
N ALA D 142 28.70 -8.70 8.95
CA ALA D 142 28.50 -8.84 7.50
C ALA D 142 28.48 -7.51 6.77
N SER D 143 28.96 -7.56 5.53
CA SER D 143 29.08 -6.42 4.67
C SER D 143 28.44 -6.80 3.38
N THR D 144 27.97 -5.82 2.65
CA THR D 144 27.37 -6.13 1.31
C THR D 144 27.40 -4.90 0.43
N GLU D 145 27.24 -5.10 -0.89
CA GLU D 145 27.04 -3.99 -1.80
C GLU D 145 25.56 -3.72 -1.91
N PHE D 146 25.20 -2.50 -1.64
CA PHE D 146 23.85 -2.01 -1.88
C PHE D 146 23.75 -1.49 -3.31
N LEU D 147 23.08 -2.26 -4.12
CA LEU D 147 22.94 -1.93 -5.50
C LEU D 147 21.57 -1.36 -5.82
N ASP D 148 20.56 -1.96 -5.25
CA ASP D 148 19.17 -1.61 -5.51
C ASP D 148 18.67 -0.59 -4.44
N MET D 149 17.66 0.21 -4.74
CA MET D 149 17.11 1.15 -3.73
C MET D 149 16.16 0.51 -2.68
N ILE D 150 15.58 -0.61 -3.03
CA ILE D 150 14.43 -1.20 -2.30
C ILE D 150 14.87 -2.36 -1.42
N THR D 151 15.75 -3.22 -1.93
CA THR D 151 16.23 -4.36 -1.17
C THR D 151 16.84 -4.06 0.18
N PRO D 152 17.53 -2.94 0.37
CA PRO D 152 18.04 -2.66 1.72
C PRO D 152 17.04 -2.69 2.86
N GLN D 153 15.80 -2.31 2.63
CA GLN D 153 14.83 -2.31 3.73
C GLN D 153 14.63 -3.73 4.31
N TYR D 154 14.96 -4.72 3.51
CA TYR D 154 14.82 -6.12 3.95
C TYR D 154 15.90 -6.64 4.90
N TYR D 155 17.09 -6.05 4.88
CA TYR D 155 18.19 -6.54 5.70
C TYR D 155 19.30 -5.59 6.10
N ALA D 156 19.21 -4.29 5.83
CA ALA D 156 20.24 -3.33 6.23
C ALA D 156 20.50 -3.32 7.74
N ASP D 157 19.46 -3.63 8.52
CA ASP D 157 19.63 -3.75 9.97
C ASP D 157 20.68 -4.80 10.37
N LEU D 158 21.04 -5.69 9.46
CA LEU D 158 22.02 -6.75 9.75
C LEU D 158 23.40 -6.51 9.15
N ILE D 159 23.64 -5.31 8.60
CA ILE D 159 24.85 -5.01 7.86
C ILE D 159 25.69 -4.02 8.65
N SER D 160 26.98 -4.35 8.81
CA SER D 160 27.92 -3.50 9.56
C SER D 160 28.73 -2.54 8.67
N TRP D 161 28.80 -2.84 7.38
CA TRP D 161 29.52 -2.03 6.44
C TRP D 161 28.95 -2.25 5.06
N GLY D 162 28.73 -1.16 4.34
CA GLY D 162 28.19 -1.25 3.00
C GLY D 162 29.14 -0.69 1.95
N ALA D 163 29.10 -1.26 0.75
CA ALA D 163 29.84 -0.70 -0.37
C ALA D 163 28.85 -0.15 -1.38
N ILE D 164 29.27 0.93 -2.05
CA ILE D 164 28.63 1.35 -3.27
C ILE D 164 29.65 1.10 -4.40
N GLY D 165 29.24 0.33 -5.40
CA GLY D 165 30.13 -0.16 -6.41
C GLY D 165 30.68 0.90 -7.32
N ALA D 166 31.73 0.53 -8.05
CA ALA D 166 32.40 1.40 -8.99
C ALA D 166 31.45 1.95 -10.03
N ARG D 167 30.51 1.14 -10.45
CA ARG D 167 29.56 1.49 -11.47
C ARG D 167 28.44 2.42 -11.02
N THR D 168 28.35 2.69 -9.74
CA THR D 168 27.23 3.45 -9.17
C THR D 168 27.70 4.52 -8.23
N THR D 169 29.01 4.66 -8.03
CA THR D 169 29.51 5.70 -7.12
C THR D 169 29.12 7.12 -7.62
N GLU D 170 29.07 7.28 -8.94
CA GLU D 170 28.71 8.59 -9.55
C GLU D 170 27.21 8.89 -9.57
N SER D 171 26.39 7.88 -9.32
CA SER D 171 24.93 7.96 -9.40
C SER D 171 24.37 8.70 -8.19
N GLN D 172 23.58 9.72 -8.48
CA GLN D 172 22.99 10.51 -7.44
C GLN D 172 22.10 9.71 -6.52
N VAL D 173 21.32 8.77 -7.04
CA VAL D 173 20.37 8.06 -6.18
C VAL D 173 21.08 7.07 -5.27
N HIS D 174 22.28 6.61 -5.69
CA HIS D 174 23.07 5.77 -4.80
C HIS D 174 23.73 6.60 -3.73
N ARG D 175 24.13 7.83 -4.06
CA ARG D 175 24.65 8.70 -3.05
C ARG D 175 23.57 9.04 -2.04
N GLU D 176 22.36 9.23 -2.51
CA GLU D 176 21.25 9.54 -1.62
C GLU D 176 20.98 8.37 -0.69
N LEU D 177 20.95 7.16 -1.25
CA LEU D 177 20.76 5.94 -0.46
C LEU D 177 21.81 5.85 0.66
N ALA D 178 23.08 6.03 0.30
CA ALA D 178 24.15 6.00 1.28
C ALA D 178 23.96 7.02 2.42
N SER D 179 23.51 8.23 2.05
CA SER D 179 23.28 9.27 3.03
C SER D 179 22.28 8.88 4.10
N GLY D 180 21.53 7.83 3.87
CA GLY D 180 20.51 7.38 4.78
C GLY D 180 20.75 5.99 5.33
N LEU D 181 21.90 5.40 5.02
CA LEU D 181 22.22 4.06 5.60
C LEU D 181 22.77 4.16 7.03
N SER D 182 22.40 3.21 7.89
CA SER D 182 22.80 3.26 9.26
C SER D 182 24.24 2.78 9.42
N CYS D 183 24.82 2.19 8.38
CA CYS D 183 26.19 1.71 8.51
C CYS D 183 27.18 2.66 7.82
N PRO D 184 28.46 2.59 8.18
CA PRO D 184 29.51 3.17 7.35
C PRO D 184 29.50 2.65 5.92
N VAL D 185 29.91 3.49 4.97
CA VAL D 185 29.86 3.17 3.55
C VAL D 185 31.14 3.52 2.85
N GLY D 186 31.65 2.58 2.06
CA GLY D 186 32.76 2.87 1.20
C GLY D 186 32.35 3.04 -0.25
N PHE D 187 32.92 4.04 -0.90
CA PHE D 187 32.65 4.36 -2.27
C PHE D 187 33.86 4.02 -3.09
N LYS D 188 33.68 3.16 -4.09
CA LYS D 188 34.76 2.76 -4.96
C LYS D 188 35.02 3.82 -5.97
N ASN D 189 36.28 3.95 -6.38
CA ASN D 189 36.62 4.75 -7.56
C ASN D 189 36.04 4.13 -8.84
N GLY D 190 35.92 4.93 -9.89
CA GLY D 190 35.25 4.51 -11.14
C GLY D 190 35.96 3.43 -11.87
N THR D 191 35.24 2.75 -12.75
CA THR D 191 35.83 1.58 -13.45
C THR D 191 37.09 1.90 -14.25
N ASP D 192 37.26 3.15 -14.68
CA ASP D 192 38.52 3.54 -15.37
C ASP D 192 39.57 4.28 -14.50
N GLY D 193 39.30 4.41 -13.18
CA GLY D 193 40.28 4.94 -12.24
C GLY D 193 39.93 6.31 -11.69
N ASN D 194 38.80 6.87 -12.08
CA ASN D 194 38.42 8.16 -11.58
C ASN D 194 38.17 8.08 -10.10
N LEU D 195 38.97 8.83 -9.34
CA LEU D 195 38.87 8.90 -7.90
C LEU D 195 38.00 10.05 -7.40
N LYS D 196 37.90 11.09 -8.21
CA LYS D 196 37.16 12.28 -7.82
C LYS D 196 35.68 11.98 -7.55
N ILE D 197 35.12 11.08 -8.34
CA ILE D 197 33.72 10.71 -8.17
C ILE D 197 33.46 10.08 -6.81
N ALA D 198 34.44 9.37 -6.24
CA ALA D 198 34.27 8.76 -4.94
C ALA D 198 34.42 9.82 -3.82
N ILE D 199 35.29 10.79 -4.07
CA ILE D 199 35.45 11.88 -3.11
C ILE D 199 34.19 12.73 -3.09
N ASP D 200 33.68 13.09 -4.26
CA ASP D 200 32.39 13.79 -4.40
C ASP D 200 31.28 13.03 -3.70
N ALA D 201 31.25 11.71 -3.90
CA ALA D 201 30.24 10.85 -3.24
C ALA D 201 30.25 10.93 -1.73
N ILE D 202 31.43 10.92 -1.13
CA ILE D 202 31.49 11.12 0.32
C ILE D 202 30.90 12.45 0.69
N GLY D 203 31.29 13.50 -0.04
CA GLY D 203 30.73 14.83 0.14
C GLY D 203 29.22 14.77 0.14
N ALA D 204 28.66 14.28 -0.96
CA ALA D 204 27.20 14.20 -1.12
C ALA D 204 26.53 13.38 -0.05
N ALA D 205 27.08 12.20 0.25
CA ALA D 205 26.42 11.25 1.18
C ALA D 205 26.45 11.76 2.62
N SER D 206 27.34 12.70 2.93
CA SER D 206 27.41 13.25 4.30
C SER D 206 26.28 14.26 4.58
N HIS D 207 25.60 14.74 3.53
CA HIS D 207 24.58 15.74 3.70
C HIS D 207 23.24 15.02 3.73
N SER D 208 22.28 15.70 4.34
CA SER D 208 20.86 15.35 4.24
C SER D 208 20.30 15.41 2.80
N HIS D 209 19.44 14.45 2.48
CA HIS D 209 18.75 14.42 1.17
C HIS D 209 17.27 14.08 1.30
N HIS D 210 16.53 14.39 0.26
CA HIS D 210 15.15 13.96 0.09
C HIS D 210 15.15 13.13 -1.14
N PHE D 211 14.69 11.89 -1.03
CA PHE D 211 14.49 11.06 -2.18
C PHE D 211 13.29 10.16 -1.95
N LEU D 212 12.93 9.45 -3.00
CA LEU D 212 11.74 8.63 -2.96
C LEU D 212 12.16 7.24 -2.62
N GLY D 213 11.54 6.67 -1.60
CA GLY D 213 11.89 5.32 -1.14
C GLY D 213 10.66 4.48 -0.85
N VAL D 214 10.88 3.35 -0.22
CA VAL D 214 9.80 2.45 0.09
C VAL D 214 9.86 2.18 1.57
N THR D 215 8.69 2.19 2.22
CA THR D 215 8.64 1.94 3.67
C THR D 215 8.76 0.45 3.96
N LYS D 216 8.87 0.11 5.24
CA LYS D 216 8.95 -1.29 5.67
C LYS D 216 7.68 -2.05 5.29
N ALA D 217 6.62 -1.31 5.08
CA ALA D 217 5.37 -1.92 4.73
C ALA D 217 5.19 -2.10 3.25
N GLY D 218 6.18 -1.71 2.47
CA GLY D 218 6.11 -1.86 1.03
C GLY D 218 5.42 -0.72 0.25
N HIS D 219 5.36 0.47 0.82
CA HIS D 219 4.66 1.59 0.19
C HIS D 219 5.64 2.71 -0.12
N SER D 220 5.50 3.36 -1.28
CA SER D 220 6.48 4.42 -1.63
C SER D 220 6.26 5.58 -0.75
N ALA D 221 7.30 6.33 -0.49
CA ALA D 221 7.23 7.47 0.42
C ALA D 221 8.42 8.37 0.20
N ILE D 222 8.37 9.55 0.80
CA ILE D 222 9.47 10.48 0.74
C ILE D 222 10.38 10.23 1.91
N VAL D 223 11.66 9.97 1.65
CA VAL D 223 12.60 9.69 2.70
C VAL D 223 13.61 10.83 2.86
N HIS D 224 13.61 11.39 4.06
CA HIS D 224 14.43 12.52 4.40
C HIS D 224 15.56 11.98 5.26
N THR D 225 16.78 12.00 4.73
CA THR D 225 17.92 11.45 5.42
C THR D 225 18.66 12.54 6.18
N GLY D 226 19.43 12.09 7.18
CA GLY D 226 20.23 12.98 7.99
C GLY D 226 21.69 13.05 7.60
N GLY D 227 22.11 12.25 6.62
CA GLY D 227 23.50 12.30 6.16
C GLY D 227 24.31 11.22 6.85
N ASN D 228 25.32 10.70 6.16
CA ASN D 228 26.17 9.64 6.69
C ASN D 228 27.60 10.13 6.92
N PRO D 229 28.03 10.32 8.19
CA PRO D 229 29.37 10.89 8.42
C PRO D 229 30.51 9.89 8.30
N ASP D 230 30.19 8.63 8.03
CA ASP D 230 31.20 7.56 8.10
C ASP D 230 31.45 6.96 6.74
N CYS D 231 31.61 7.81 5.73
CA CYS D 231 31.92 7.33 4.41
C CYS D 231 33.41 7.49 4.11
N HIS D 232 33.93 6.62 3.23
CA HIS D 232 35.32 6.71 2.85
C HIS D 232 35.41 6.13 1.47
N VAL D 233 36.58 6.30 0.88
CA VAL D 233 36.86 5.92 -0.49
C VAL D 233 37.50 4.54 -0.48
N ILE D 234 37.38 3.82 -1.59
CA ILE D 234 38.01 2.53 -1.78
C ILE D 234 38.74 2.62 -3.11
N LEU D 235 40.05 2.32 -3.08
CA LEU D 235 40.88 2.29 -4.26
C LEU D 235 40.85 0.87 -4.82
N ARG D 236 40.32 0.73 -6.02
CA ARG D 236 40.07 -0.58 -6.61
C ARG D 236 40.58 -0.74 -8.03
N GLY D 237 41.47 0.16 -8.43
CA GLY D 237 42.13 0.08 -9.70
C GLY D 237 41.33 0.79 -10.76
N GLY D 238 41.97 1.00 -11.91
CA GLY D 238 41.33 1.58 -13.07
C GLY D 238 41.84 0.93 -14.31
N LYS D 239 42.26 1.73 -15.27
CA LYS D 239 42.97 1.22 -16.41
C LYS D 239 44.27 0.66 -15.87
N GLU D 240 44.81 1.36 -14.90
CA GLU D 240 45.99 0.95 -14.18
C GLU D 240 45.69 0.82 -12.69
N PRO D 241 46.51 -0.10 -12.02
CA PRO D 241 46.26 -0.18 -10.57
C PRO D 241 46.54 1.08 -9.75
N ASN D 242 45.85 1.21 -8.64
CA ASN D 242 46.04 2.33 -7.74
C ASN D 242 46.31 2.01 -6.29
N TYR D 243 46.77 0.82 -6.01
CA TYR D 243 47.11 0.42 -4.66
C TYR D 243 48.33 1.05 -4.00
N ASP D 244 49.35 1.41 -4.77
CA ASP D 244 50.70 1.66 -4.22
C ASP D 244 50.74 2.93 -3.37
N ALA D 245 51.89 3.18 -2.75
CA ALA D 245 52.08 4.32 -1.84
C ALA D 245 51.86 5.70 -2.47
N GLU D 246 52.25 5.85 -3.73
CA GLU D 246 52.15 7.17 -4.41
C GLU D 246 50.67 7.45 -4.66
N HIS D 247 49.93 6.45 -5.13
CA HIS D 247 48.48 6.63 -5.33
C HIS D 247 47.77 6.89 -4.01
N VAL D 248 48.20 6.21 -2.94
CA VAL D 248 47.63 6.44 -1.63
C VAL D 248 47.88 7.88 -1.17
N SER D 249 49.12 8.33 -1.34
CA SER D 249 49.50 9.70 -1.01
C SER D 249 48.73 10.76 -1.82
N GLU D 250 48.61 10.54 -3.12
CA GLU D 250 47.80 11.41 -3.98
C GLU D 250 46.34 11.48 -3.48
N ALA D 251 45.76 10.31 -3.27
CA ALA D 251 44.38 10.22 -2.83
C ALA D 251 44.19 10.98 -1.52
N ALA D 252 45.14 10.84 -0.59
CA ALA D 252 45.00 11.46 0.74
C ALA D 252 44.98 12.97 0.66
N GLU D 253 45.85 13.48 -0.18
CA GLU D 253 45.96 14.90 -0.42
C GLU D 253 44.62 15.38 -0.96
N GLN D 254 44.12 14.70 -1.98
CA GLN D 254 42.85 15.08 -2.60
C GLN D 254 41.71 15.02 -1.60
N LEU D 255 41.78 14.11 -0.62
CA LEU D 255 40.71 13.94 0.34
C LEU D 255 40.70 15.12 1.32
N ARG D 256 41.89 15.48 1.81
CA ARG D 256 42.07 16.64 2.69
C ARG D 256 41.66 17.93 1.99
N ALA D 257 41.98 18.05 0.69
CA ALA D 257 41.60 19.23 -0.10
C ALA D 257 40.08 19.34 -0.21
N ALA D 258 39.38 18.21 -0.20
CA ALA D 258 37.91 18.20 -0.19
C ALA D 258 37.31 18.31 1.22
N GLY D 259 38.13 18.28 2.27
CA GLY D 259 37.63 18.45 3.61
C GLY D 259 37.00 17.19 4.17
N VAL D 260 37.36 16.04 3.61
CA VAL D 260 36.80 14.75 4.06
C VAL D 260 37.93 13.85 4.58
N THR D 261 37.54 12.75 5.21
CA THR D 261 38.50 11.87 5.85
C THR D 261 39.52 11.37 4.86
N ASP D 262 40.77 11.45 5.26
CA ASP D 262 41.87 11.00 4.43
C ASP D 262 42.32 9.57 4.70
N LYS D 263 41.46 8.82 5.38
CA LYS D 263 41.68 7.40 5.65
C LYS D 263 40.89 6.58 4.65
N LEU D 264 41.55 5.61 4.02
CA LEU D 264 40.95 4.92 2.89
C LEU D 264 41.15 3.44 2.93
N MET D 265 40.43 2.74 2.06
CA MET D 265 40.48 1.30 1.94
C MET D 265 41.03 0.96 0.56
N ILE D 266 41.71 -0.19 0.49
CA ILE D 266 42.33 -0.64 -0.74
C ILE D 266 41.82 -1.99 -1.02
N ASP D 267 41.29 -2.18 -2.20
CA ASP D 267 40.76 -3.44 -2.64
C ASP D 267 41.94 -4.18 -3.27
N CYS D 268 42.21 -5.42 -2.82
CA CYS D 268 43.26 -6.24 -3.40
C CYS D 268 42.83 -6.91 -4.66
N SER D 269 41.54 -6.93 -4.94
CA SER D 269 41.00 -7.70 -6.07
C SER D 269 40.59 -6.78 -7.24
N HIS D 270 39.66 -7.27 -8.07
CA HIS D 270 39.16 -6.52 -9.23
C HIS D 270 40.27 -5.86 -10.07
N ALA D 271 40.19 -4.57 -10.39
CA ALA D 271 41.20 -3.97 -11.30
C ALA D 271 42.59 -3.84 -10.64
N ASN D 272 42.65 -3.90 -9.31
CA ASN D 272 43.93 -3.83 -8.66
C ASN D 272 44.73 -5.11 -8.79
N SER D 273 44.06 -6.21 -9.10
CA SER D 273 44.74 -7.47 -9.39
C SER D 273 44.70 -7.84 -10.87
N ARG D 274 44.32 -6.90 -11.72
CA ARG D 274 44.21 -7.17 -13.17
C ARG D 274 43.30 -8.40 -13.35
N LYS D 275 42.22 -8.43 -12.58
CA LYS D 275 41.19 -9.44 -12.64
C LYS D 275 41.77 -10.84 -12.45
N ASP D 276 42.88 -10.94 -11.71
CA ASP D 276 43.64 -12.21 -11.56
C ASP D 276 43.79 -12.53 -10.07
N TYR D 277 43.07 -13.56 -9.64
CA TYR D 277 43.02 -13.80 -8.20
C TYR D 277 44.39 -14.14 -7.58
N THR D 278 45.32 -14.64 -8.40
CA THR D 278 46.68 -14.94 -7.91
C THR D 278 47.45 -13.68 -7.55
N ARG D 279 47.00 -12.52 -7.99
CA ARG D 279 47.70 -11.29 -7.69
C ARG D 279 47.27 -10.60 -6.42
N GLN D 280 46.15 -11.04 -5.83
CA GLN D 280 45.68 -10.37 -4.59
C GLN D 280 46.77 -10.39 -3.52
N MET D 281 47.51 -11.49 -3.46
CA MET D 281 48.59 -11.62 -2.43
C MET D 281 49.67 -10.56 -2.66
N GLU D 282 50.00 -10.30 -3.93
CA GLU D 282 50.98 -9.23 -4.27
C GLU D 282 50.54 -7.86 -3.76
N VAL D 283 49.25 -7.53 -3.98
CA VAL D 283 48.72 -6.26 -3.54
C VAL D 283 48.81 -6.17 -2.03
N ALA D 284 48.41 -7.24 -1.34
CA ALA D 284 48.45 -7.29 0.13
C ALA D 284 49.87 -7.16 0.62
N GLN D 285 50.81 -7.75 -0.11
CA GLN D 285 52.24 -7.56 0.24
C GLN D 285 52.67 -6.10 0.15
N ASP D 286 52.28 -5.43 -0.92
CA ASP D 286 52.59 -4.03 -1.09
C ASP D 286 51.93 -3.18 0.03
N ILE D 287 50.70 -3.50 0.40
CA ILE D 287 50.04 -2.84 1.52
C ILE D 287 50.78 -3.13 2.86
N ALA D 288 51.20 -4.38 3.05
CA ALA D 288 51.98 -4.73 4.25
C ALA D 288 53.26 -3.86 4.33
N ALA D 289 53.96 -3.73 3.19
CA ALA D 289 55.15 -2.88 3.13
C ALA D 289 54.78 -1.43 3.49
N GLN D 290 53.68 -0.89 2.97
CA GLN D 290 53.30 0.47 3.32
C GLN D 290 52.97 0.59 4.81
N LEU D 291 52.31 -0.41 5.36
CA LEU D 291 51.98 -0.35 6.78
C LEU D 291 53.22 -0.37 7.67
N GLU D 292 54.21 -1.17 7.28
CA GLU D 292 55.53 -1.24 7.95
C GLU D 292 56.33 0.06 7.88
N GLN D 293 56.40 0.66 6.69
CA GLN D 293 57.09 1.94 6.53
C GLN D 293 56.33 3.12 7.18
N ASP D 294 55.02 3.23 6.89
CA ASP D 294 54.20 4.33 7.41
C ASP D 294 52.71 3.98 7.25
N GLY D 295 52.15 4.18 6.05
CA GLY D 295 50.77 3.75 5.75
C GLY D 295 49.71 4.38 6.63
N GLY D 296 49.97 5.59 7.08
CA GLY D 296 49.08 6.30 7.98
C GLY D 296 47.70 6.54 7.42
N ASN D 297 47.58 6.58 6.07
CA ASN D 297 46.27 6.82 5.45
C ASN D 297 45.43 5.57 5.12
N ILE D 298 45.91 4.39 5.51
CA ILE D 298 45.16 3.16 5.26
C ILE D 298 44.35 2.80 6.48
N MET D 299 43.07 2.51 6.25
CA MET D 299 42.20 2.03 7.32
C MET D 299 41.58 0.69 7.02
N GLY D 300 41.74 0.20 5.80
CA GLY D 300 41.22 -1.12 5.50
C GLY D 300 41.62 -1.68 4.16
N VAL D 301 41.29 -2.95 3.97
CA VAL D 301 41.52 -3.64 2.72
C VAL D 301 40.36 -4.56 2.42
N MET D 302 40.26 -4.94 1.16
CA MET D 302 39.21 -5.77 0.70
C MET D 302 39.81 -6.93 -0.07
N VAL D 303 39.26 -8.11 0.12
CA VAL D 303 39.87 -9.31 -0.43
C VAL D 303 38.79 -10.27 -0.86
N GLU D 304 38.94 -10.83 -2.04
CA GLU D 304 37.97 -11.82 -2.53
C GLU D 304 38.53 -13.20 -2.25
N SER D 305 37.83 -13.89 -1.35
CA SER D 305 38.28 -15.15 -0.75
C SER D 305 37.13 -16.12 -0.57
N HIS D 306 37.41 -17.42 -0.74
CA HIS D 306 36.41 -18.49 -0.55
C HIS D 306 37.07 -19.78 -0.08
N LEU D 307 36.25 -20.83 0.12
CA LEU D 307 36.73 -22.09 0.61
C LEU D 307 37.69 -22.66 -0.42
N VAL D 308 37.33 -22.60 -1.69
CA VAL D 308 38.16 -23.14 -2.76
C VAL D 308 38.51 -22.00 -3.69
N GLU D 309 39.74 -22.00 -4.19
CA GLU D 309 40.20 -20.90 -5.06
C GLU D 309 39.61 -20.93 -6.46
N GLY D 310 39.72 -19.81 -7.18
CA GLY D 310 39.31 -19.77 -8.61
C GLY D 310 37.84 -19.47 -8.82
N ARG D 311 37.29 -19.97 -9.91
CA ARG D 311 35.90 -19.74 -10.27
C ARG D 311 35.39 -20.84 -11.22
N GLN D 312 34.06 -20.93 -11.40
CA GLN D 312 33.40 -21.89 -12.31
C GLN D 312 32.15 -21.24 -12.87
N ASP D 313 31.67 -21.72 -14.00
CA ASP D 313 30.48 -21.16 -14.62
C ASP D 313 29.18 -21.66 -13.99
N LYS D 314 29.12 -22.96 -13.70
CA LYS D 314 27.97 -23.60 -13.06
C LYS D 314 28.38 -23.95 -11.63
N PRO D 315 27.42 -23.93 -10.71
CA PRO D 315 27.76 -24.14 -9.31
C PRO D 315 27.99 -25.62 -8.97
N GLU D 316 28.99 -26.19 -9.62
CA GLU D 316 29.34 -27.59 -9.54
C GLU D 316 30.11 -27.91 -8.25
N VAL D 317 31.19 -27.20 -8.01
CA VAL D 317 32.05 -27.47 -6.90
C VAL D 317 31.62 -26.63 -5.72
N TYR D 318 31.52 -27.27 -4.55
CA TYR D 318 31.16 -26.61 -3.32
C TYR D 318 32.20 -25.56 -2.96
N GLY D 319 31.77 -24.41 -2.45
CA GLY D 319 32.68 -23.40 -1.94
C GLY D 319 33.62 -22.77 -2.95
N LYS D 320 33.26 -22.82 -4.23
CA LYS D 320 34.01 -22.19 -5.30
C LYS D 320 33.15 -21.14 -6.03
N SER D 321 33.70 -19.93 -6.22
CA SER D 321 32.96 -18.80 -6.77
C SER D 321 32.35 -19.07 -8.17
N ILE D 322 31.16 -18.51 -8.43
CA ILE D 322 30.57 -18.54 -9.78
C ILE D 322 30.61 -17.13 -10.42
N THR D 323 31.15 -16.15 -9.70
CA THR D 323 31.38 -14.84 -10.29
C THR D 323 32.89 -14.58 -10.43
N ASP D 324 33.46 -13.53 -9.82
CA ASP D 324 34.94 -13.31 -9.91
C ASP D 324 35.68 -14.41 -9.19
N ALA D 325 36.90 -14.68 -9.65
CA ALA D 325 37.69 -15.71 -9.06
C ALA D 325 38.21 -15.30 -7.68
N CYS D 326 38.27 -16.24 -6.71
CA CYS D 326 38.72 -15.93 -5.37
C CYS D 326 39.99 -16.72 -5.01
N ILE D 327 40.79 -16.22 -4.08
CA ILE D 327 41.84 -17.07 -3.45
C ILE D 327 41.15 -18.05 -2.52
N GLY D 328 41.85 -19.14 -2.24
CA GLY D 328 41.35 -20.24 -1.43
C GLY D 328 41.62 -20.00 0.02
N TRP D 329 41.15 -20.94 0.85
CA TRP D 329 41.24 -20.79 2.30
C TRP D 329 42.71 -20.73 2.79
N GLY D 330 43.56 -21.54 2.19
CA GLY D 330 44.99 -21.57 2.56
C GLY D 330 45.69 -20.24 2.31
N ALA D 331 45.49 -19.68 1.11
CA ALA D 331 45.99 -18.34 0.84
C ALA D 331 45.41 -17.27 1.78
N THR D 332 44.17 -17.44 2.22
CA THR D 332 43.51 -16.46 3.07
C THR D 332 44.17 -16.40 4.43
N GLU D 333 44.45 -17.57 4.97
CA GLU D 333 45.24 -17.70 6.20
C GLU D 333 46.57 -16.96 6.09
N GLU D 334 47.26 -17.22 5.02
CA GLU D 334 48.51 -16.52 4.79
C GLU D 334 48.33 -14.99 4.67
N LEU D 335 47.41 -14.56 3.84
CA LEU D 335 47.25 -13.16 3.59
C LEU D 335 46.88 -12.46 4.91
N LEU D 336 45.99 -13.05 5.68
CA LEU D 336 45.62 -12.41 6.93
C LEU D 336 46.79 -12.35 7.92
N ALA D 337 47.61 -13.38 7.97
CA ALA D 337 48.79 -13.38 8.88
C ALA D 337 49.72 -12.27 8.49
N LEU D 338 49.90 -12.10 7.18
CA LEU D 338 50.73 -11.02 6.67
C LEU D 338 50.23 -9.64 7.12
N LEU D 339 48.95 -9.41 6.95
CA LEU D 339 48.40 -8.10 7.29
C LEU D 339 48.47 -7.86 8.76
N ALA D 340 48.14 -8.86 9.56
CA ALA D 340 48.14 -8.67 11.01
C ALA D 340 49.54 -8.33 11.51
N GLY D 341 50.53 -9.08 11.03
CA GLY D 341 51.93 -8.85 11.45
C GLY D 341 52.39 -7.45 11.06
N ALA D 342 52.02 -6.99 9.87
CA ALA D 342 52.49 -5.67 9.43
C ALA D 342 51.75 -4.55 10.23
N ASN D 343 50.46 -4.71 10.50
CA ASN D 343 49.74 -3.69 11.21
C ASN D 343 50.08 -3.64 12.69
N LYS D 344 50.46 -4.77 13.26
CA LYS D 344 50.97 -4.81 14.64
C LYS D 344 52.08 -3.79 14.81
N LYS D 345 52.99 -3.75 13.85
CA LYS D 345 54.10 -2.80 13.88
C LYS D 345 53.63 -1.36 13.74
N ARG D 346 52.80 -1.09 12.74
CA ARG D 346 52.28 0.24 12.56
C ARG D 346 51.70 0.69 13.91
N MET D 347 50.89 -0.15 14.52
CA MET D 347 50.15 0.20 15.75
C MET D 347 51.10 0.44 16.91
N ALA D 348 52.20 -0.31 16.94
CA ALA D 348 53.26 -0.15 17.94
C ALA D 348 53.97 1.22 17.91
N ARG D 349 54.24 1.73 16.70
CA ARG D 349 54.99 2.96 16.53
C ARG D 349 53.95 4.12 16.63
N ALA D 350 53.24 4.12 17.76
CA ALA D 350 52.12 5.06 18.02
C ALA D 350 51.40 4.65 19.31
#